data_8AH0
#
_entry.id   8AH0
#
_cell.length_a   144.691
_cell.length_b   152.596
_cell.length_c   62.746
_cell.angle_alpha   90.000
_cell.angle_beta   90.000
_cell.angle_gamma   90.000
#
_symmetry.space_group_name_H-M   'P 21 21 2'
#
loop_
_entity.id
_entity.type
_entity.pdbx_description
1 polymer 'Major capsid protein VP1'
2 non-polymer GLYCEROL
3 non-polymer 'CHLORIDE ION'
4 water water
#
_entity_poly.entity_id   1
_entity_poly.type   'polypeptide(L)'
_entity_poly.pdbx_seq_one_letter_code
;GGVEVLEVKTGVDAITEVECFLNPEMGDPDENLRGFSLKLSVQNDFSSDSPQRKMLPCYSTARIPLPNLNEDLTSGNLLM
WEAVTVQTEVIGITSMLNLHAGSQKVHEHGGGKPIQGSNFHFFAVGGEPLEMQGVLMNYRSKYPDGTITPKNPTAQSQVM
NTDHKAYLDKNNAYPVECWVPDPSRNENARYFGTFTGGENVPPVLHVTNTATTVLLDEQGVGPLCKADSLYVSAADICGL
FTNSSGTQQWRGLARYFKIRLRKRSVKNPYP
;
_entity_poly.pdbx_strand_id   AAA,BBB,CCC,DDD,EEE
#
loop_
_chem_comp.id
_chem_comp.type
_chem_comp.name
_chem_comp.formula
CL non-polymer 'CHLORIDE ION' 'Cl -1'
GOL non-polymer GLYCEROL 'C3 H8 O3'
#
# COMPACT_ATOMS: atom_id res chain seq x y z
N GLU A 4 26.06 13.85 -28.04
CA GLU A 4 26.26 15.31 -28.23
C GLU A 4 26.76 15.96 -26.92
N VAL A 5 26.73 15.26 -25.78
CA VAL A 5 26.84 15.89 -24.42
C VAL A 5 28.27 15.73 -23.88
N LEU A 6 28.93 16.85 -23.56
CA LEU A 6 30.33 16.87 -23.07
C LEU A 6 30.31 17.06 -21.55
N GLU A 7 31.16 17.92 -20.99
CA GLU A 7 31.42 18.02 -19.54
C GLU A 7 30.43 19.02 -18.91
N VAL A 8 30.07 18.79 -17.65
CA VAL A 8 29.50 19.85 -16.77
C VAL A 8 30.54 20.98 -16.72
N LYS A 9 30.10 22.22 -16.99
CA LYS A 9 30.90 23.47 -16.87
C LYS A 9 30.71 23.99 -15.44
N THR A 10 31.78 23.98 -14.64
CA THR A 10 31.81 24.61 -13.29
C THR A 10 32.52 25.96 -13.39
N GLY A 11 32.52 26.71 -12.31
CA GLY A 11 33.02 28.08 -12.27
C GLY A 11 32.00 28.98 -11.62
N VAL A 12 32.28 30.27 -11.59
CA VAL A 12 31.36 31.30 -11.06
C VAL A 12 30.09 31.25 -11.92
N ASP A 13 28.93 31.34 -11.28
CA ASP A 13 27.61 31.46 -11.95
C ASP A 13 27.32 30.27 -12.88
N ALA A 14 27.85 29.07 -12.64
CA ALA A 14 27.54 27.85 -13.44
C ALA A 14 26.37 27.06 -12.82
N ILE A 15 25.74 27.59 -11.78
CA ILE A 15 24.54 26.94 -11.14
C ILE A 15 23.48 28.00 -10.99
N THR A 16 22.21 27.63 -11.13
CA THR A 16 21.08 28.53 -10.85
C THR A 16 19.90 27.71 -10.36
N GLU A 17 18.93 28.37 -9.76
CA GLU A 17 17.74 27.71 -9.16
C GLU A 17 16.58 28.59 -9.56
N VAL A 18 15.51 28.00 -10.06
CA VAL A 18 14.30 28.81 -10.38
C VAL A 18 13.13 28.18 -9.64
N GLU A 19 12.14 28.97 -9.35
CA GLU A 19 10.97 28.44 -8.59
C GLU A 19 9.73 29.02 -9.25
N CYS A 20 8.59 28.38 -9.06
CA CYS A 20 7.31 28.96 -9.49
C CYS A 20 6.15 28.19 -8.87
N PHE A 21 5.00 28.83 -8.84
CA PHE A 21 3.70 28.20 -8.45
C PHE A 21 2.87 28.16 -9.71
N LEU A 22 2.40 26.99 -10.11
CA LEU A 22 1.55 26.84 -11.30
C LEU A 22 0.12 26.63 -10.84
N ASN A 23 -0.77 27.55 -11.17
CA ASN A 23 -2.18 27.45 -10.80
C ASN A 23 -2.83 26.33 -11.56
N PRO A 24 -3.85 25.68 -10.97
CA PRO A 24 -4.57 24.63 -11.66
C PRO A 24 -5.60 25.28 -12.58
N GLU A 25 -6.05 24.53 -13.58
CA GLU A 25 -7.03 24.95 -14.64
C GLU A 25 -8.18 23.94 -14.65
N MET A 26 -9.08 24.05 -13.69
CA MET A 26 -10.14 23.05 -13.46
C MET A 26 -11.39 23.37 -14.26
N GLY A 27 -11.47 24.58 -14.84
CA GLY A 27 -12.63 25.04 -15.60
C GLY A 27 -13.14 26.40 -15.16
N ASP A 28 -13.17 26.67 -13.85
CA ASP A 28 -13.49 27.97 -13.20
C ASP A 28 -14.86 28.45 -13.72
N PRO A 29 -15.95 27.83 -13.26
CA PRO A 29 -17.27 28.02 -13.86
C PRO A 29 -17.88 29.41 -13.63
N ASP A 30 -17.43 30.11 -12.61
CA ASP A 30 -17.84 31.52 -12.40
C ASP A 30 -16.70 32.26 -11.70
N GLU A 31 -16.85 33.57 -11.51
CA GLU A 31 -15.79 34.45 -10.96
C GLU A 31 -15.47 34.08 -9.50
N ASN A 32 -16.34 33.34 -8.81
CA ASN A 32 -16.13 32.97 -7.37
C ASN A 32 -15.60 31.54 -7.22
N LEU A 33 -15.59 30.73 -8.28
CA LEU A 33 -15.28 29.27 -8.14
C LEU A 33 -13.99 28.93 -8.88
N ARG A 34 -13.00 29.84 -8.86
CA ARG A 34 -11.60 29.56 -9.25
C ARG A 34 -11.12 28.32 -8.45
N GLY A 35 -10.60 27.32 -9.15
CA GLY A 35 -10.05 26.09 -8.53
C GLY A 35 -11.06 24.96 -8.60
N PHE A 36 -12.25 25.21 -9.15
CA PHE A 36 -13.31 24.17 -9.29
C PHE A 36 -13.69 24.04 -10.77
N SER A 37 -14.30 22.92 -11.15
CA SER A 37 -15.00 22.77 -12.43
C SER A 37 -16.48 23.20 -12.27
N LEU A 38 -17.17 23.39 -13.38
CA LEU A 38 -18.64 23.28 -13.44
C LEU A 38 -19.04 21.88 -12.94
N LYS A 39 -20.23 21.78 -12.36
CA LYS A 39 -20.89 20.52 -11.97
C LYS A 39 -20.84 19.54 -13.14
N LEU A 40 -20.60 18.27 -12.82
CA LEU A 40 -20.63 17.18 -13.81
C LEU A 40 -22.09 16.94 -14.21
N SER A 41 -22.32 16.81 -15.51
N SER A 41 -22.29 16.75 -15.51
CA SER A 41 -23.58 16.31 -16.09
CA SER A 41 -23.56 16.36 -16.18
C SER A 41 -23.23 15.06 -16.87
C SER A 41 -23.29 15.12 -17.02
N VAL A 42 -24.15 14.11 -16.96
CA VAL A 42 -23.93 12.84 -17.71
C VAL A 42 -24.97 12.78 -18.80
N GLN A 43 -24.56 12.66 -20.06
CA GLN A 43 -25.46 12.32 -21.18
C GLN A 43 -25.60 10.79 -21.24
N ASN A 44 -26.76 10.28 -21.63
CA ASN A 44 -27.10 8.82 -21.59
C ASN A 44 -26.21 8.02 -22.54
N ASP A 45 -25.74 8.59 -23.66
CA ASP A 45 -25.04 7.82 -24.73
C ASP A 45 -23.77 8.51 -25.25
N PHE A 46 -22.77 7.71 -25.61
CA PHE A 46 -21.55 8.14 -26.35
C PHE A 46 -21.89 8.98 -27.59
N SER A 47 -23.03 8.72 -28.25
CA SER A 47 -23.44 9.39 -29.53
C SER A 47 -23.72 10.88 -29.30
N SER A 48 -24.07 11.31 -28.09
CA SER A 48 -24.45 12.71 -27.79
C SER A 48 -23.74 13.14 -26.51
N ASP A 49 -22.42 13.31 -26.59
CA ASP A 49 -21.59 13.68 -25.42
C ASP A 49 -20.96 15.02 -25.76
N SER A 50 -21.42 16.10 -25.14
CA SER A 50 -21.07 17.51 -25.46
C SER A 50 -20.68 18.25 -24.20
N PRO A 51 -19.52 17.90 -23.59
CA PRO A 51 -19.12 18.58 -22.37
C PRO A 51 -18.91 20.09 -22.58
N GLN A 52 -19.41 20.87 -21.65
CA GLN A 52 -19.17 22.32 -21.61
C GLN A 52 -17.71 22.57 -21.22
N ARG A 53 -17.14 23.65 -21.74
CA ARG A 53 -15.71 23.99 -21.55
C ARG A 53 -15.40 24.02 -20.05
N LYS A 54 -16.27 24.61 -19.25
CA LYS A 54 -15.97 24.93 -17.84
C LYS A 54 -16.05 23.67 -16.96
N MET A 55 -16.49 22.56 -17.52
CA MET A 55 -16.58 21.25 -16.82
C MET A 55 -15.28 20.45 -17.01
N LEU A 56 -14.37 20.88 -17.90
CA LEU A 56 -13.19 20.08 -18.33
C LEU A 56 -11.91 20.61 -17.71
N PRO A 57 -11.34 19.92 -16.70
CA PRO A 57 -10.00 20.26 -16.24
C PRO A 57 -8.99 20.09 -17.37
N CYS A 58 -8.05 21.02 -17.44
CA CYS A 58 -6.98 21.08 -18.46
C CYS A 58 -5.61 21.03 -17.77
N TYR A 59 -4.57 20.64 -18.50
CA TYR A 59 -3.15 20.67 -18.08
C TYR A 59 -2.73 22.13 -17.92
N SER A 60 -1.93 22.41 -16.88
CA SER A 60 -1.22 23.67 -16.61
C SER A 60 0.17 23.61 -17.23
N THR A 61 0.70 24.73 -17.74
CA THR A 61 2.08 24.74 -18.24
C THR A 61 2.60 26.18 -18.29
N ALA A 62 3.89 26.33 -18.06
CA ALA A 62 4.59 27.63 -18.12
C ALA A 62 6.01 27.41 -18.61
N ARG A 63 6.53 28.44 -19.28
CA ARG A 63 7.95 28.51 -19.75
C ARG A 63 8.67 29.44 -18.78
N ILE A 64 9.76 29.00 -18.15
CA ILE A 64 10.59 29.85 -17.25
C ILE A 64 11.84 30.27 -18.03
N PRO A 65 12.13 31.58 -18.26
CA PRO A 65 13.37 31.99 -18.89
C PRO A 65 14.55 31.76 -17.94
N LEU A 66 15.69 31.41 -18.51
CA LEU A 66 16.97 31.17 -17.81
C LEU A 66 18.00 32.17 -18.35
N PRO A 67 19.04 32.45 -17.56
CA PRO A 67 20.07 33.40 -17.99
C PRO A 67 20.64 33.01 -19.35
N ASN A 68 20.75 33.95 -20.29
CA ASN A 68 21.15 33.73 -21.70
C ASN A 68 22.53 33.07 -21.74
N LEU A 69 22.70 32.06 -22.57
CA LEU A 69 24.01 31.40 -22.81
C LEU A 69 24.36 31.53 -24.29
N ASN A 70 25.65 31.46 -24.61
CA ASN A 70 26.18 31.81 -25.96
C ASN A 70 26.12 30.56 -26.84
N GLU A 71 25.51 30.73 -28.03
CA GLU A 71 25.67 29.96 -29.30
C GLU A 71 26.54 30.80 -30.26
N GLY A 76 33.79 25.23 -29.91
CA GLY A 76 32.65 24.94 -30.80
C GLY A 76 31.42 24.44 -30.05
N ASN A 77 31.63 23.83 -28.87
CA ASN A 77 30.59 23.18 -28.01
C ASN A 77 29.55 24.21 -27.54
N LEU A 78 28.24 23.90 -27.68
CA LEU A 78 27.14 24.73 -27.13
C LEU A 78 27.20 24.66 -25.59
N LEU A 79 26.79 25.73 -24.89
CA LEU A 79 26.46 25.70 -23.44
C LEU A 79 24.94 25.72 -23.26
N MET A 80 24.44 24.80 -22.43
CA MET A 80 22.99 24.73 -22.13
C MET A 80 22.80 24.53 -20.64
N TRP A 81 21.73 25.13 -20.11
CA TRP A 81 21.30 24.80 -18.73
C TRP A 81 20.77 23.36 -18.70
N GLU A 82 21.17 22.60 -17.68
CA GLU A 82 20.77 21.19 -17.47
C GLU A 82 20.00 21.12 -16.16
N ALA A 83 18.76 20.66 -16.18
CA ALA A 83 17.94 20.55 -14.96
C ALA A 83 18.39 19.29 -14.22
N VAL A 84 18.78 19.39 -12.95
CA VAL A 84 19.47 18.32 -12.16
CA VAL A 84 19.41 18.23 -12.26
C VAL A 84 18.49 17.75 -11.15
N THR A 85 17.76 18.63 -10.47
CA THR A 85 16.77 18.23 -9.45
C THR A 85 15.50 19.08 -9.50
N VAL A 86 14.40 18.51 -9.01
CA VAL A 86 13.16 19.27 -8.76
C VAL A 86 12.62 18.92 -7.37
N GLN A 87 12.16 19.94 -6.67
CA GLN A 87 11.34 19.85 -5.43
C GLN A 87 9.95 20.36 -5.79
N THR A 88 8.93 19.55 -5.54
CA THR A 88 7.56 19.91 -5.96
C THR A 88 6.57 19.41 -4.91
N GLU A 89 5.50 20.14 -4.71
CA GLU A 89 4.38 19.66 -3.89
C GLU A 89 3.14 20.45 -4.24
N VAL A 90 2.01 19.86 -3.88
CA VAL A 90 0.67 20.44 -4.12
C VAL A 90 0.42 21.39 -2.96
N ILE A 91 -0.13 22.55 -3.30
CA ILE A 91 -0.27 23.68 -2.36
C ILE A 91 -1.73 23.83 -1.91
N GLY A 92 -1.94 23.80 -0.60
CA GLY A 92 -3.26 24.06 -0.02
C GLY A 92 -4.03 22.79 0.31
N ILE A 93 -3.33 21.69 0.58
CA ILE A 93 -4.01 20.39 0.80
C ILE A 93 -4.94 20.48 2.03
N THR A 94 -4.58 21.28 3.03
CA THR A 94 -5.40 21.39 4.25
C THR A 94 -6.71 22.16 3.98
N SER A 95 -6.90 22.80 2.83
CA SER A 95 -8.18 23.53 2.52
C SER A 95 -9.34 22.52 2.49
N MET A 96 -9.04 21.25 2.24
CA MET A 96 -10.07 20.18 2.20
C MET A 96 -10.61 19.83 3.60
N LEU A 97 -10.05 20.41 4.66
CA LEU A 97 -10.59 20.27 6.05
C LEU A 97 -11.73 21.27 6.30
N ASN A 98 -12.10 22.09 5.29
CA ASN A 98 -13.35 22.88 5.32
C ASN A 98 -14.52 21.98 4.95
N LEU A 99 -15.17 21.42 5.97
CA LEU A 99 -16.37 20.58 5.84
C LEU A 99 -17.62 21.35 6.31
N HIS A 100 -17.55 22.68 6.41
CA HIS A 100 -18.62 23.52 7.01
C HIS A 100 -19.36 24.39 5.96
N ALA A 101 -19.03 24.25 4.69
CA ALA A 101 -19.44 25.19 3.63
C ALA A 101 -19.82 24.43 2.36
N GLY A 102 -21.10 24.46 1.99
CA GLY A 102 -21.57 24.19 0.61
C GLY A 102 -21.53 22.73 0.27
N SER A 103 -21.18 21.87 1.22
CA SER A 103 -20.99 20.41 0.97
C SER A 103 -22.19 19.62 1.50
N GLN A 104 -22.51 18.54 0.81
CA GLN A 104 -23.57 17.58 1.20
C GLN A 104 -23.29 17.05 2.61
N LYS A 105 -24.32 17.00 3.44
CA LYS A 105 -24.26 16.45 4.81
C LYS A 105 -24.05 14.95 4.67
N VAL A 106 -23.02 14.38 5.30
CA VAL A 106 -22.71 12.92 5.24
C VAL A 106 -23.95 12.16 5.77
N HIS A 107 -24.73 12.79 6.67
CA HIS A 107 -25.96 12.25 7.28
C HIS A 107 -26.56 13.35 8.16
N GLU A 108 -27.75 13.14 8.71
CA GLU A 108 -28.40 14.18 9.55
C GLU A 108 -27.55 14.40 10.81
N HIS A 109 -27.38 15.68 11.16
CA HIS A 109 -26.63 16.19 12.34
C HIS A 109 -25.13 16.15 12.06
N GLY A 110 -24.74 15.69 10.87
CA GLY A 110 -23.35 15.42 10.46
C GLY A 110 -22.67 16.62 9.80
N GLY A 111 -21.36 16.49 9.58
CA GLY A 111 -20.58 17.52 8.88
C GLY A 111 -20.69 17.34 7.37
N GLY A 112 -20.04 18.19 6.59
CA GLY A 112 -20.09 18.10 5.12
C GLY A 112 -19.25 16.95 4.62
N LYS A 113 -19.50 16.53 3.38
CA LYS A 113 -18.78 15.42 2.72
C LYS A 113 -17.42 15.93 2.27
N PRO A 114 -16.33 15.23 2.66
CA PRO A 114 -15.00 15.51 2.15
C PRO A 114 -14.93 15.37 0.64
N ILE A 115 -14.05 16.15 0.03
CA ILE A 115 -13.59 15.88 -1.35
C ILE A 115 -12.97 14.48 -1.42
N GLN A 116 -13.33 13.72 -2.43
CA GLN A 116 -12.89 12.33 -2.64
C GLN A 116 -13.27 11.91 -4.05
N GLY A 117 -12.81 10.74 -4.47
CA GLY A 117 -13.10 10.23 -5.80
C GLY A 117 -11.89 10.29 -6.70
N SER A 118 -12.13 10.10 -7.99
CA SER A 118 -11.07 9.99 -9.01
C SER A 118 -10.09 11.16 -8.90
N ASN A 119 -8.80 10.88 -8.96
CA ASN A 119 -7.81 11.98 -8.86
C ASN A 119 -6.65 11.68 -9.81
N PHE A 120 -5.92 12.72 -10.15
CA PHE A 120 -4.75 12.61 -11.02
C PHE A 120 -3.75 13.66 -10.59
N HIS A 121 -2.54 13.22 -10.32
CA HIS A 121 -1.45 14.10 -9.85
C HIS A 121 -0.28 13.85 -10.78
N PHE A 122 0.16 14.92 -11.42
CA PHE A 122 1.10 14.87 -12.55
C PHE A 122 1.99 16.11 -12.55
N PHE A 123 3.29 15.91 -12.85
CA PHE A 123 4.22 17.03 -13.14
C PHE A 123 5.29 16.58 -14.13
N ALA A 124 5.83 17.55 -14.87
CA ALA A 124 6.94 17.37 -15.79
C ALA A 124 7.83 18.61 -15.73
N VAL A 125 9.10 18.34 -15.99
CA VAL A 125 10.18 19.35 -16.12
C VAL A 125 10.92 18.98 -17.40
N GLY A 126 11.01 19.92 -18.33
CA GLY A 126 11.67 19.66 -19.60
C GLY A 126 12.37 20.88 -20.18
N GLY A 127 13.21 20.62 -21.18
CA GLY A 127 13.96 21.66 -21.91
C GLY A 127 13.18 22.13 -23.11
N GLU A 128 11.97 21.60 -23.28
CA GLU A 128 11.02 21.99 -24.34
C GLU A 128 9.63 21.62 -23.85
N PRO A 129 8.56 22.09 -24.53
CA PRO A 129 7.20 21.76 -24.14
C PRO A 129 7.02 20.24 -23.99
N LEU A 130 6.19 19.84 -23.05
CA LEU A 130 5.82 18.41 -22.89
C LEU A 130 5.16 17.91 -24.18
N GLU A 131 5.51 16.72 -24.61
CA GLU A 131 4.93 16.08 -25.81
C GLU A 131 3.83 15.12 -25.36
N MET A 132 2.67 15.21 -25.99
CA MET A 132 1.44 14.56 -25.51
C MET A 132 0.89 13.63 -26.60
N GLN A 133 0.27 12.55 -26.17
CA GLN A 133 -0.41 11.57 -27.04
C GLN A 133 -1.89 11.58 -26.66
N GLY A 134 -2.76 11.60 -27.65
CA GLY A 134 -4.19 11.72 -27.42
C GLY A 134 -4.78 10.35 -27.26
N VAL A 135 -5.68 10.17 -26.28
CA VAL A 135 -6.50 8.94 -26.12
C VAL A 135 -7.86 9.36 -25.59
N LEU A 136 -8.94 8.87 -26.20
CA LEU A 136 -10.32 9.27 -25.83
C LEU A 136 -11.09 8.09 -25.20
N MET A 137 -11.85 8.34 -24.12
CA MET A 137 -12.83 7.36 -23.63
C MET A 137 -13.84 7.07 -24.76
N ASN A 138 -14.25 8.11 -25.48
CA ASN A 138 -15.35 8.07 -26.48
C ASN A 138 -14.97 8.96 -27.66
N TYR A 139 -14.61 8.37 -28.80
CA TYR A 139 -14.04 9.12 -29.93
C TYR A 139 -15.07 10.10 -30.49
N ARG A 140 -16.35 9.88 -30.19
CA ARG A 140 -17.48 10.72 -30.67
C ARG A 140 -17.79 11.88 -29.73
N SER A 141 -17.06 12.04 -28.63
CA SER A 141 -17.21 13.24 -27.78
C SER A 141 -17.10 14.49 -28.67
N LYS A 142 -18.02 15.42 -28.45
CA LYS A 142 -18.01 16.74 -29.10
C LYS A 142 -17.43 17.73 -28.10
N TYR A 143 -16.16 18.09 -28.29
CA TYR A 143 -15.47 19.00 -27.34
C TYR A 143 -15.73 20.45 -27.73
N PRO A 144 -15.78 21.34 -26.72
CA PRO A 144 -16.23 22.72 -26.92
C PRO A 144 -15.12 23.67 -27.37
N ASP A 145 -15.52 24.80 -27.95
CA ASP A 145 -14.57 25.86 -28.39
C ASP A 145 -13.70 26.23 -27.18
N GLY A 146 -12.45 26.54 -27.44
CA GLY A 146 -11.50 26.93 -26.39
C GLY A 146 -10.66 25.75 -25.95
N THR A 147 -11.03 24.51 -26.31
CA THR A 147 -10.19 23.32 -26.01
C THR A 147 -9.42 22.91 -27.26
N ILE A 148 -8.30 22.28 -27.04
CA ILE A 148 -7.48 21.61 -28.07
C ILE A 148 -7.52 20.12 -27.75
N THR A 149 -8.19 19.33 -28.59
CA THR A 149 -8.44 17.89 -28.35
C THR A 149 -8.02 17.16 -29.59
N PRO A 150 -7.83 15.83 -29.50
CA PRO A 150 -7.42 15.03 -30.65
C PRO A 150 -8.24 15.34 -31.91
N LYS A 151 -7.56 15.68 -33.00
CA LYS A 151 -8.18 16.27 -34.22
C LYS A 151 -8.72 15.08 -35.02
N ASN A 152 -9.98 15.15 -35.43
CA ASN A 152 -10.53 14.19 -36.43
C ASN A 152 -10.37 12.78 -35.91
N PRO A 153 -10.86 12.50 -34.69
CA PRO A 153 -10.66 11.16 -34.12
C PRO A 153 -11.45 10.06 -34.81
N THR A 154 -10.96 8.82 -34.70
CA THR A 154 -11.61 7.59 -35.20
C THR A 154 -11.83 6.63 -34.04
N ALA A 155 -12.46 5.47 -34.29
CA ALA A 155 -12.68 4.46 -33.25
C ALA A 155 -11.31 4.08 -32.63
N GLN A 156 -10.26 4.02 -33.44
CA GLN A 156 -8.87 3.70 -33.01
C GLN A 156 -8.39 4.66 -31.92
N SER A 157 -8.89 5.90 -31.95
CA SER A 157 -8.58 6.99 -31.01
C SER A 157 -8.94 6.61 -29.56
N GLN A 158 -9.80 5.61 -29.35
CA GLN A 158 -10.16 5.05 -28.02
C GLN A 158 -9.06 4.15 -27.48
N VAL A 159 -8.15 3.66 -28.33
CA VAL A 159 -6.98 2.84 -27.90
C VAL A 159 -5.67 3.60 -28.26
N MET A 160 -5.07 3.43 -29.42
CA MET A 160 -3.86 4.20 -29.78
C MET A 160 -3.94 4.59 -31.23
N ASN A 161 -4.09 5.88 -31.48
CA ASN A 161 -4.01 6.47 -32.83
C ASN A 161 -2.82 7.42 -32.85
N THR A 162 -1.78 7.05 -33.59
CA THR A 162 -0.47 7.80 -33.64
C THR A 162 -0.63 9.18 -34.29
N ASP A 163 -1.76 9.52 -34.90
CA ASP A 163 -1.94 10.90 -35.41
C ASP A 163 -2.13 11.91 -34.26
N HIS A 164 -2.54 11.49 -33.08
CA HIS A 164 -2.85 12.46 -32.00
C HIS A 164 -1.56 12.82 -31.24
N LYS A 165 -0.67 13.56 -31.92
CA LYS A 165 0.56 14.16 -31.31
C LYS A 165 0.33 15.65 -31.10
N ALA A 166 0.68 16.15 -29.93
CA ALA A 166 0.61 17.58 -29.63
C ALA A 166 1.76 17.97 -28.69
N TYR A 167 2.15 19.24 -28.75
CA TYR A 167 2.95 19.88 -27.68
C TYR A 167 1.99 20.53 -26.69
N LEU A 168 2.27 20.45 -25.38
CA LEU A 168 1.51 21.22 -24.36
C LEU A 168 1.98 22.67 -24.46
N ASP A 169 1.46 23.37 -25.46
CA ASP A 169 1.99 24.69 -25.88
C ASP A 169 0.99 25.78 -25.52
N LYS A 170 -0.01 25.44 -24.72
CA LYS A 170 -1.00 26.45 -24.29
C LYS A 170 -1.56 26.03 -22.93
N ASN A 171 -1.56 26.97 -21.99
CA ASN A 171 -2.14 26.76 -20.65
C ASN A 171 -3.67 26.77 -20.77
N ASN A 172 -4.38 25.95 -19.99
CA ASN A 172 -5.87 25.97 -19.90
C ASN A 172 -6.56 25.70 -21.25
N ALA A 173 -6.06 24.71 -21.98
CA ALA A 173 -6.55 24.39 -23.34
C ALA A 173 -6.65 22.88 -23.59
N TYR A 174 -5.70 22.08 -23.09
CA TYR A 174 -5.59 20.61 -23.37
C TYR A 174 -6.28 19.85 -22.25
N PRO A 175 -7.50 19.32 -22.44
CA PRO A 175 -8.23 18.66 -21.37
C PRO A 175 -7.43 17.43 -20.89
N VAL A 176 -7.35 17.29 -19.58
CA VAL A 176 -6.64 16.16 -18.93
C VAL A 176 -7.24 14.85 -19.48
N GLU A 177 -8.57 14.77 -19.68
CA GLU A 177 -9.20 13.48 -20.12
C GLU A 177 -8.79 13.07 -21.54
N CYS A 178 -8.18 13.96 -22.35
CA CYS A 178 -7.91 13.72 -23.79
C CYS A 178 -6.46 13.36 -24.05
N TRP A 179 -5.57 13.66 -23.11
CA TRP A 179 -4.13 13.70 -23.41
C TRP A 179 -3.34 13.05 -22.27
N VAL A 180 -2.29 12.34 -22.63
CA VAL A 180 -1.30 11.81 -21.66
C VAL A 180 0.07 12.21 -22.20
N PRO A 181 1.09 12.20 -21.32
CA PRO A 181 2.46 12.38 -21.79
C PRO A 181 2.80 11.22 -22.73
N ASP A 182 3.54 11.54 -23.79
CA ASP A 182 3.87 10.55 -24.85
C ASP A 182 5.19 9.85 -24.48
N PRO A 183 5.19 8.55 -24.11
CA PRO A 183 6.42 7.86 -23.73
C PRO A 183 7.33 7.56 -24.93
N SER A 184 6.82 7.68 -26.16
CA SER A 184 7.64 7.53 -27.40
C SER A 184 8.42 8.82 -27.72
N ARG A 185 8.17 9.94 -27.04
CA ARG A 185 8.91 11.23 -27.24
C ARG A 185 9.46 11.68 -25.88
N ASN A 186 9.47 12.98 -25.59
CA ASN A 186 9.92 13.54 -24.28
C ASN A 186 11.35 13.05 -24.02
N GLU A 187 12.20 13.06 -25.04
CA GLU A 187 13.65 12.73 -24.93
C GLU A 187 14.34 13.75 -24.00
N ASN A 188 13.78 14.94 -23.87
CA ASN A 188 14.43 16.06 -23.17
C ASN A 188 13.55 16.58 -22.02
N ALA A 189 12.76 15.69 -21.42
CA ALA A 189 11.86 16.03 -20.29
C ALA A 189 11.76 14.82 -19.36
N ARG A 190 11.39 15.06 -18.12
CA ARG A 190 11.02 13.99 -17.18
C ARG A 190 9.58 14.29 -16.75
N TYR A 191 8.74 13.25 -16.75
CA TYR A 191 7.35 13.39 -16.27
C TYR A 191 7.01 12.26 -15.32
N PHE A 192 6.07 12.53 -14.44
CA PHE A 192 5.61 11.60 -13.36
C PHE A 192 4.13 11.83 -13.11
N GLY A 193 3.33 10.76 -13.17
CA GLY A 193 1.91 10.89 -12.88
C GLY A 193 1.33 9.63 -12.28
N THR A 194 0.33 9.82 -11.42
CA THR A 194 -0.49 8.75 -10.83
C THR A 194 -1.97 9.11 -10.97
N PHE A 195 -2.70 8.21 -11.62
CA PHE A 195 -4.18 8.22 -11.73
C PHE A 195 -4.69 7.21 -10.73
N THR A 196 -5.66 7.63 -9.91
CA THR A 196 -6.41 6.73 -9.01
C THR A 196 -7.91 6.96 -9.26
N GLY A 197 -8.66 5.95 -9.67
CA GLY A 197 -10.07 6.12 -10.07
C GLY A 197 -11.01 5.46 -9.11
N GLY A 198 -12.18 6.02 -8.90
CA GLY A 198 -13.22 5.38 -8.09
C GLY A 198 -13.95 6.38 -7.25
N GLU A 199 -15.20 6.08 -6.92
CA GLU A 199 -16.17 7.02 -6.30
C GLU A 199 -15.65 7.44 -4.92
N ASN A 200 -15.06 6.50 -4.17
CA ASN A 200 -14.78 6.76 -2.73
C ASN A 200 -13.27 6.91 -2.49
N VAL A 201 -12.49 7.08 -3.54
CA VAL A 201 -11.01 7.14 -3.39
C VAL A 201 -10.66 8.30 -2.46
N PRO A 202 -9.86 8.05 -1.40
CA PRO A 202 -9.42 9.13 -0.54
C PRO A 202 -8.21 9.84 -1.13
N PRO A 203 -8.21 11.19 -1.18
CA PRO A 203 -7.00 11.91 -1.51
C PRO A 203 -5.94 11.59 -0.46
N VAL A 204 -4.70 11.37 -0.91
CA VAL A 204 -3.53 11.17 -0.01
C VAL A 204 -2.43 12.07 -0.56
N LEU A 205 -2.04 13.10 0.16
CA LEU A 205 -1.05 14.07 -0.38
C LEU A 205 -0.02 14.36 0.71
N HIS A 206 1.25 14.40 0.31
CA HIS A 206 2.41 14.55 1.22
C HIS A 206 3.00 15.92 0.92
N VAL A 207 3.44 16.60 1.96
CA VAL A 207 4.28 17.82 1.80
C VAL A 207 5.57 17.63 2.60
N THR A 208 6.68 18.17 2.10
CA THR A 208 7.96 18.22 2.84
C THR A 208 8.94 19.02 2.00
N ASN A 209 9.80 19.77 2.66
CA ASN A 209 10.84 20.54 1.93
C ASN A 209 12.15 19.73 1.96
N THR A 210 12.11 18.44 2.26
CA THR A 210 13.33 17.61 2.35
C THR A 210 13.38 16.61 1.18
N ALA A 211 12.37 16.56 0.31
CA ALA A 211 12.27 15.53 -0.76
C ALA A 211 12.67 16.16 -2.09
N THR A 212 13.57 15.52 -2.80
CA THR A 212 14.10 16.01 -4.08
C THR A 212 13.96 14.89 -5.10
N THR A 213 13.50 15.18 -6.31
CA THR A 213 13.54 14.22 -7.45
C THR A 213 14.78 14.52 -8.29
N VAL A 214 15.61 13.52 -8.53
CA VAL A 214 16.81 13.69 -9.40
C VAL A 214 16.37 13.49 -10.86
N LEU A 215 16.74 14.39 -11.75
CA LEU A 215 16.22 14.40 -13.14
C LEU A 215 17.27 13.85 -14.12
N LEU A 216 18.41 13.39 -13.60
CA LEU A 216 19.49 12.81 -14.43
C LEU A 216 19.03 11.43 -14.92
N ASP A 217 19.33 11.12 -16.16
CA ASP A 217 19.12 9.78 -16.76
C ASP A 217 20.28 8.87 -16.31
N GLU A 218 20.34 7.64 -16.85
CA GLU A 218 21.37 6.63 -16.51
C GLU A 218 22.78 7.17 -16.85
N GLN A 219 22.92 8.03 -17.85
CA GLN A 219 24.25 8.64 -18.21
C GLN A 219 24.58 9.85 -17.34
N GLY A 220 23.74 10.24 -16.38
CA GLY A 220 23.98 11.40 -15.51
C GLY A 220 23.66 12.72 -16.20
N VAL A 221 22.74 12.70 -17.17
CA VAL A 221 22.33 13.89 -17.96
C VAL A 221 20.87 14.21 -17.65
N GLY A 222 20.60 15.44 -17.29
CA GLY A 222 19.23 15.92 -17.11
C GLY A 222 18.73 16.56 -18.40
N PRO A 223 17.46 17.00 -18.39
CA PRO A 223 16.90 17.78 -19.47
C PRO A 223 17.76 19.01 -19.82
N LEU A 224 17.97 19.25 -21.10
CA LEU A 224 18.80 20.37 -21.62
C LEU A 224 17.91 21.45 -22.21
N CYS A 225 18.06 22.67 -21.71
CA CYS A 225 17.09 23.75 -21.93
C CYS A 225 17.39 24.45 -23.25
N LYS A 226 16.57 24.16 -24.26
CA LYS A 226 16.63 24.79 -25.61
C LYS A 226 16.21 26.25 -25.48
N ALA A 227 16.97 27.11 -26.16
CA ALA A 227 16.76 28.56 -26.19
C ALA A 227 16.64 29.07 -24.76
N ASP A 228 17.40 28.49 -23.82
CA ASP A 228 17.50 28.94 -22.41
C ASP A 228 16.08 29.09 -21.83
N SER A 229 15.20 28.11 -22.06
CA SER A 229 13.83 28.06 -21.53
C SER A 229 13.62 26.72 -20.81
N LEU A 230 13.00 26.77 -19.63
CA LEU A 230 12.61 25.57 -18.84
C LEU A 230 11.09 25.48 -18.92
N TYR A 231 10.53 24.29 -19.14
CA TYR A 231 9.06 24.08 -19.24
C TYR A 231 8.61 23.22 -18.07
N VAL A 232 7.67 23.74 -17.30
CA VAL A 232 7.00 23.02 -16.17
C VAL A 232 5.55 22.75 -16.58
N SER A 233 5.06 21.56 -16.23
CA SER A 233 3.70 21.09 -16.55
C SER A 233 3.10 20.43 -15.33
N ALA A 234 1.79 20.53 -15.18
CA ALA A 234 1.11 19.88 -14.05
C ALA A 234 -0.37 19.63 -14.33
N ALA A 235 -0.91 18.68 -13.58
CA ALA A 235 -2.37 18.45 -13.43
C ALA A 235 -2.56 17.86 -12.05
N ASP A 236 -3.31 18.54 -11.19
CA ASP A 236 -3.55 18.07 -9.81
C ASP A 236 -5.06 18.17 -9.54
N ILE A 237 -5.78 17.22 -10.10
CA ILE A 237 -7.22 17.02 -9.81
C ILE A 237 -7.29 16.22 -8.51
N CYS A 238 -7.74 16.86 -7.44
CA CYS A 238 -7.69 16.24 -6.09
C CYS A 238 -8.86 15.29 -5.86
N GLY A 239 -9.94 15.44 -6.63
CA GLY A 239 -11.16 14.65 -6.46
C GLY A 239 -12.40 15.52 -6.69
N LEU A 240 -13.55 15.05 -6.25
CA LEU A 240 -14.87 15.73 -6.44
C LEU A 240 -15.36 16.34 -5.14
N PHE A 241 -15.84 17.57 -5.25
CA PHE A 241 -16.55 18.30 -4.20
C PHE A 241 -18.04 18.04 -4.41
N THR A 242 -18.75 17.67 -3.36
CA THR A 242 -20.20 17.31 -3.45
C THR A 242 -20.99 18.45 -2.79
N ASN A 243 -21.70 19.23 -3.60
CA ASN A 243 -22.54 20.37 -3.14
C ASN A 243 -23.77 19.84 -2.37
N SER A 244 -24.51 20.74 -1.72
CA SER A 244 -25.67 20.42 -0.84
C SER A 244 -26.65 19.49 -1.56
N SER A 245 -26.88 19.72 -2.85
CA SER A 245 -27.90 19.00 -3.66
C SER A 245 -27.36 17.66 -4.19
N GLY A 246 -26.07 17.35 -4.01
CA GLY A 246 -25.51 16.10 -4.55
C GLY A 246 -24.84 16.28 -5.90
N THR A 247 -24.75 17.51 -6.41
CA THR A 247 -23.99 17.77 -7.65
C THR A 247 -22.50 17.62 -7.32
N GLN A 248 -21.71 17.31 -8.32
CA GLN A 248 -20.26 17.05 -8.11
C GLN A 248 -19.45 17.95 -9.04
N GLN A 249 -18.36 18.47 -8.50
CA GLN A 249 -17.44 19.36 -9.25
C GLN A 249 -16.01 18.93 -8.95
N TRP A 250 -15.13 18.99 -9.94
CA TRP A 250 -13.68 18.78 -9.72
C TRP A 250 -13.12 19.91 -8.85
N ARG A 251 -12.18 19.57 -7.98
CA ARG A 251 -11.38 20.55 -7.22
C ARG A 251 -9.91 20.31 -7.57
N GLY A 252 -9.16 21.36 -7.85
CA GLY A 252 -7.73 21.23 -8.18
C GLY A 252 -6.96 22.19 -7.31
N LEU A 253 -5.66 21.99 -7.20
CA LEU A 253 -4.79 22.85 -6.36
C LEU A 253 -3.54 23.19 -7.16
N ALA A 254 -2.91 24.28 -6.82
CA ALA A 254 -1.66 24.73 -7.47
C ALA A 254 -0.50 23.80 -7.10
N ARG A 255 0.55 23.83 -7.90
CA ARG A 255 1.76 23.02 -7.70
C ARG A 255 2.97 23.94 -7.70
N TYR A 256 3.79 23.76 -6.69
CA TYR A 256 5.07 24.47 -6.54
C TYR A 256 6.16 23.64 -7.20
N PHE A 257 7.11 24.34 -7.82
CA PHE A 257 8.35 23.80 -8.40
C PHE A 257 9.54 24.61 -7.94
N LYS A 258 10.59 23.92 -7.48
CA LYS A 258 11.92 24.51 -7.33
C LYS A 258 12.89 23.62 -8.08
N ILE A 259 13.56 24.19 -9.08
CA ILE A 259 14.40 23.42 -10.03
C ILE A 259 15.85 23.93 -9.96
N ARG A 260 16.78 23.04 -9.70
CA ARG A 260 18.22 23.39 -9.66
C ARG A 260 18.84 23.02 -11.00
N LEU A 261 19.58 23.94 -11.60
CA LEU A 261 20.18 23.72 -12.93
C LEU A 261 21.68 23.99 -12.89
N ARG A 262 22.40 23.40 -13.83
CA ARG A 262 23.88 23.58 -13.99
C ARG A 262 24.19 23.81 -15.48
N LYS A 263 25.30 24.43 -15.80
CA LYS A 263 25.73 24.59 -17.21
C LYS A 263 26.40 23.30 -17.69
N ARG A 264 26.05 22.88 -18.90
CA ARG A 264 26.59 21.65 -19.55
C ARG A 264 27.10 22.02 -20.95
N SER A 265 28.33 21.59 -21.28
CA SER A 265 28.89 21.69 -22.65
C SER A 265 28.23 20.64 -23.53
N VAL A 266 27.87 20.99 -24.78
CA VAL A 266 27.19 20.09 -25.75
C VAL A 266 27.73 20.29 -27.19
N LYS A 267 27.92 19.18 -27.93
CA LYS A 267 28.06 19.06 -29.42
C LYS A 267 29.15 19.99 -29.95
N GLU B 4 28.79 32.84 5.59
CA GLU B 4 27.74 32.50 6.62
C GLU B 4 28.24 31.35 7.49
N VAL B 5 28.17 30.11 7.01
CA VAL B 5 28.26 28.91 7.89
C VAL B 5 29.67 28.31 7.84
N LEU B 6 30.34 28.16 8.98
CA LEU B 6 31.73 27.64 9.09
C LEU B 6 31.69 26.24 9.71
N GLU B 7 32.65 25.87 10.56
CA GLU B 7 32.80 24.49 11.11
C GLU B 7 31.91 24.30 12.34
N VAL B 8 31.55 23.05 12.59
CA VAL B 8 30.98 22.57 13.89
C VAL B 8 32.02 22.77 15.01
N LYS B 9 31.71 23.59 16.02
CA LYS B 9 32.58 23.85 17.21
C LYS B 9 32.91 22.52 17.92
N ALA B 14 29.26 21.05 23.83
CA ALA B 14 28.77 21.65 22.56
C ALA B 14 27.60 20.85 21.97
N ILE B 15 27.02 19.89 22.72
CA ILE B 15 25.77 19.14 22.41
C ILE B 15 24.72 19.49 23.47
N THR B 16 23.44 19.39 23.10
CA THR B 16 22.30 19.45 24.03
C THR B 16 21.13 18.72 23.35
N GLU B 17 20.22 18.19 24.16
CA GLU B 17 18.91 17.64 23.78
C GLU B 17 17.82 18.49 24.41
N VAL B 18 16.79 18.84 23.67
CA VAL B 18 15.56 19.43 24.27
C VAL B 18 14.41 18.51 23.91
N GLU B 19 13.43 18.40 24.79
CA GLU B 19 12.21 17.64 24.46
C GLU B 19 11.01 18.48 24.84
N CYS B 20 9.87 18.19 24.24
CA CYS B 20 8.63 18.99 24.38
CA CYS B 20 8.60 18.82 24.65
C CYS B 20 7.45 18.07 24.01
N PHE B 21 6.35 18.12 24.73
CA PHE B 21 5.05 17.53 24.36
C PHE B 21 4.20 18.74 23.97
N LEU B 22 3.85 18.85 22.70
CA LEU B 22 3.03 19.94 22.15
C LEU B 22 1.54 19.52 22.07
N ASN B 23 0.69 20.16 22.88
CA ASN B 23 -0.76 19.83 22.91
C ASN B 23 -1.38 20.19 21.56
N PRO B 24 -2.42 19.46 21.11
CA PRO B 24 -3.18 19.86 19.94
C PRO B 24 -4.14 21.01 20.28
N GLU B 25 -4.54 21.77 19.26
CA GLU B 25 -5.47 22.91 19.37
C GLU B 25 -6.63 22.66 18.41
N MET B 26 -7.54 21.76 18.80
CA MET B 26 -8.65 21.26 17.96
C MET B 26 -9.90 22.14 18.09
N GLY B 27 -9.93 23.05 19.08
CA GLY B 27 -11.03 24.02 19.26
C GLY B 27 -11.54 24.07 20.69
N ASP B 28 -11.57 22.91 21.37
CA ASP B 28 -11.80 22.83 22.84
C ASP B 28 -13.12 23.53 23.15
N PRO B 29 -14.28 22.95 22.71
CA PRO B 29 -15.57 23.66 22.77
C PRO B 29 -16.08 23.90 24.19
N ASP B 30 -15.65 23.08 25.15
CA ASP B 30 -15.85 23.37 26.59
C ASP B 30 -14.72 22.71 27.37
N GLU B 31 -14.62 22.97 28.67
CA GLU B 31 -13.42 22.59 29.47
C GLU B 31 -13.35 21.08 29.62
N ASN B 32 -14.43 20.33 29.36
CA ASN B 32 -14.38 18.84 29.42
C ASN B 32 -13.88 18.18 28.10
N LEU B 33 -13.95 18.88 26.97
CA LEU B 33 -13.75 18.34 25.60
C LEU B 33 -12.43 18.89 25.01
N ARG B 34 -11.45 19.08 25.90
CA ARG B 34 -10.06 19.38 25.50
C ARG B 34 -9.59 18.28 24.54
N GLY B 35 -9.12 18.65 23.36
CA GLY B 35 -8.64 17.68 22.34
C GLY B 35 -9.68 17.40 21.28
N PHE B 36 -10.86 18.01 21.43
CA PHE B 36 -11.99 17.90 20.47
C PHE B 36 -12.35 19.28 19.95
N SER B 37 -12.98 19.32 18.78
CA SER B 37 -13.60 20.55 18.24
C SER B 37 -15.07 20.57 18.67
N LEU B 38 -15.70 21.74 18.54
CA LEU B 38 -17.18 21.88 18.47
C LEU B 38 -17.66 20.99 17.34
N LYS B 39 -18.86 20.46 17.47
CA LYS B 39 -19.53 19.70 16.38
C LYS B 39 -19.49 20.54 15.11
N LEU B 40 -19.34 19.85 13.99
CA LEU B 40 -19.42 20.45 12.65
C LEU B 40 -20.87 20.84 12.39
N SER B 41 -21.06 22.04 11.83
CA SER B 41 -22.31 22.51 11.19
C SER B 41 -21.99 22.83 9.75
N VAL B 42 -22.94 22.61 8.84
CA VAL B 42 -22.77 22.90 7.39
C VAL B 42 -23.73 24.03 6.99
N GLN B 43 -23.22 25.11 6.41
CA GLN B 43 -24.03 26.16 5.75
C GLN B 43 -24.19 25.77 4.28
N ASN B 44 -25.40 25.96 3.72
CA ASN B 44 -25.82 25.42 2.39
C ASN B 44 -24.92 25.98 1.28
N ASP B 45 -24.44 27.21 1.41
CA ASP B 45 -23.73 27.91 0.31
C ASP B 45 -22.45 28.58 0.81
N PHE B 46 -21.45 28.68 -0.06
CA PHE B 46 -20.18 29.42 0.15
C PHE B 46 -20.44 30.89 0.49
N SER B 47 -21.50 31.50 -0.07
CA SER B 47 -21.81 32.95 0.12
C SER B 47 -22.05 33.24 1.60
N SER B 48 -22.50 32.26 2.37
CA SER B 48 -22.78 32.46 3.81
C SER B 48 -22.11 31.39 4.69
N ASP B 49 -20.83 31.56 5.00
CA ASP B 49 -19.99 30.56 5.73
C ASP B 49 -19.25 31.31 6.83
N SER B 50 -19.72 31.17 8.06
CA SER B 50 -19.19 31.86 9.27
C SER B 50 -18.92 30.82 10.34
N PRO B 51 -17.84 30.04 10.20
CA PRO B 51 -17.52 29.01 11.17
C PRO B 51 -17.23 29.60 12.56
N GLN B 52 -17.74 28.94 13.58
CA GLN B 52 -17.41 29.32 14.98
C GLN B 52 -15.96 28.95 15.29
N ARG B 53 -15.32 29.74 16.16
CA ARG B 53 -13.89 29.55 16.49
C ARG B 53 -13.66 28.14 17.02
N LYS B 54 -14.53 27.65 17.91
CA LYS B 54 -14.28 26.37 18.61
C LYS B 54 -14.43 25.19 17.64
N MET B 55 -14.86 25.42 16.40
CA MET B 55 -15.10 24.36 15.42
C MET B 55 -13.85 24.16 14.56
N LEU B 56 -12.86 25.05 14.70
CA LEU B 56 -11.71 25.14 13.74
C LEU B 56 -10.43 24.68 14.43
N PRO B 57 -9.91 23.49 14.10
CA PRO B 57 -8.56 23.14 14.56
C PRO B 57 -7.52 24.12 14.02
N CYS B 58 -6.52 24.40 14.84
CA CYS B 58 -5.45 25.38 14.56
C CYS B 58 -4.09 24.68 14.66
N TYR B 59 -3.09 25.18 13.97
CA TYR B 59 -1.69 24.73 14.15
C TYR B 59 -1.24 24.98 15.61
N SER B 60 -0.46 24.04 16.15
CA SER B 60 0.23 24.16 17.45
C SER B 60 1.67 24.61 17.20
N THR B 61 2.25 25.40 18.11
CA THR B 61 3.66 25.79 17.99
C THR B 61 4.16 26.15 19.37
N ALA B 62 5.44 25.94 19.58
CA ALA B 62 6.14 26.40 20.79
C ALA B 62 7.50 26.93 20.39
N ARG B 63 7.92 27.98 21.07
CA ARG B 63 9.30 28.52 21.01
C ARG B 63 10.03 28.02 22.26
N ILE B 64 11.14 27.32 22.07
CA ILE B 64 12.00 26.79 23.16
C ILE B 64 13.26 27.66 23.21
N PRO B 65 13.43 28.52 24.24
CA PRO B 65 14.64 29.32 24.39
C PRO B 65 15.85 28.42 24.72
N LEU B 66 16.99 28.80 24.19
CA LEU B 66 18.27 28.08 24.32
C LEU B 66 19.31 29.04 24.90
N PRO B 67 20.35 28.54 25.60
CA PRO B 67 21.38 29.41 26.14
C PRO B 67 21.98 30.33 25.08
N ASN B 68 22.02 31.61 25.42
CA ASN B 68 22.61 32.73 24.64
C ASN B 68 24.14 32.58 24.57
N LEU B 69 24.71 32.10 23.45
CA LEU B 69 26.16 31.78 23.33
C LEU B 69 27.02 33.00 22.93
N ASN B 70 26.44 34.20 22.78
CA ASN B 70 27.16 35.42 22.31
C ASN B 70 26.89 36.59 23.27
N ASN B 77 32.95 36.33 14.57
CA ASN B 77 32.45 34.93 14.38
C ASN B 77 31.53 34.56 15.54
N LEU B 78 30.23 34.33 15.27
CA LEU B 78 29.22 33.90 16.27
C LEU B 78 29.16 32.37 16.38
N LEU B 79 28.52 31.88 17.45
CA LEU B 79 28.12 30.46 17.62
C LEU B 79 26.59 30.42 17.64
N MET B 80 26.01 29.42 16.99
CA MET B 80 24.55 29.25 16.92
C MET B 80 24.24 27.80 17.26
N TRP B 81 23.10 27.57 17.92
CA TRP B 81 22.60 26.17 18.11
C TRP B 81 22.09 25.68 16.76
N GLU B 82 22.49 24.47 16.37
CA GLU B 82 22.11 23.84 15.08
C GLU B 82 21.32 22.56 15.38
N ALA B 83 20.07 22.43 14.89
CA ALA B 83 19.26 21.22 15.11
C ALA B 83 19.71 20.12 14.15
N VAL B 84 20.08 18.97 14.69
CA VAL B 84 20.74 17.87 13.94
C VAL B 84 19.76 16.75 13.66
N THR B 85 18.99 16.33 14.66
CA THR B 85 18.06 15.19 14.53
C THR B 85 16.77 15.53 15.29
N VAL B 86 15.70 14.83 14.94
CA VAL B 86 14.44 14.87 15.73
C VAL B 86 13.83 13.48 15.79
N GLN B 87 13.34 13.12 16.97
CA GLN B 87 12.46 11.95 17.20
C GLN B 87 11.11 12.53 17.60
N THR B 88 10.04 12.06 16.97
CA THR B 88 8.71 12.62 17.16
C THR B 88 7.69 11.47 17.10
N GLU B 89 6.60 11.63 17.85
CA GLU B 89 5.60 10.56 17.99
C GLU B 89 4.28 11.21 18.37
N VAL B 90 3.19 10.74 17.81
CA VAL B 90 1.82 11.12 18.20
C VAL B 90 1.45 10.31 19.45
N ILE B 91 0.98 11.01 20.47
CA ILE B 91 0.84 10.46 21.85
C ILE B 91 -0.62 10.13 22.15
N GLY B 92 -0.89 8.88 22.48
CA GLY B 92 -2.23 8.42 22.89
C GLY B 92 -3.04 7.75 21.78
N ILE B 93 -2.40 7.16 20.77
CA ILE B 93 -3.10 6.60 19.60
C ILE B 93 -4.08 5.49 20.06
N THR B 94 -3.78 4.80 21.17
CA THR B 94 -4.62 3.70 21.68
C THR B 94 -5.92 4.22 22.31
N SER B 95 -6.01 5.52 22.64
CA SER B 95 -7.27 6.06 23.23
C SER B 95 -8.44 5.84 22.28
N MET B 96 -8.17 5.63 20.99
CA MET B 96 -9.24 5.42 20.00
C MET B 96 -9.83 4.00 20.13
N LEU B 97 -9.31 3.15 21.00
CA LEU B 97 -9.90 1.81 21.28
C LEU B 97 -11.04 1.95 22.30
N ASN B 98 -11.31 3.15 22.81
CA ASN B 98 -12.53 3.39 23.66
C ASN B 98 -13.74 3.55 22.72
N LEU B 99 -14.47 2.47 22.51
CA LEU B 99 -15.71 2.44 21.70
C LEU B 99 -16.91 2.22 22.66
N HIS B 100 -16.80 2.64 23.92
CA HIS B 100 -17.88 2.44 24.94
C HIS B 100 -18.44 3.77 25.44
N ALA B 101 -17.86 4.90 25.04
CA ALA B 101 -18.18 6.25 25.57
C ALA B 101 -18.67 7.15 24.43
N GLY B 102 -19.95 7.45 24.38
CA GLY B 102 -20.44 8.67 23.70
C GLY B 102 -20.54 8.55 22.19
N SER B 103 -20.20 7.40 21.60
CA SER B 103 -20.09 7.27 20.13
C SER B 103 -21.34 6.59 19.58
N GLN B 104 -21.71 6.91 18.36
CA GLN B 104 -22.86 6.31 17.64
C GLN B 104 -22.67 4.79 17.57
N LYS B 105 -23.72 3.99 17.79
CA LYS B 105 -23.59 2.52 17.69
C LYS B 105 -23.49 2.14 16.21
N VAL B 106 -22.58 1.24 15.83
CA VAL B 106 -22.35 0.90 14.39
C VAL B 106 -23.63 0.26 13.85
N HIS B 107 -24.39 -0.43 14.71
CA HIS B 107 -25.71 -1.05 14.43
C HIS B 107 -26.34 -1.46 15.77
N GLU B 108 -27.60 -1.90 15.80
CA GLU B 108 -28.26 -2.24 17.09
C GLU B 108 -27.45 -3.40 17.68
N HIS B 109 -27.16 -3.35 18.99
CA HIS B 109 -26.43 -4.40 19.75
C HIS B 109 -24.91 -4.28 19.52
N GLY B 110 -24.48 -3.34 18.68
CA GLY B 110 -23.07 -3.14 18.35
C GLY B 110 -22.38 -2.24 19.35
N GLY B 111 -21.08 -2.05 19.15
CA GLY B 111 -20.25 -1.10 19.90
C GLY B 111 -20.21 0.25 19.20
N GLY B 112 -19.44 1.18 19.77
CA GLY B 112 -19.37 2.56 19.28
C GLY B 112 -18.60 2.67 17.97
N LYS B 113 -18.83 3.75 17.24
CA LYS B 113 -18.19 3.96 15.94
C LYS B 113 -16.80 4.53 16.18
N PRO B 114 -15.77 3.91 15.59
CA PRO B 114 -14.40 4.41 15.67
C PRO B 114 -14.25 5.81 15.10
N ILE B 115 -13.28 6.53 15.64
CA ILE B 115 -12.75 7.75 15.01
C ILE B 115 -12.20 7.38 13.63
N GLN B 116 -12.63 8.14 12.61
CA GLN B 116 -12.23 7.89 11.21
C GLN B 116 -12.60 9.12 10.38
N GLY B 117 -12.15 9.14 9.13
CA GLY B 117 -12.40 10.27 8.22
C GLY B 117 -11.12 11.08 8.01
N SER B 118 -11.27 12.23 7.39
CA SER B 118 -10.15 13.12 7.01
C SER B 118 -9.19 13.31 8.17
N ASN B 119 -7.89 13.30 7.88
CA ASN B 119 -6.88 13.46 8.94
C ASN B 119 -5.68 14.18 8.35
N PHE B 120 -4.92 14.80 9.20
CA PHE B 120 -3.71 15.52 8.80
C PHE B 120 -2.69 15.37 9.91
N HIS B 121 -1.51 14.90 9.58
CA HIS B 121 -0.38 14.68 10.51
C HIS B 121 0.82 15.46 9.99
N PHE B 122 1.29 16.38 10.80
CA PHE B 122 2.25 17.40 10.36
C PHE B 122 3.14 17.75 11.53
N PHE B 123 4.43 17.91 11.24
CA PHE B 123 5.34 18.55 12.21
C PHE B 123 6.42 19.31 11.49
N ALA B 124 7.06 20.22 12.24
CA ALA B 124 8.22 20.99 11.76
C ALA B 124 9.15 21.33 12.92
N VAL B 125 10.43 21.44 12.58
CA VAL B 125 11.52 21.89 13.45
C VAL B 125 12.27 22.98 12.68
N GLY B 126 12.42 24.14 13.32
CA GLY B 126 13.13 25.24 12.65
C GLY B 126 13.79 26.18 13.64
N GLY B 127 14.60 27.08 13.12
CA GLY B 127 15.40 28.01 13.95
C GLY B 127 14.71 29.33 13.96
N GLU B 128 13.47 29.34 13.49
CA GLU B 128 12.62 30.54 13.36
C GLU B 128 11.20 30.04 13.17
N PRO B 129 10.19 30.92 13.28
CA PRO B 129 8.81 30.50 13.10
C PRO B 129 8.61 29.90 11.71
N LEU B 130 7.72 28.91 11.66
CA LEU B 130 7.29 28.28 10.41
C LEU B 130 6.69 29.36 9.51
N GLU B 131 7.09 29.35 8.25
CA GLU B 131 6.54 30.22 7.19
C GLU B 131 5.39 29.49 6.50
N MET B 132 4.25 30.15 6.42
CA MET B 132 3.00 29.50 5.97
C MET B 132 2.44 30.27 4.77
N GLN B 133 1.73 29.55 3.94
CA GLN B 133 1.08 30.08 2.71
C GLN B 133 -0.41 29.85 2.87
N GLY B 134 -1.22 30.87 2.61
CA GLY B 134 -2.67 30.73 2.78
C GLY B 134 -3.31 30.18 1.52
N VAL B 135 -4.22 29.24 1.68
CA VAL B 135 -5.09 28.68 0.61
C VAL B 135 -6.44 28.33 1.26
N LEU B 136 -7.55 28.69 0.61
CA LEU B 136 -8.89 28.56 1.18
C LEU B 136 -9.73 27.69 0.29
N MET B 137 -10.64 26.93 0.89
CA MET B 137 -11.67 26.20 0.12
C MET B 137 -12.59 27.26 -0.52
N ASN B 138 -12.92 28.30 0.24
CA ASN B 138 -13.99 29.28 -0.06
C ASN B 138 -13.49 30.65 0.35
N TYR B 139 -13.10 31.49 -0.58
CA TYR B 139 -12.51 32.81 -0.24
C TYR B 139 -13.51 33.69 0.54
N ARG B 140 -14.80 33.43 0.42
CA ARG B 140 -15.87 34.29 1.00
C ARG B 140 -16.15 33.82 2.41
N SER B 141 -15.49 32.76 2.90
CA SER B 141 -15.60 32.35 4.31
C SER B 141 -15.34 33.58 5.21
N LYS B 142 -16.14 33.77 6.25
CA LYS B 142 -15.93 34.84 7.27
C LYS B 142 -15.39 34.15 8.52
N TYR B 143 -14.13 34.33 8.85
CA TYR B 143 -13.49 33.59 9.97
C TYR B 143 -13.74 34.37 11.24
N PRO B 144 -13.82 33.69 12.41
CA PRO B 144 -14.22 34.35 13.66
C PRO B 144 -13.06 35.04 14.37
N ASP B 145 -13.41 35.97 15.27
CA ASP B 145 -12.43 36.67 16.13
C ASP B 145 -11.57 35.63 16.87
N GLY B 146 -10.29 35.89 16.98
CA GLY B 146 -9.34 34.99 17.64
C GLY B 146 -8.61 34.12 16.63
N THR B 147 -9.09 34.03 15.40
CA THR B 147 -8.36 33.35 14.30
C THR B 147 -7.55 34.36 13.50
N ILE B 148 -6.45 33.90 12.92
CA ILE B 148 -5.64 34.66 11.95
C ILE B 148 -5.71 33.92 10.62
N THR B 149 -6.30 34.54 9.60
CA THR B 149 -6.59 33.94 8.30
C THR B 149 -6.21 34.91 7.18
N PRO B 150 -6.14 34.43 5.92
CA PRO B 150 -5.72 35.25 4.80
C PRO B 150 -6.52 36.57 4.78
N LYS B 151 -5.76 37.67 4.74
CA LYS B 151 -6.25 39.08 4.65
C LYS B 151 -6.55 39.38 3.18
N ASN B 152 -7.64 40.09 2.94
CA ASN B 152 -8.04 40.54 1.59
C ASN B 152 -8.08 39.35 0.65
N PRO B 153 -8.76 38.24 0.99
CA PRO B 153 -8.80 37.09 0.09
C PRO B 153 -9.64 37.45 -1.14
N THR B 154 -9.38 36.75 -2.25
CA THR B 154 -10.04 36.85 -3.57
C THR B 154 -10.32 35.43 -4.04
N ALA B 155 -11.00 35.27 -5.19
CA ALA B 155 -11.19 33.96 -5.82
C ALA B 155 -9.82 33.28 -5.97
N GLN B 156 -8.76 34.05 -6.20
CA GLN B 156 -7.41 33.48 -6.49
C GLN B 156 -6.87 32.86 -5.20
N SER B 157 -7.44 33.23 -4.05
CA SER B 157 -7.06 32.63 -2.75
C SER B 157 -7.51 31.14 -2.67
N GLN B 158 -8.38 30.69 -3.58
CA GLN B 158 -8.80 29.27 -3.65
C GLN B 158 -7.73 28.45 -4.38
N VAL B 159 -6.81 29.11 -5.06
CA VAL B 159 -5.66 28.45 -5.72
C VAL B 159 -4.40 29.06 -5.09
N MET B 160 -3.52 29.69 -5.84
CA MET B 160 -2.33 30.35 -5.24
C MET B 160 -2.39 31.88 -5.38
N ASN B 161 -2.47 32.56 -4.26
CA ASN B 161 -2.39 34.02 -4.05
C ASN B 161 -1.17 34.30 -3.16
N THR B 162 -0.08 34.80 -3.74
CA THR B 162 1.21 35.06 -3.07
C THR B 162 1.07 36.14 -1.99
N ASP B 163 -0.02 36.89 -1.88
CA ASP B 163 -0.18 37.84 -0.74
C ASP B 163 -0.25 37.09 0.59
N HIS B 164 -0.74 35.84 0.60
CA HIS B 164 -1.10 35.18 1.89
C HIS B 164 0.14 34.54 2.53
N LYS B 165 1.05 35.36 3.06
CA LYS B 165 2.29 34.88 3.72
C LYS B 165 2.16 35.22 5.18
N ALA B 166 2.47 34.27 6.06
CA ALA B 166 2.36 34.47 7.51
C ALA B 166 3.43 33.64 8.22
N TYR B 167 3.79 34.09 9.41
CA TYR B 167 4.66 33.35 10.35
C TYR B 167 3.69 32.64 11.29
N LEU B 168 3.92 31.38 11.61
CA LEU B 168 3.18 30.69 12.68
C LEU B 168 3.73 31.23 14.02
N ASP B 169 3.20 32.33 14.49
CA ASP B 169 3.83 33.11 15.58
C ASP B 169 2.88 33.18 16.76
N LYS B 170 1.77 32.44 16.68
CA LYS B 170 0.79 32.38 17.78
C LYS B 170 0.20 30.97 17.79
N ASN B 171 0.22 30.36 18.97
CA ASN B 171 -0.41 29.06 19.24
C ASN B 171 -1.93 29.24 19.18
N ASN B 172 -2.66 28.26 18.61
CA ASN B 172 -4.14 28.22 18.62
C ASN B 172 -4.77 29.44 17.93
N ALA B 173 -4.21 29.91 16.82
CA ALA B 173 -4.75 31.08 16.12
C ALA B 173 -4.89 30.82 14.61
N TYR B 174 -3.98 30.06 14.01
CA TYR B 174 -3.93 29.86 12.53
C TYR B 174 -4.68 28.59 12.19
N PRO B 175 -5.89 28.65 11.58
CA PRO B 175 -6.67 27.44 11.36
C PRO B 175 -5.92 26.53 10.38
N VAL B 176 -5.93 25.24 10.64
CA VAL B 176 -5.32 24.25 9.72
C VAL B 176 -5.93 24.39 8.33
N GLU B 177 -7.25 24.58 8.21
CA GLU B 177 -7.91 24.65 6.89
C GLU B 177 -7.48 25.87 6.06
N CYS B 178 -6.79 26.85 6.63
CA CYS B 178 -6.48 28.12 5.92
C CYS B 178 -5.02 28.18 5.46
N TRP B 179 -4.15 27.36 6.04
CA TRP B 179 -2.68 27.57 5.95
C TRP B 179 -1.95 26.26 5.68
N VAL B 180 -0.90 26.31 4.87
CA VAL B 180 0.05 25.17 4.69
C VAL B 180 1.46 25.70 4.91
N PRO B 181 2.43 24.82 5.20
CA PRO B 181 3.83 25.23 5.18
C PRO B 181 4.16 25.72 3.77
N ASP B 182 4.91 26.82 3.68
CA ASP B 182 5.22 27.46 2.39
C ASP B 182 6.49 26.83 1.83
N PRO B 183 6.44 26.07 0.72
CA PRO B 183 7.65 25.46 0.19
C PRO B 183 8.63 26.46 -0.47
N SER B 184 8.17 27.68 -0.75
CA SER B 184 9.02 28.73 -1.37
C SER B 184 9.84 29.46 -0.30
N ARG B 185 9.60 29.19 0.98
N ARG B 185 9.60 29.17 0.98
CA ARG B 185 10.40 29.77 2.08
CA ARG B 185 10.40 29.76 2.10
C ARG B 185 10.88 28.61 2.98
C ARG B 185 10.90 28.60 2.98
N ASN B 186 10.89 28.77 4.31
CA ASN B 186 11.35 27.71 5.26
C ASN B 186 12.75 27.20 4.91
N GLU B 187 13.69 28.11 4.61
CA GLU B 187 15.09 27.71 4.27
C GLU B 187 15.74 27.22 5.57
N ASN B 188 15.21 27.65 6.70
CA ASN B 188 15.83 27.44 8.04
C ASN B 188 14.93 26.54 8.90
N ALA B 189 14.14 25.67 8.25
CA ALA B 189 13.26 24.71 8.96
C ALA B 189 13.08 23.46 8.09
N ARG B 190 12.72 22.35 8.73
CA ARG B 190 12.32 21.11 8.01
C ARG B 190 10.89 20.79 8.41
N TYR B 191 10.04 20.53 7.44
CA TYR B 191 8.63 20.20 7.71
C TYR B 191 8.25 18.92 6.95
N PHE B 192 7.24 18.24 7.49
CA PHE B 192 6.72 16.96 6.97
C PHE B 192 5.22 16.84 7.30
N GLY B 193 4.37 16.62 6.30
CA GLY B 193 2.94 16.37 6.56
C GLY B 193 2.32 15.41 5.57
N THR B 194 1.24 14.77 5.99
CA THR B 194 0.43 13.91 5.13
C THR B 194 -1.03 14.21 5.41
N PHE B 195 -1.75 14.56 4.37
CA PHE B 195 -3.21 14.74 4.42
C PHE B 195 -3.87 13.52 3.78
N THR B 196 -4.81 12.92 4.47
CA THR B 196 -5.67 11.83 3.94
C THR B 196 -7.14 12.25 4.07
N GLY B 197 -7.85 12.43 2.96
CA GLY B 197 -9.23 12.95 2.98
C GLY B 197 -10.25 11.87 2.71
N GLY B 198 -11.43 11.97 3.33
CA GLY B 198 -12.53 11.08 2.93
C GLY B 198 -13.35 10.68 4.11
N GLU B 199 -14.59 10.29 3.86
CA GLU B 199 -15.61 9.99 4.90
C GLU B 199 -15.15 8.87 5.84
N ASN B 200 -14.61 7.76 5.32
CA ASN B 200 -14.42 6.51 6.07
C ASN B 200 -12.93 6.16 6.18
N VAL B 201 -12.05 7.14 6.02
CA VAL B 201 -10.59 6.91 6.00
C VAL B 201 -10.19 6.29 7.32
N PRO B 202 -9.50 5.15 7.39
CA PRO B 202 -9.00 4.64 8.67
C PRO B 202 -7.77 5.38 9.16
N PRO B 203 -7.73 5.82 10.43
CA PRO B 203 -6.47 6.31 11.00
C PRO B 203 -5.44 5.18 10.96
N VAL B 204 -4.21 5.50 10.59
CA VAL B 204 -3.09 4.53 10.63
C VAL B 204 -1.93 5.25 11.30
N LEU B 205 -1.55 4.83 12.50
CA LEU B 205 -0.49 5.55 13.25
C LEU B 205 0.50 4.57 13.85
N HIS B 206 1.78 4.90 13.72
CA HIS B 206 2.92 4.09 14.19
C HIS B 206 3.57 4.75 15.40
N VAL B 207 4.03 3.93 16.32
CA VAL B 207 4.91 4.38 17.42
C VAL B 207 6.17 3.52 17.40
N THR B 208 7.32 4.14 17.61
CA THR B 208 8.57 3.43 17.91
C THR B 208 9.56 4.45 18.46
N ASN B 209 10.42 4.00 19.35
CA ASN B 209 11.51 4.87 19.85
C ASN B 209 12.79 4.57 19.08
N THR B 210 12.71 3.94 17.90
CA THR B 210 13.89 3.56 17.12
C THR B 210 14.01 4.41 15.87
N ALA B 211 13.12 5.39 15.63
CA ALA B 211 13.11 6.19 14.37
C ALA B 211 13.64 7.60 14.63
N THR B 212 14.63 8.02 13.87
CA THR B 212 15.20 9.38 13.99
C THR B 212 15.14 10.03 12.61
N THR B 213 14.71 11.28 12.55
CA THR B 213 14.78 12.08 11.29
C THR B 213 16.02 12.97 11.33
N VAL B 214 16.90 12.84 10.35
CA VAL B 214 18.10 13.72 10.24
C VAL B 214 17.63 15.06 9.68
N LEU B 215 18.03 16.18 10.29
CA LEU B 215 17.55 17.53 9.86
C LEU B 215 18.61 18.26 9.00
N LEU B 216 19.76 17.64 8.76
CA LEU B 216 20.87 18.24 7.96
C LEU B 216 20.44 18.33 6.49
N ASP B 217 20.75 19.43 5.83
CA ASP B 217 20.51 19.63 4.37
C ASP B 217 21.66 18.93 3.63
N GLU B 218 21.72 19.15 2.31
CA GLU B 218 22.72 18.59 1.36
C GLU B 218 24.17 18.85 1.86
N GLN B 219 24.45 20.06 2.37
CA GLN B 219 25.79 20.54 2.83
C GLN B 219 26.06 20.15 4.29
N GLY B 220 25.14 19.42 4.94
CA GLY B 220 25.31 18.92 6.31
C GLY B 220 25.00 20.00 7.35
N VAL B 221 24.17 20.97 6.98
CA VAL B 221 23.75 22.08 7.90
C VAL B 221 22.29 21.84 8.30
N GLY B 222 22.05 21.81 9.61
CA GLY B 222 20.68 21.74 10.18
C GLY B 222 20.10 23.13 10.35
N PRO B 223 18.81 23.28 10.71
CA PRO B 223 18.26 24.58 11.08
C PRO B 223 19.12 25.25 12.16
N LEU B 224 19.35 26.55 12.03
CA LEU B 224 20.22 27.35 12.93
C LEU B 224 19.32 28.28 13.73
N CYS B 225 19.45 28.23 15.04
CA CYS B 225 18.54 28.95 15.96
C CYS B 225 18.88 30.44 16.04
N LYS B 226 18.16 31.22 15.24
CA LYS B 226 18.17 32.71 15.26
C LYS B 226 17.56 33.17 16.60
N ALA B 227 18.25 34.13 17.23
CA ALA B 227 17.87 34.74 18.51
C ALA B 227 17.76 33.62 19.57
N ASP B 228 18.57 32.56 19.44
CA ASP B 228 18.71 31.45 20.40
C ASP B 228 17.36 30.85 20.72
N SER B 229 16.50 30.73 19.71
CA SER B 229 15.19 30.06 19.87
C SER B 229 15.08 28.88 18.89
N LEU B 230 14.52 27.76 19.38
CA LEU B 230 14.08 26.60 18.56
C LEU B 230 12.54 26.56 18.48
N TYR B 231 12.00 26.31 17.27
CA TYR B 231 10.56 26.35 17.00
C TYR B 231 10.08 24.97 16.59
N VAL B 232 9.10 24.47 17.33
CA VAL B 232 8.44 23.19 16.98
C VAL B 232 7.00 23.53 16.59
N SER B 233 6.46 22.85 15.57
CA SER B 233 5.14 23.12 15.01
C SER B 233 4.48 21.77 14.74
N ALA B 234 3.17 21.70 14.84
CA ALA B 234 2.43 20.45 14.59
C ALA B 234 0.98 20.70 14.24
N ALA B 235 0.40 19.71 13.59
CA ALA B 235 -1.06 19.52 13.48
C ALA B 235 -1.27 18.02 13.39
N ASP B 236 -2.07 17.49 14.30
CA ASP B 236 -2.40 16.04 14.29
C ASP B 236 -3.91 15.85 14.49
N ILE B 237 -4.68 16.15 13.47
CA ILE B 237 -6.11 15.85 13.39
C ILE B 237 -6.21 14.35 13.05
N CYS B 238 -6.67 13.54 14.00
CA CYS B 238 -6.77 12.05 13.85
C CYS B 238 -7.98 11.62 13.04
N GLY B 239 -9.01 12.46 12.90
CA GLY B 239 -10.28 12.07 12.26
C GLY B 239 -11.47 12.66 12.99
N LEU B 240 -12.64 12.17 12.68
CA LEU B 240 -13.91 12.64 13.28
C LEU B 240 -14.41 11.60 14.28
N PHE B 241 -14.78 12.11 15.44
CA PHE B 241 -15.58 11.38 16.46
C PHE B 241 -17.05 11.59 16.16
N THR B 242 -17.83 10.51 16.02
CA THR B 242 -19.27 10.59 15.76
C THR B 242 -20.00 10.32 17.08
N ASN B 243 -20.75 11.29 17.57
CA ASN B 243 -21.44 11.16 18.89
C ASN B 243 -22.73 10.32 18.71
N SER B 244 -23.38 9.95 19.79
CA SER B 244 -24.68 9.19 19.84
C SER B 244 -25.67 9.65 18.76
N SER B 245 -25.90 10.95 18.63
CA SER B 245 -26.94 11.52 17.72
C SER B 245 -26.46 11.67 16.27
N GLY B 246 -25.19 11.42 15.97
CA GLY B 246 -24.65 11.51 14.60
C GLY B 246 -23.88 12.80 14.36
N THR B 247 -23.71 13.66 15.36
CA THR B 247 -22.85 14.88 15.25
C THR B 247 -21.39 14.42 15.08
N GLN B 248 -20.57 15.25 14.45
CA GLN B 248 -19.15 14.91 14.21
C GLN B 248 -18.30 16.03 14.79
N GLN B 249 -17.20 15.64 15.41
CA GLN B 249 -16.21 16.55 16.03
C GLN B 249 -14.81 16.09 15.61
N TRP B 250 -13.91 17.03 15.30
CA TRP B 250 -12.47 16.68 15.17
C TRP B 250 -11.94 16.14 16.51
N ARG B 251 -11.09 15.11 16.46
CA ARG B 251 -10.25 14.66 17.58
C ARG B 251 -8.77 14.80 17.21
N GLY B 252 -7.99 15.36 18.12
CA GLY B 252 -6.54 15.56 17.96
C GLY B 252 -5.77 15.01 19.13
N LEU B 253 -4.48 14.77 18.90
CA LEU B 253 -3.55 14.24 19.91
C LEU B 253 -2.30 15.10 19.96
N ALA B 254 -1.66 15.10 21.12
CA ALA B 254 -0.37 15.74 21.39
C ALA B 254 0.74 15.09 20.55
N ARG B 255 1.78 15.85 20.29
CA ARG B 255 2.98 15.35 19.60
C ARG B 255 4.22 15.57 20.46
N TYR B 256 5.03 14.53 20.60
CA TYR B 256 6.31 14.60 21.35
C TYR B 256 7.41 14.95 20.36
N PHE B 257 8.34 15.79 20.79
CA PHE B 257 9.60 16.12 20.09
C PHE B 257 10.81 15.90 21.01
N LYS B 258 11.83 15.23 20.51
CA LYS B 258 13.19 15.16 21.12
C LYS B 258 14.20 15.60 20.07
N ILE B 259 14.82 16.74 20.26
CA ILE B 259 15.72 17.38 19.25
C ILE B 259 17.15 17.44 19.80
N ARG B 260 18.12 16.88 19.07
CA ARG B 260 19.56 16.97 19.39
C ARG B 260 20.12 18.20 18.64
N LEU B 261 20.77 19.11 19.36
CA LEU B 261 21.41 20.36 18.87
C LEU B 261 22.91 20.33 19.16
N ARG B 262 23.68 20.96 18.26
CA ARG B 262 25.13 21.15 18.43
C ARG B 262 25.46 22.60 18.16
N LYS B 263 26.67 23.02 18.56
CA LYS B 263 27.09 24.44 18.42
C LYS B 263 27.75 24.55 17.04
N ARG B 264 27.37 25.56 16.27
CA ARG B 264 27.95 25.79 14.92
C ARG B 264 28.51 27.20 14.88
N SER B 265 29.75 27.36 14.39
CA SER B 265 30.36 28.70 14.12
C SER B 265 29.79 29.26 12.82
N VAL B 266 29.46 30.55 12.85
CA VAL B 266 29.03 31.32 11.66
C VAL B 266 29.80 32.65 11.61
N LYS B 267 29.78 33.30 10.43
CA LYS B 267 30.42 34.61 10.13
C LYS B 267 29.56 35.76 10.71
N ASN B 268 30.25 36.71 11.37
CA ASN B 268 29.72 37.96 11.98
C ASN B 268 29.27 38.93 10.86
N GLU C 4 27.74 3.35 32.28
CA GLU C 4 28.64 2.35 32.89
C GLU C 4 29.07 1.30 31.84
N VAL C 5 28.60 1.39 30.59
CA VAL C 5 28.69 0.32 29.56
C VAL C 5 30.11 0.29 29.00
N LEU C 6 30.80 -0.85 29.04
CA LEU C 6 32.19 -1.00 28.51
C LEU C 6 32.17 -1.71 27.15
N GLU C 7 32.62 -2.97 27.08
CA GLU C 7 32.86 -3.69 25.80
C GLU C 7 32.21 -5.08 25.85
N VAL C 8 32.09 -5.71 24.68
CA VAL C 8 31.72 -7.15 24.50
C VAL C 8 33.02 -7.96 24.50
N ILE C 15 26.83 -15.85 24.58
CA ILE C 15 25.58 -15.80 23.75
C ILE C 15 24.54 -16.79 24.31
N THR C 16 23.26 -16.38 24.31
CA THR C 16 22.12 -17.22 24.77
C THR C 16 20.86 -16.75 24.02
N GLU C 17 19.89 -17.65 23.86
CA GLU C 17 18.57 -17.38 23.23
C GLU C 17 17.50 -17.72 24.26
N VAL C 18 16.59 -16.79 24.51
CA VAL C 18 15.37 -17.05 25.30
C VAL C 18 14.17 -16.96 24.34
N GLU C 19 13.09 -17.67 24.67
CA GLU C 19 11.87 -17.63 23.84
C GLU C 19 10.68 -17.60 24.77
N CYS C 20 9.60 -16.99 24.35
CA CYS C 20 8.34 -16.84 25.14
CA CYS C 20 8.33 -17.09 25.10
C CYS C 20 7.14 -16.84 24.17
N PHE C 21 6.05 -17.49 24.53
CA PHE C 21 4.73 -17.24 23.93
C PHE C 21 3.97 -16.43 24.96
N LEU C 22 3.70 -15.18 24.67
CA LEU C 22 2.98 -14.28 25.60
C LEU C 22 1.51 -14.28 25.22
N ASN C 23 0.65 -14.74 26.11
CA ASN C 23 -0.80 -14.78 25.85
C ASN C 23 -1.37 -13.38 25.79
N PRO C 24 -2.44 -13.15 24.98
CA PRO C 24 -3.13 -11.87 24.94
C PRO C 24 -4.05 -11.79 26.16
N GLU C 25 -4.36 -10.58 26.60
CA GLU C 25 -5.28 -10.31 27.73
C GLU C 25 -6.45 -9.46 27.25
N MET C 26 -7.41 -10.10 26.56
CA MET C 26 -8.52 -9.36 25.89
C MET C 26 -9.69 -9.12 26.85
N GLY C 27 -9.71 -9.78 28.01
CA GLY C 27 -10.83 -9.63 28.97
C GLY C 27 -11.35 -10.98 29.46
N ASP C 28 -11.53 -11.96 28.55
CA ASP C 28 -11.82 -13.39 28.91
C ASP C 28 -13.08 -13.42 29.76
N PRO C 29 -14.25 -13.14 29.14
CA PRO C 29 -15.51 -12.93 29.85
C PRO C 29 -16.11 -14.19 30.49
N ASP C 30 -15.67 -15.36 30.07
CA ASP C 30 -15.99 -16.60 30.80
C ASP C 30 -14.90 -17.61 30.48
N GLU C 31 -15.00 -18.80 31.08
CA GLU C 31 -14.02 -19.90 30.98
C GLU C 31 -13.91 -20.38 29.52
N ASN C 32 -14.95 -20.22 28.70
CA ASN C 32 -14.93 -20.71 27.28
C ASN C 32 -14.41 -19.64 26.28
N LEU C 33 -14.33 -18.36 26.65
CA LEU C 33 -14.05 -17.28 25.67
C LEU C 33 -12.69 -16.61 25.98
N ARG C 34 -11.74 -17.41 26.44
CA ARG C 34 -10.30 -17.06 26.49
C ARG C 34 -9.87 -16.53 25.11
N GLY C 35 -9.32 -15.31 25.08
CA GLY C 35 -8.81 -14.64 23.86
C GLY C 35 -9.79 -13.66 23.29
N PHE C 36 -10.96 -13.55 23.88
CA PHE C 36 -12.04 -12.62 23.50
C PHE C 36 -12.30 -11.68 24.68
N SER C 37 -12.94 -10.56 24.38
CA SER C 37 -13.49 -9.62 25.36
C SER C 37 -14.97 -9.90 25.57
N LEU C 38 -15.50 -9.32 26.66
CA LEU C 38 -16.95 -9.18 26.84
C LEU C 38 -17.49 -8.40 25.65
N LYS C 39 -18.73 -8.65 25.28
CA LYS C 39 -19.45 -7.87 24.25
C LYS C 39 -19.26 -6.37 24.57
N LEU C 40 -19.13 -5.55 23.54
CA LEU C 40 -19.09 -4.08 23.68
C LEU C 40 -20.49 -3.57 24.03
N SER C 41 -20.55 -2.66 25.00
CA SER C 41 -21.72 -1.79 25.29
C SER C 41 -21.25 -0.34 25.16
N VAL C 42 -22.13 0.55 24.72
CA VAL C 42 -21.89 2.02 24.65
C VAL C 42 -22.89 2.73 25.56
N GLN C 43 -22.41 3.63 26.42
CA GLN C 43 -23.25 4.62 27.15
C GLN C 43 -23.32 5.90 26.31
N ASN C 44 -24.46 6.58 26.32
CA ASN C 44 -24.75 7.70 25.38
C ASN C 44 -23.84 8.91 25.68
N ASP C 45 -23.26 9.02 26.88
CA ASP C 45 -22.52 10.25 27.25
C ASP C 45 -21.23 9.95 28.03
N PHE C 46 -20.18 10.77 27.78
CA PHE C 46 -18.87 10.82 28.48
C PHE C 46 -19.06 11.01 30.00
N SER C 47 -20.06 11.77 30.44
CA SER C 47 -20.31 12.07 31.89
C SER C 47 -20.59 10.77 32.65
N SER C 48 -21.14 9.76 31.99
CA SER C 48 -21.49 8.45 32.60
C SER C 48 -20.91 7.27 31.78
N ASP C 49 -19.64 6.94 31.99
CA ASP C 49 -18.87 5.91 31.23
C ASP C 49 -18.17 5.01 32.24
N SER C 50 -18.75 3.83 32.47
CA SER C 50 -18.28 2.81 33.45
C SER C 50 -18.08 1.48 32.74
N PRO C 51 -17.00 1.28 31.96
CA PRO C 51 -16.81 0.01 31.29
C PRO C 51 -16.58 -1.13 32.31
N GLN C 52 -17.07 -2.33 32.00
CA GLN C 52 -16.80 -3.55 32.82
C GLN C 52 -15.38 -4.05 32.54
N ARG C 53 -14.73 -4.61 33.56
CA ARG C 53 -13.32 -5.08 33.48
CA ARG C 53 -13.36 -5.19 33.55
C ARG C 53 -13.16 -6.08 32.31
N LYS C 54 -14.10 -7.00 32.08
CA LYS C 54 -13.87 -8.07 31.09
C LYS C 54 -14.02 -7.55 29.65
N MET C 55 -14.50 -6.31 29.48
CA MET C 55 -14.69 -5.63 28.18
C MET C 55 -13.38 -4.95 27.73
N LEU C 56 -12.38 -4.86 28.61
CA LEU C 56 -11.18 -3.99 28.38
C LEU C 56 -9.92 -4.81 28.12
N PRO C 57 -9.48 -4.90 26.85
CA PRO C 57 -8.18 -5.47 26.59
C PRO C 57 -7.08 -4.72 27.35
N CYS C 58 -6.11 -5.47 27.85
CA CYS C 58 -4.95 -4.97 28.60
C CYS C 58 -3.64 -5.38 27.91
N TYR C 59 -2.60 -4.59 28.15
CA TYR C 59 -1.22 -4.92 27.77
C TYR C 59 -0.83 -6.25 28.43
N SER C 60 -0.12 -7.09 27.69
CA SER C 60 0.51 -8.33 28.17
C SER C 60 1.95 -8.02 28.51
N THR C 61 2.49 -8.65 29.55
CA THR C 61 3.91 -8.51 29.84
C THR C 61 4.37 -9.72 30.65
N ALA C 62 5.64 -10.06 30.51
CA ALA C 62 6.30 -11.16 31.26
C ALA C 62 7.74 -10.75 31.57
N ARG C 63 8.19 -11.05 32.79
CA ARG C 63 9.59 -10.90 33.23
C ARG C 63 10.28 -12.25 33.01
N ILE C 64 11.34 -12.31 32.21
CA ILE C 64 12.04 -13.59 31.86
C ILE C 64 13.38 -13.63 32.59
N PRO C 65 13.55 -14.58 33.54
CA PRO C 65 14.81 -14.67 34.30
C PRO C 65 15.96 -15.14 33.39
N LEU C 66 17.13 -14.53 33.55
CA LEU C 66 18.34 -14.87 32.76
C LEU C 66 19.39 -15.47 33.70
N PRO C 67 20.28 -16.35 33.21
CA PRO C 67 21.36 -16.89 34.07
C PRO C 67 22.11 -15.78 34.82
N ASN C 68 22.33 -15.93 36.14
CA ASN C 68 23.17 -15.01 36.97
C ASN C 68 24.62 -15.11 36.46
N LEU C 69 25.33 -13.98 36.42
CA LEU C 69 26.65 -13.85 35.73
C LEU C 69 27.77 -13.43 36.71
N ASN C 70 27.41 -13.08 37.95
CA ASN C 70 28.32 -12.40 38.93
C ASN C 70 28.21 -13.07 40.31
N ASN C 77 33.49 -3.84 35.63
CA ASN C 77 33.78 -5.00 36.53
C ASN C 77 32.66 -6.07 36.41
N LEU C 78 31.37 -5.68 36.44
CA LEU C 78 30.20 -6.59 36.33
C LEU C 78 29.94 -7.00 34.86
N LEU C 79 29.18 -8.06 34.66
CA LEU C 79 28.67 -8.54 33.33
C LEU C 79 27.14 -8.48 33.34
N MET C 80 26.53 -8.06 32.21
CA MET C 80 25.08 -7.92 32.01
C MET C 80 24.69 -8.53 30.66
N TRP C 81 23.52 -9.18 30.62
CA TRP C 81 22.92 -9.66 29.36
C TRP C 81 22.43 -8.43 28.57
N GLU C 82 22.82 -8.34 27.31
CA GLU C 82 22.41 -7.32 26.33
C GLU C 82 21.53 -7.98 25.26
N ALA C 83 20.31 -7.49 25.06
CA ALA C 83 19.43 -7.99 23.99
C ALA C 83 19.93 -7.43 22.65
N VAL C 84 20.27 -8.30 21.69
CA VAL C 84 20.85 -7.87 20.37
C VAL C 84 19.79 -7.92 19.25
N THR C 85 19.00 -8.99 19.19
CA THR C 85 17.93 -9.15 18.15
C THR C 85 16.68 -9.79 18.72
N VAL C 86 15.54 -9.52 18.08
CA VAL C 86 14.26 -10.19 18.41
C VAL C 86 13.65 -10.69 17.09
N GLN C 87 13.13 -11.92 17.11
CA GLN C 87 12.15 -12.43 16.11
C GLN C 87 10.83 -12.54 16.84
N THR C 88 9.75 -12.11 16.20
CA THR C 88 8.44 -12.01 16.83
C THR C 88 7.39 -12.25 15.75
N GLU C 89 6.28 -12.83 16.16
CA GLU C 89 5.23 -13.28 15.24
C GLU C 89 3.93 -13.37 16.03
N VAL C 90 2.82 -12.99 15.42
CA VAL C 90 1.48 -13.19 16.02
C VAL C 90 1.05 -14.62 15.67
N ILE C 91 0.54 -15.34 16.68
CA ILE C 91 0.34 -16.81 16.61
C ILE C 91 -1.14 -17.13 16.43
N GLY C 92 -1.45 -17.83 15.35
CA GLY C 92 -2.82 -18.36 15.09
C GLY C 92 -3.63 -17.48 14.16
N ILE C 93 -2.98 -16.78 13.24
CA ILE C 93 -3.69 -15.81 12.37
C ILE C 93 -4.73 -16.53 11.51
N THR C 94 -4.48 -17.78 11.12
CA THR C 94 -5.39 -18.55 10.24
C THR C 94 -6.67 -18.94 11.00
N SER C 95 -6.72 -18.81 12.32
CA SER C 95 -7.94 -19.12 13.11
C SER C 95 -9.08 -18.21 12.65
N MET C 96 -8.77 -17.09 12.02
CA MET C 96 -9.81 -16.18 11.50
C MET C 96 -10.46 -16.74 10.24
N LEU C 97 -9.95 -17.85 9.69
CA LEU C 97 -10.64 -18.50 8.55
C LEU C 97 -11.83 -19.37 9.01
N ASN C 98 -12.06 -19.49 10.31
CA ASN C 98 -13.34 -20.07 10.83
C ASN C 98 -14.43 -19.03 10.68
N LEU C 99 -15.23 -19.15 9.61
CA LEU C 99 -16.40 -18.32 9.37
C LEU C 99 -17.69 -19.16 9.49
N HIS C 100 -17.68 -20.27 10.24
CA HIS C 100 -18.80 -21.26 10.30
C HIS C 100 -19.40 -21.33 11.72
N ALA C 101 -18.88 -20.54 12.65
CA ALA C 101 -19.04 -20.69 14.12
C ALA C 101 -19.42 -19.34 14.72
N GLY C 102 -20.69 -19.14 15.06
CA GLY C 102 -21.15 -18.06 15.95
C GLY C 102 -21.11 -16.68 15.35
N SER C 103 -20.76 -16.50 14.07
CA SER C 103 -20.60 -15.15 13.47
C SER C 103 -21.85 -14.79 12.66
N GLN C 104 -22.13 -13.50 12.52
CA GLN C 104 -23.22 -12.96 11.68
C GLN C 104 -23.02 -13.33 10.21
N LYS C 105 -24.08 -13.71 9.49
CA LYS C 105 -23.98 -14.06 8.04
C LYS C 105 -23.78 -12.75 7.27
N VAL C 106 -22.99 -12.73 6.20
CA VAL C 106 -22.69 -11.42 5.54
C VAL C 106 -23.89 -11.00 4.68
N HIS C 107 -24.66 -11.98 4.20
CA HIS C 107 -25.97 -11.78 3.53
C HIS C 107 -26.73 -13.11 3.64
N GLU C 108 -27.92 -13.20 3.06
CA GLU C 108 -28.74 -14.45 3.14
C GLU C 108 -27.94 -15.57 2.48
N HIS C 109 -27.81 -16.72 3.12
CA HIS C 109 -27.09 -17.94 2.62
C HIS C 109 -25.58 -17.72 2.51
N GLY C 110 -25.05 -16.55 2.87
CA GLY C 110 -23.60 -16.21 2.79
C GLY C 110 -22.83 -16.75 3.99
N GLY C 111 -21.48 -16.72 3.96
CA GLY C 111 -20.65 -17.18 5.07
C GLY C 111 -20.65 -16.19 6.23
N GLY C 112 -20.01 -16.58 7.34
CA GLY C 112 -19.87 -15.73 8.53
C GLY C 112 -19.04 -14.49 8.26
N LYS C 113 -19.29 -13.43 9.03
CA LYS C 113 -18.56 -12.15 8.87
C LYS C 113 -17.17 -12.31 9.48
N PRO C 114 -16.10 -11.99 8.73
CA PRO C 114 -14.74 -12.04 9.28
C PRO C 114 -14.51 -11.08 10.45
N ILE C 115 -13.56 -11.44 11.31
CA ILE C 115 -12.97 -10.49 12.30
C ILE C 115 -12.41 -9.31 11.50
N GLN C 116 -12.74 -8.08 11.90
CA GLN C 116 -12.33 -6.83 11.23
C GLN C 116 -12.60 -5.66 12.16
N GLY C 117 -12.15 -4.49 11.71
CA GLY C 117 -12.26 -3.21 12.44
C GLY C 117 -10.98 -2.88 13.17
N SER C 118 -11.08 -1.93 14.10
CA SER C 118 -9.92 -1.33 14.77
C SER C 118 -8.98 -2.42 15.25
N ASN C 119 -7.69 -2.20 15.09
CA ASN C 119 -6.70 -3.17 15.59
C ASN C 119 -5.46 -2.44 16.06
N PHE C 120 -4.68 -3.10 16.90
CA PHE C 120 -3.43 -2.59 17.44
C PHE C 120 -2.49 -3.77 17.64
N HIS C 121 -1.29 -3.63 17.09
CA HIS C 121 -0.25 -4.67 17.12
C HIS C 121 0.99 -3.99 17.64
N PHE C 122 1.45 -4.46 18.78
CA PHE C 122 2.51 -3.76 19.53
C PHE C 122 3.40 -4.80 20.19
N PHE C 123 4.71 -4.54 20.19
CA PHE C 123 5.64 -5.32 21.03
C PHE C 123 6.78 -4.43 21.54
N ALA C 124 7.39 -4.85 22.65
CA ALA C 124 8.58 -4.22 23.27
C ALA C 124 9.47 -5.29 23.87
N VAL C 125 10.78 -5.06 23.75
CA VAL C 125 11.85 -5.83 24.46
C VAL C 125 12.66 -4.85 25.28
N GLY C 126 12.78 -5.06 26.58
CA GLY C 126 13.54 -4.15 27.46
C GLY C 126 14.29 -4.88 28.56
N GLY C 127 15.24 -4.18 29.17
CA GLY C 127 16.02 -4.69 30.33
C GLY C 127 15.38 -4.28 31.64
N GLU C 128 14.17 -3.75 31.58
CA GLU C 128 13.35 -3.30 32.72
C GLU C 128 11.94 -3.14 32.19
N PRO C 129 10.94 -2.93 33.06
CA PRO C 129 9.55 -2.82 32.60
C PRO C 129 9.39 -1.65 31.64
N LEU C 130 8.38 -1.77 30.78
CA LEU C 130 8.04 -0.74 29.78
C LEU C 130 7.51 0.47 30.53
N GLU C 131 7.96 1.64 30.12
CA GLU C 131 7.47 2.91 30.69
C GLU C 131 6.31 3.42 29.85
N MET C 132 5.20 3.71 30.49
CA MET C 132 3.97 4.11 29.81
C MET C 132 3.52 5.51 30.22
N GLN C 133 2.83 6.16 29.28
CA GLN C 133 2.21 7.50 29.43
C GLN C 133 0.72 7.27 29.24
N GLY C 134 -0.07 7.81 30.15
CA GLY C 134 -1.54 7.79 30.09
C GLY C 134 -2.10 8.84 29.17
N VAL C 135 -3.05 8.42 28.33
CA VAL C 135 -3.93 9.31 27.55
C VAL C 135 -5.30 8.64 27.46
N LEU C 136 -6.35 9.45 27.60
CA LEU C 136 -7.74 8.99 27.65
C LEU C 136 -8.55 9.63 26.55
N MET C 137 -9.46 8.84 25.96
CA MET C 137 -10.51 9.35 25.06
C MET C 137 -11.38 10.27 25.91
N ASN C 138 -11.71 9.83 27.13
CA ASN C 138 -12.73 10.53 27.96
C ASN C 138 -12.20 10.59 29.41
N TYR C 139 -11.72 11.73 29.89
CA TYR C 139 -11.09 11.77 31.24
C TYR C 139 -12.09 11.35 32.33
N ARG C 140 -13.39 11.51 32.06
CA ARG C 140 -14.50 11.27 33.05
C ARG C 140 -14.88 9.77 33.09
N SER C 141 -14.23 8.87 32.33
CA SER C 141 -14.53 7.41 32.40
C SER C 141 -14.26 6.93 33.82
N LYS C 142 -15.15 6.10 34.37
CA LYS C 142 -14.87 5.40 35.64
C LYS C 142 -14.40 3.98 35.32
N TYR C 143 -13.15 3.66 35.63
CA TYR C 143 -12.57 2.35 35.27
C TYR C 143 -12.80 1.38 36.42
N PRO C 144 -12.94 0.06 36.14
CA PRO C 144 -13.32 -0.92 37.16
C PRO C 144 -12.15 -1.47 37.98
N ASP C 145 -12.46 -2.07 39.13
CA ASP C 145 -11.47 -2.73 40.01
C ASP C 145 -10.68 -3.78 39.22
N GLY C 146 -9.39 -3.85 39.46
CA GLY C 146 -8.47 -4.79 38.78
C GLY C 146 -7.75 -4.15 37.61
N THR C 147 -8.21 -2.98 37.15
CA THR C 147 -7.49 -2.15 36.14
C THR C 147 -6.65 -1.08 36.85
N ILE C 148 -5.51 -0.72 36.27
CA ILE C 148 -4.68 0.43 36.68
C ILE C 148 -4.76 1.45 35.54
N THR C 149 -5.32 2.60 35.84
CA THR C 149 -5.62 3.67 34.87
C THR C 149 -5.11 4.99 35.44
N PRO C 150 -5.01 6.03 34.59
CA PRO C 150 -4.52 7.34 35.05
C PRO C 150 -5.23 7.85 36.33
N LYS C 151 -4.41 8.22 37.31
CA LYS C 151 -4.89 8.71 38.64
C LYS C 151 -5.15 10.21 38.51
N ASN C 152 -6.29 10.67 39.08
CA ASN C 152 -6.74 12.07 39.19
C ASN C 152 -6.78 12.67 37.79
N PRO C 153 -7.43 12.00 36.82
CA PRO C 153 -7.41 12.53 35.46
C PRO C 153 -8.15 13.87 35.42
N THR C 154 -7.78 14.68 34.45
CA THR C 154 -8.41 15.98 34.16
C THR C 154 -8.69 16.05 32.66
N ALA C 155 -9.30 17.13 32.18
CA ALA C 155 -9.49 17.36 30.73
C ALA C 155 -8.12 17.29 30.04
N GLN C 156 -7.03 17.68 30.70
CA GLN C 156 -5.66 17.63 30.08
C GLN C 156 -5.25 16.17 29.82
N SER C 157 -5.91 15.20 30.49
CA SER C 157 -5.62 13.75 30.32
C SER C 157 -6.08 13.28 28.93
N GLN C 158 -6.84 14.12 28.23
CA GLN C 158 -7.35 13.85 26.86
C GLN C 158 -6.26 14.23 25.86
N VAL C 159 -5.30 15.01 26.30
CA VAL C 159 -4.16 15.44 25.45
C VAL C 159 -2.92 14.98 26.21
N MET C 160 -2.01 15.85 26.59
CA MET C 160 -0.83 15.36 27.34
C MET C 160 -0.90 15.87 28.76
N ASN C 161 -0.92 14.95 29.72
CA ASN C 161 -0.88 15.27 31.16
C ASN C 161 0.30 14.50 31.69
N THR C 162 1.40 15.17 32.03
CA THR C 162 2.68 14.52 32.46
C THR C 162 2.56 13.82 33.81
N ASP C 163 1.49 14.01 34.59
CA ASP C 163 1.23 13.19 35.80
C ASP C 163 1.19 11.69 35.45
N HIS C 164 0.70 11.28 34.28
CA HIS C 164 0.28 9.86 34.07
C HIS C 164 1.46 9.03 33.57
N LYS C 165 2.40 8.73 34.47
CA LYS C 165 3.56 7.84 34.19
C LYS C 165 3.27 6.53 34.92
N ALA C 166 3.54 5.40 34.30
CA ALA C 166 3.50 4.09 35.00
C ALA C 166 4.51 3.13 34.37
N TYR C 167 4.84 2.10 35.12
CA TYR C 167 5.59 0.93 34.63
C TYR C 167 4.56 -0.14 34.26
N LEU C 168 4.77 -0.81 33.12
CA LEU C 168 3.99 -2.00 32.77
C LEU C 168 4.50 -3.11 33.68
N ASP C 169 4.01 -3.14 34.94
CA ASP C 169 4.60 -3.97 36.03
C ASP C 169 3.65 -5.12 36.41
N LYS C 170 2.50 -5.19 35.75
CA LYS C 170 1.47 -6.22 36.00
C LYS C 170 0.88 -6.63 34.65
N ASN C 171 0.87 -7.94 34.40
CA ASN C 171 0.11 -8.56 33.30
C ASN C 171 -1.39 -8.41 33.56
N ASN C 172 -2.15 -8.14 32.51
CA ASN C 172 -3.64 -8.10 32.51
C ASN C 172 -4.20 -7.05 33.49
N ALA C 173 -3.67 -5.83 33.52
CA ALA C 173 -4.07 -4.76 34.47
C ALA C 173 -4.16 -3.39 33.80
N TYR C 174 -3.25 -3.08 32.87
CA TYR C 174 -3.17 -1.75 32.22
C TYR C 174 -3.95 -1.81 30.92
N PRO C 175 -5.14 -1.19 30.84
CA PRO C 175 -5.95 -1.27 29.64
C PRO C 175 -5.24 -0.57 28.46
N VAL C 176 -5.34 -1.17 27.29
CA VAL C 176 -4.66 -0.65 26.08
C VAL C 176 -5.18 0.74 25.80
N GLU C 177 -6.49 0.98 25.98
CA GLU C 177 -7.11 2.27 25.63
C GLU C 177 -6.62 3.41 26.54
N CYS C 178 -5.94 3.13 27.66
CA CYS C 178 -5.53 4.15 28.66
C CYS C 178 -4.04 4.52 28.54
N TRP C 179 -3.23 3.67 27.91
CA TRP C 179 -1.76 3.74 28.02
C TRP C 179 -1.08 3.61 26.65
N VAL C 180 0.01 4.34 26.47
CA VAL C 180 0.94 4.15 25.32
C VAL C 180 2.34 4.01 25.86
N PRO C 181 3.29 3.49 25.09
CA PRO C 181 4.69 3.59 25.45
C PRO C 181 5.07 5.08 25.44
N ASP C 182 5.90 5.44 26.43
CA ASP C 182 6.33 6.81 26.71
C ASP C 182 7.60 7.08 25.91
N PRO C 183 7.53 7.93 24.85
CA PRO C 183 8.73 8.19 24.04
C PRO C 183 9.74 9.09 24.77
N SER C 184 9.35 9.72 25.88
CA SER C 184 10.28 10.55 26.68
C SER C 184 11.11 9.68 27.63
N ARG C 185 10.80 8.39 27.77
CA ARG C 185 11.60 7.48 28.61
C ARG C 185 11.97 6.24 27.78
N ASN C 186 11.97 5.05 28.36
CA ASN C 186 12.31 3.80 27.64
C ASN C 186 13.71 3.87 27.04
N GLU C 187 14.69 4.47 27.75
CA GLU C 187 16.11 4.52 27.29
C GLU C 187 16.64 3.08 27.19
N ASN C 188 16.04 2.10 27.87
CA ASN C 188 16.65 0.76 27.97
C ASN C 188 15.68 -0.29 27.43
N ALA C 189 14.86 0.11 26.45
CA ALA C 189 13.88 -0.77 25.79
C ALA C 189 13.71 -0.30 24.34
N ARG C 190 13.22 -1.20 23.47
CA ARG C 190 12.87 -0.87 22.08
C ARG C 190 11.40 -1.28 21.91
N TYR C 191 10.55 -0.40 21.37
CA TYR C 191 9.13 -0.72 21.18
C TYR C 191 8.70 -0.31 19.77
N PHE C 192 7.63 -0.97 19.33
CA PHE C 192 7.09 -0.83 17.97
C PHE C 192 5.61 -1.13 18.04
N GLY C 193 4.78 -0.22 17.55
CA GLY C 193 3.33 -0.44 17.45
C GLY C 193 2.69 0.26 16.27
N THR C 194 1.61 -0.33 15.79
CA THR C 194 0.78 0.29 14.74
C THR C 194 -0.67 0.16 15.17
N PHE C 195 -1.36 1.28 15.13
CA PHE C 195 -2.81 1.34 15.35
C PHE C 195 -3.49 1.61 14.01
N THR C 196 -4.51 0.83 13.68
CA THR C 196 -5.38 1.02 12.50
C THR C 196 -6.84 1.08 12.95
N GLY C 197 -7.48 2.23 12.80
CA GLY C 197 -8.83 2.46 13.33
C GLY C 197 -9.88 2.38 12.24
N GLY C 198 -11.06 1.84 12.53
CA GLY C 198 -12.23 2.00 11.64
C GLY C 198 -13.07 0.76 11.59
N GLU C 199 -14.34 0.85 11.22
CA GLU C 199 -15.32 -0.27 11.33
C GLU C 199 -14.95 -1.44 10.40
N ASN C 200 -14.42 -1.16 9.20
CA ASN C 200 -14.29 -2.23 8.17
C ASN C 200 -12.81 -2.51 7.85
N VAL C 201 -11.87 -2.03 8.67
CA VAL C 201 -10.42 -2.31 8.49
C VAL C 201 -10.18 -3.82 8.41
N PRO C 202 -9.56 -4.29 7.30
CA PRO C 202 -9.12 -5.67 7.22
C PRO C 202 -7.88 -5.93 8.07
N PRO C 203 -7.85 -7.00 8.89
CA PRO C 203 -6.58 -7.49 9.46
C PRO C 203 -5.63 -7.86 8.30
N VAL C 204 -4.36 -7.47 8.42
CA VAL C 204 -3.25 -7.85 7.51
C VAL C 204 -2.10 -8.32 8.39
N LEU C 205 -1.82 -9.62 8.39
CA LEU C 205 -0.82 -10.18 9.31
C LEU C 205 0.11 -11.10 8.52
N HIS C 206 1.39 -10.95 8.80
CA HIS C 206 2.47 -11.67 8.07
C HIS C 206 3.14 -12.63 9.05
N VAL C 207 3.51 -13.80 8.56
CA VAL C 207 4.40 -14.72 9.29
C VAL C 207 5.60 -15.05 8.42
N THR C 208 6.73 -15.19 9.06
CA THR C 208 7.95 -15.71 8.43
C THR C 208 8.98 -15.91 9.54
N ASN C 209 9.82 -16.91 9.36
CA ASN C 209 10.91 -17.16 10.31
C ASN C 209 12.20 -16.60 9.74
N THR C 210 12.11 -15.65 8.80
CA THR C 210 13.31 -15.09 8.14
C THR C 210 13.50 -13.63 8.56
N ALA C 211 12.67 -13.09 9.45
CA ALA C 211 12.65 -11.64 9.75
C ALA C 211 13.20 -11.43 11.16
N THR C 212 14.19 -10.56 11.30
CA THR C 212 14.82 -10.29 12.61
C THR C 212 14.87 -8.78 12.81
N THR C 213 14.49 -8.29 13.98
CA THR C 213 14.65 -6.86 14.36
C THR C 213 15.93 -6.68 15.21
N VAL C 214 16.90 -5.88 14.76
CA VAL C 214 18.13 -5.54 15.55
C VAL C 214 17.75 -4.52 16.63
N LEU C 215 18.18 -4.76 17.87
CA LEU C 215 17.76 -3.97 19.07
C LEU C 215 18.90 -3.01 19.50
N LEU C 216 20.01 -2.98 18.77
CA LEU C 216 21.18 -2.13 19.07
C LEU C 216 20.84 -0.67 18.74
N ASP C 217 21.20 0.29 19.60
CA ASP C 217 21.02 1.75 19.26
C ASP C 217 22.10 2.15 18.24
N GLU C 218 22.21 3.44 17.91
CA GLU C 218 23.20 3.94 16.90
C GLU C 218 24.64 3.68 17.40
N GLN C 219 24.85 3.59 18.72
CA GLN C 219 26.17 3.32 19.36
C GLN C 219 26.44 1.80 19.45
N GLY C 220 25.50 0.94 19.04
CA GLY C 220 25.71 -0.52 19.05
C GLY C 220 25.40 -1.17 20.40
N VAL C 221 24.55 -0.55 21.23
CA VAL C 221 24.19 -1.05 22.58
C VAL C 221 22.71 -1.47 22.55
N GLY C 222 22.43 -2.71 22.92
CA GLY C 222 21.05 -3.20 23.06
C GLY C 222 20.57 -2.96 24.48
N PRO C 223 19.27 -3.19 24.74
CA PRO C 223 18.77 -3.20 26.12
C PRO C 223 19.65 -4.09 27.01
N LEU C 224 20.00 -3.58 28.18
CA LEU C 224 20.84 -4.23 29.23
C LEU C 224 19.92 -4.71 30.35
N CYS C 225 20.03 -5.99 30.70
CA CYS C 225 19.06 -6.67 31.57
C CYS C 225 19.45 -6.44 33.04
N LYS C 226 18.68 -5.57 33.72
CA LYS C 226 18.84 -5.22 35.15
C LYS C 226 18.25 -6.36 35.99
N ALA C 227 18.97 -6.71 37.07
CA ALA C 227 18.57 -7.76 38.02
C ALA C 227 18.41 -9.06 37.24
N ASP C 228 19.28 -9.29 36.26
CA ASP C 228 19.29 -10.46 35.32
C ASP C 228 17.86 -10.79 34.86
N SER C 229 17.10 -9.77 34.43
CA SER C 229 15.67 -9.90 34.02
C SER C 229 15.51 -9.29 32.62
N LEU C 230 14.77 -9.96 31.75
CA LEU C 230 14.39 -9.44 30.42
C LEU C 230 12.87 -9.23 30.44
N TYR C 231 12.35 -8.13 29.89
CA TYR C 231 10.91 -7.82 29.89
C TYR C 231 10.41 -7.80 28.44
N VAL C 232 9.40 -8.60 28.17
CA VAL C 232 8.67 -8.62 26.87
C VAL C 232 7.28 -8.08 27.14
N SER C 233 6.79 -7.28 26.21
CA SER C 233 5.49 -6.60 26.30
C SER C 233 4.79 -6.73 24.95
N ALA C 234 3.48 -6.81 24.95
CA ALA C 234 2.68 -6.92 23.71
C ALA C 234 1.26 -6.44 23.91
N ALA C 235 0.65 -6.09 22.78
CA ALA C 235 -0.79 -5.96 22.60
C ALA C 235 -1.12 -6.31 21.15
N ASP C 236 -1.96 -7.32 20.96
CA ASP C 236 -2.33 -7.80 19.62
C ASP C 236 -3.85 -7.93 19.55
N ILE C 237 -4.53 -6.78 19.50
CA ILE C 237 -5.99 -6.72 19.25
C ILE C 237 -6.17 -6.85 17.74
N CYS C 238 -6.72 -7.98 17.29
CA CYS C 238 -6.82 -8.29 15.84
C CYS C 238 -7.99 -7.57 15.20
N GLY C 239 -9.02 -7.23 15.97
CA GLY C 239 -10.26 -6.63 15.49
C GLY C 239 -11.45 -7.13 16.30
N LEU C 240 -12.66 -6.93 15.76
CA LEU C 240 -13.97 -7.26 16.39
C LEU C 240 -14.55 -8.49 15.71
N PHE C 241 -15.00 -9.42 16.56
CA PHE C 241 -15.79 -10.62 16.20
C PHE C 241 -17.27 -10.22 16.37
N THR C 242 -18.06 -10.39 15.32
CA THR C 242 -19.49 -10.00 15.32
C THR C 242 -20.30 -11.28 15.40
N ASN C 243 -21.05 -11.46 16.49
CA ASN C 243 -21.79 -12.73 16.68
C ASN C 243 -23.11 -12.64 15.89
N SER C 244 -23.86 -13.76 15.81
CA SER C 244 -25.15 -13.89 15.08
C SER C 244 -26.08 -12.71 15.36
N SER C 245 -26.15 -12.23 16.61
CA SER C 245 -27.09 -11.18 17.05
C SER C 245 -26.63 -9.76 16.69
N GLY C 246 -25.36 -9.57 16.31
CA GLY C 246 -24.82 -8.23 15.98
C GLY C 246 -23.95 -7.66 17.09
N THR C 247 -23.81 -8.36 18.22
CA THR C 247 -22.89 -7.95 19.32
C THR C 247 -21.43 -8.10 18.82
N GLN C 248 -20.53 -7.29 19.36
CA GLN C 248 -19.12 -7.22 18.93
C GLN C 248 -18.25 -7.48 20.16
N GLN C 249 -17.16 -8.22 19.95
CA GLN C 249 -16.18 -8.61 20.96
C GLN C 249 -14.80 -8.46 20.34
N TRP C 250 -13.85 -7.95 21.09
CA TRP C 250 -12.41 -7.98 20.67
C TRP C 250 -11.91 -9.44 20.59
N ARG C 251 -11.07 -9.75 19.61
CA ARG C 251 -10.30 -10.98 19.53
C ARG C 251 -8.83 -10.59 19.52
N GLY C 252 -8.03 -11.31 20.31
CA GLY C 252 -6.57 -11.14 20.41
C GLY C 252 -5.87 -12.49 20.22
N LEU C 253 -4.59 -12.45 19.87
CA LEU C 253 -3.75 -13.63 19.64
C LEU C 253 -2.48 -13.46 20.45
N ALA C 254 -1.85 -14.58 20.77
CA ALA C 254 -0.55 -14.65 21.47
C ALA C 254 0.53 -14.12 20.54
N ARG C 255 1.63 -13.68 21.14
CA ARG C 255 2.81 -13.23 20.41
C ARG C 255 4.00 -14.06 20.88
N TYR C 256 4.75 -14.57 19.92
CA TYR C 256 6.00 -15.29 20.13
C TYR C 256 7.14 -14.28 20.08
N PHE C 257 8.10 -14.46 20.98
CA PHE C 257 9.40 -13.76 21.02
C PHE C 257 10.53 -14.80 21.11
N LYS C 258 11.54 -14.59 20.29
CA LYS C 258 12.87 -15.24 20.37
C LYS C 258 13.92 -14.15 20.42
N ILE C 259 14.60 -14.02 21.56
CA ILE C 259 15.55 -12.91 21.81
C ILE C 259 16.96 -13.51 21.95
N ARG C 260 17.91 -12.98 21.18
CA ARG C 260 19.33 -13.37 21.23
C ARG C 260 20.02 -12.33 22.10
N LEU C 261 20.76 -12.81 23.10
CA LEU C 261 21.45 -11.97 24.10
C LEU C 261 22.94 -12.34 24.11
N ARG C 262 23.77 -11.36 24.44
CA ARG C 262 25.23 -11.52 24.60
C ARG C 262 25.63 -10.88 25.93
N LYS C 263 26.81 -11.21 26.43
CA LYS C 263 27.31 -10.72 27.74
C LYS C 263 28.02 -9.40 27.43
N ARG C 264 27.71 -8.34 28.20
CA ARG C 264 28.46 -7.06 28.11
C ARG C 264 29.05 -6.71 29.48
N SER C 265 30.34 -6.31 29.48
CA SER C 265 31.09 -5.80 30.66
C SER C 265 30.61 -4.38 30.94
N VAL C 266 30.20 -4.11 32.18
CA VAL C 266 29.74 -2.76 32.65
C VAL C 266 30.55 -2.39 33.90
N LYS C 267 30.16 -1.33 34.62
CA LYS C 267 30.83 -0.84 35.87
C LYS C 267 29.83 0.01 36.65
N VAL D 3 6.24 -33.05 -10.88
CA VAL D 3 7.58 -32.84 -10.26
C VAL D 3 8.65 -33.29 -11.26
N GLU D 4 9.58 -32.39 -11.62
CA GLU D 4 10.82 -32.66 -12.43
C GLU D 4 12.05 -32.36 -11.56
N VAL D 5 13.00 -33.30 -11.50
CA VAL D 5 14.31 -33.19 -10.76
C VAL D 5 15.41 -33.22 -11.82
N LEU D 6 16.03 -32.07 -12.11
CA LEU D 6 16.95 -31.84 -13.26
C LEU D 6 18.38 -31.57 -12.71
N GLU D 7 19.34 -32.46 -12.97
CA GLU D 7 20.80 -32.22 -12.69
C GLU D 7 21.34 -31.19 -13.70
N VAL D 8 21.28 -29.88 -13.34
CA VAL D 8 21.76 -28.72 -14.15
C VAL D 8 23.28 -28.86 -14.36
N LYS D 9 24.07 -29.05 -13.29
CA LYS D 9 25.54 -29.36 -13.31
C LYS D 9 25.82 -30.57 -12.40
N THR D 10 26.84 -31.38 -12.73
CA THR D 10 27.41 -32.44 -11.85
C THR D 10 28.73 -31.91 -11.26
N GLY D 11 29.32 -32.65 -10.32
CA GLY D 11 30.61 -32.32 -9.67
C GLY D 11 30.43 -31.70 -8.29
N VAL D 12 31.49 -31.07 -7.77
CA VAL D 12 31.52 -30.46 -6.41
C VAL D 12 30.55 -29.26 -6.40
N ASP D 13 30.44 -28.53 -7.51
CA ASP D 13 29.53 -27.35 -7.71
C ASP D 13 28.23 -27.80 -8.40
N ALA D 14 27.82 -29.07 -8.19
CA ALA D 14 26.53 -29.67 -8.61
C ALA D 14 25.40 -28.72 -8.19
N ILE D 15 24.53 -28.37 -9.14
CA ILE D 15 23.21 -27.71 -8.87
C ILE D 15 22.11 -28.69 -9.29
N THR D 16 21.12 -28.94 -8.45
CA THR D 16 19.90 -29.64 -8.90
C THR D 16 18.75 -28.64 -8.85
N GLU D 17 17.95 -28.56 -9.91
CA GLU D 17 16.72 -27.73 -9.95
C GLU D 17 15.52 -28.66 -9.79
N VAL D 18 14.70 -28.37 -8.80
CA VAL D 18 13.47 -29.16 -8.54
C VAL D 18 12.30 -28.24 -8.92
N GLU D 19 11.43 -28.73 -9.78
CA GLU D 19 10.22 -27.98 -10.18
C GLU D 19 8.98 -28.77 -9.73
N CYS D 20 7.96 -28.08 -9.22
CA CYS D 20 6.67 -28.78 -8.97
CA CYS D 20 6.72 -28.75 -8.70
C CYS D 20 5.52 -27.80 -8.81
N PHE D 21 4.36 -28.29 -9.24
CA PHE D 21 3.06 -27.59 -9.13
C PHE D 21 2.31 -28.29 -8.02
N LEU D 22 2.06 -27.62 -6.88
CA LEU D 22 1.34 -28.20 -5.74
C LEU D 22 -0.13 -27.79 -5.83
N ASN D 23 -1.03 -28.74 -5.94
CA ASN D 23 -2.47 -28.47 -6.06
C ASN D 23 -3.00 -27.94 -4.73
N PRO D 24 -4.01 -27.06 -4.78
CA PRO D 24 -4.68 -26.57 -3.57
C PRO D 24 -5.63 -27.66 -3.07
N GLU D 25 -5.96 -27.60 -1.79
CA GLU D 25 -6.85 -28.57 -1.14
C GLU D 25 -7.96 -27.80 -0.43
N MET D 26 -8.92 -27.28 -1.21
CA MET D 26 -9.97 -26.40 -0.69
C MET D 26 -11.20 -27.19 -0.18
N GLY D 27 -11.28 -28.49 -0.42
CA GLY D 27 -12.43 -29.31 0.01
C GLY D 27 -12.93 -30.19 -1.12
N ASP D 28 -13.07 -29.64 -2.31
CA ASP D 28 -13.44 -30.38 -3.56
C ASP D 28 -14.78 -31.09 -3.34
N PRO D 29 -15.89 -30.36 -3.16
CA PRO D 29 -17.12 -30.97 -2.66
C PRO D 29 -17.78 -31.93 -3.67
N ASP D 30 -17.51 -31.76 -4.97
CA ASP D 30 -18.02 -32.67 -6.03
C ASP D 30 -16.96 -32.70 -7.12
N GLU D 31 -17.07 -33.67 -8.01
CA GLU D 31 -16.02 -34.03 -8.98
C GLU D 31 -15.81 -32.86 -9.93
N ASN D 32 -16.80 -31.95 -10.06
CA ASN D 32 -16.78 -30.80 -11.00
C ASN D 32 -16.24 -29.53 -10.33
N LEU D 33 -16.10 -29.49 -9.01
CA LEU D 33 -15.69 -28.27 -8.30
C LEU D 33 -14.33 -28.51 -7.62
N ARG D 34 -13.41 -29.20 -8.31
CA ARG D 34 -11.98 -29.23 -7.97
C ARG D 34 -11.48 -27.77 -7.83
N GLY D 35 -10.82 -27.43 -6.72
CA GLY D 35 -10.35 -26.04 -6.49
C GLY D 35 -11.28 -25.19 -5.64
N PHE D 36 -12.46 -25.70 -5.27
CA PHE D 36 -13.46 -24.99 -4.46
C PHE D 36 -13.73 -25.78 -3.18
N SER D 37 -14.24 -25.09 -2.18
CA SER D 37 -14.80 -25.73 -0.98
C SER D 37 -16.30 -26.00 -1.21
N LEU D 38 -16.89 -26.77 -0.30
CA LEU D 38 -18.35 -26.80 -0.02
C LEU D 38 -18.79 -25.42 0.41
N LYS D 39 -20.01 -25.03 0.05
CA LYS D 39 -20.67 -23.78 0.52
C LYS D 39 -20.46 -23.63 2.03
N LEU D 40 -20.13 -22.42 2.48
CA LEU D 40 -20.02 -22.11 3.92
C LEU D 40 -21.42 -22.14 4.55
N SER D 41 -21.55 -22.79 5.71
CA SER D 41 -22.75 -22.79 6.58
C SER D 41 -22.33 -22.22 7.92
N VAL D 42 -23.17 -21.43 8.57
CA VAL D 42 -22.83 -20.84 9.90
C VAL D 42 -23.75 -21.44 10.96
N GLN D 43 -23.21 -22.05 12.01
CA GLN D 43 -23.97 -22.37 13.24
C GLN D 43 -24.12 -21.09 14.07
N ASN D 44 -25.24 -20.95 14.80
CA ASN D 44 -25.54 -19.80 15.71
C ASN D 44 -24.49 -19.70 16.82
N ASP D 45 -23.98 -20.82 17.35
CA ASP D 45 -23.19 -20.83 18.61
C ASP D 45 -21.93 -21.70 18.50
N PHE D 46 -20.90 -21.34 19.29
CA PHE D 46 -19.62 -22.04 19.48
C PHE D 46 -19.89 -23.46 20.03
N SER D 47 -20.92 -23.64 20.85
CA SER D 47 -21.22 -24.94 21.53
C SER D 47 -21.67 -26.00 20.52
N SER D 48 -22.14 -25.61 19.33
CA SER D 48 -22.71 -26.53 18.31
C SER D 48 -22.03 -26.32 16.96
N ASP D 49 -20.70 -26.37 16.92
CA ASP D 49 -19.93 -26.03 15.69
C ASP D 49 -19.33 -27.32 15.17
N SER D 50 -19.91 -27.86 14.11
CA SER D 50 -19.53 -29.16 13.52
C SER D 50 -19.36 -28.99 12.02
N PRO D 51 -18.28 -28.32 11.55
CA PRO D 51 -18.08 -28.12 10.13
C PRO D 51 -17.93 -29.44 9.37
N GLN D 52 -18.48 -29.47 8.15
CA GLN D 52 -18.33 -30.60 7.22
C GLN D 52 -16.91 -30.59 6.61
N ARG D 53 -16.40 -31.79 6.38
CA ARG D 53 -15.06 -32.06 5.83
C ARG D 53 -14.83 -31.22 4.57
N LYS D 54 -15.76 -31.21 3.63
CA LYS D 54 -15.49 -30.64 2.30
C LYS D 54 -15.56 -29.09 2.35
N MET D 55 -15.90 -28.51 3.49
CA MET D 55 -16.03 -27.04 3.68
C MET D 55 -14.71 -26.45 4.21
N LEU D 56 -13.76 -27.28 4.62
CA LEU D 56 -12.53 -26.85 5.31
C LEU D 56 -11.32 -26.96 4.40
N PRO D 57 -10.78 -25.83 3.87
CA PRO D 57 -9.50 -25.88 3.19
C PRO D 57 -8.39 -26.39 4.10
N CYS D 58 -7.49 -27.18 3.52
CA CYS D 58 -6.35 -27.78 4.22
C CYS D 58 -5.02 -27.33 3.59
N TYR D 59 -3.92 -27.40 4.34
CA TYR D 59 -2.55 -27.20 3.83
C TYR D 59 -2.27 -28.28 2.80
N SER D 60 -1.63 -27.84 1.74
CA SER D 60 -0.99 -28.69 0.71
C SER D 60 0.44 -29.02 1.12
N THR D 61 0.92 -30.24 0.87
CA THR D 61 2.34 -30.57 1.13
C THR D 61 2.77 -31.71 0.23
N ALA D 62 4.04 -31.76 -0.11
CA ALA D 62 4.62 -32.92 -0.79
C ALA D 62 6.05 -33.09 -0.34
N ARG D 63 6.48 -34.36 -0.30
CA ARG D 63 7.89 -34.73 -0.10
C ARG D 63 8.45 -35.14 -1.46
N ILE D 64 9.54 -34.52 -1.87
CA ILE D 64 10.27 -34.74 -3.14
C ILE D 64 11.59 -35.45 -2.81
N PRO D 65 11.75 -36.72 -3.25
CA PRO D 65 13.01 -37.45 -3.07
C PRO D 65 14.05 -36.88 -4.03
N LEU D 66 15.28 -36.75 -3.56
CA LEU D 66 16.42 -36.17 -4.30
C LEU D 66 17.43 -37.27 -4.59
N PRO D 67 18.37 -37.06 -5.55
CA PRO D 67 19.42 -38.06 -5.80
C PRO D 67 20.27 -38.37 -4.57
N ASN D 68 20.55 -39.65 -4.33
CA ASN D 68 21.53 -40.08 -3.29
C ASN D 68 22.91 -39.47 -3.58
N LEU D 69 23.56 -38.94 -2.57
CA LEU D 69 24.83 -38.17 -2.72
C LEU D 69 26.06 -38.95 -2.25
N ASN D 70 25.85 -39.92 -1.36
CA ASN D 70 26.94 -40.56 -0.58
C ASN D 70 27.12 -41.98 -1.09
N GLU D 71 28.24 -42.24 -1.77
CA GLU D 71 28.66 -43.61 -2.19
C GLU D 71 28.99 -44.39 -0.91
N ASP D 72 29.75 -43.80 0.00
CA ASP D 72 30.23 -44.50 1.22
C ASP D 72 29.53 -43.90 2.45
N LEU D 73 28.67 -44.69 3.11
CA LEU D 73 27.88 -44.20 4.27
C LEU D 73 28.74 -44.09 5.54
N THR D 74 29.97 -44.59 5.49
CA THR D 74 30.86 -44.75 6.68
C THR D 74 31.86 -43.60 6.78
N SER D 75 31.87 -42.65 5.84
CA SER D 75 32.91 -41.57 5.78
C SER D 75 32.65 -40.54 6.90
N GLY D 76 33.74 -39.96 7.43
CA GLY D 76 33.71 -38.90 8.45
C GLY D 76 32.85 -37.72 8.03
N ASN D 77 32.79 -37.41 6.73
CA ASN D 77 31.88 -36.39 6.14
C ASN D 77 30.92 -37.03 5.14
N LEU D 78 29.68 -36.52 5.13
CA LEU D 78 28.60 -36.89 4.19
C LEU D 78 28.13 -35.62 3.48
N LEU D 79 27.50 -35.81 2.33
CA LEU D 79 26.93 -34.70 1.51
C LEU D 79 25.42 -34.65 1.73
N MET D 80 24.87 -33.44 1.87
CA MET D 80 23.41 -33.20 1.91
C MET D 80 23.09 -32.14 0.85
N TRP D 81 21.93 -32.31 0.21
CA TRP D 81 21.29 -31.28 -0.63
C TRP D 81 20.90 -30.11 0.27
N GLU D 82 21.27 -28.91 -0.16
CA GLU D 82 21.00 -27.65 0.55
C GLU D 82 20.18 -26.79 -0.42
N ALA D 83 18.99 -26.39 0.00
CA ALA D 83 18.07 -25.52 -0.77
C ALA D 83 18.58 -24.09 -0.68
N VAL D 84 18.98 -23.49 -1.81
CA VAL D 84 19.60 -22.13 -1.74
CA VAL D 84 19.63 -22.15 -1.87
C VAL D 84 18.60 -21.07 -2.24
N THR D 85 17.78 -21.35 -3.25
CA THR D 85 16.78 -20.34 -3.72
C THR D 85 15.45 -21.02 -4.04
N VAL D 86 14.38 -20.23 -4.04
CA VAL D 86 13.06 -20.66 -4.55
C VAL D 86 12.46 -19.53 -5.36
N GLN D 87 11.88 -19.89 -6.50
CA GLN D 87 10.95 -19.03 -7.26
C GLN D 87 9.59 -19.69 -7.13
N THR D 88 8.57 -18.91 -6.81
CA THR D 88 7.23 -19.45 -6.56
C THR D 88 6.22 -18.45 -7.10
N GLU D 89 5.10 -18.98 -7.57
CA GLU D 89 3.94 -18.11 -7.80
C GLU D 89 2.67 -18.94 -7.88
N VAL D 90 1.57 -18.22 -7.67
CA VAL D 90 0.22 -18.82 -7.72
C VAL D 90 -0.17 -18.92 -9.18
N ILE D 91 -0.76 -20.06 -9.57
CA ILE D 91 -1.03 -20.42 -11.00
C ILE D 91 -2.52 -20.28 -11.30
N GLY D 92 -2.84 -19.50 -12.34
CA GLY D 92 -4.22 -19.34 -12.83
C GLY D 92 -4.93 -18.14 -12.24
N ILE D 93 -4.19 -17.10 -11.84
CA ILE D 93 -4.84 -15.92 -11.19
C ILE D 93 -5.85 -15.27 -12.16
N THR D 94 -5.65 -15.33 -13.46
CA THR D 94 -6.56 -14.66 -14.43
C THR D 94 -7.91 -15.41 -14.54
N SER D 95 -8.02 -16.64 -14.03
CA SER D 95 -9.29 -17.41 -14.11
C SER D 95 -10.36 -16.68 -13.32
N MET D 96 -9.99 -15.82 -12.37
CA MET D 96 -10.94 -14.94 -11.65
C MET D 96 -11.52 -13.85 -12.54
N LEU D 97 -11.09 -13.72 -13.80
CA LEU D 97 -11.76 -12.78 -14.74
C LEU D 97 -12.99 -13.41 -15.41
N ASN D 98 -13.25 -14.70 -15.17
CA ASN D 98 -14.53 -15.33 -15.58
C ASN D 98 -15.63 -14.81 -14.64
N LEU D 99 -16.36 -13.79 -15.05
CA LEU D 99 -17.51 -13.26 -14.27
C LEU D 99 -18.84 -13.65 -14.96
N HIS D 100 -18.82 -14.71 -15.78
CA HIS D 100 -19.97 -15.08 -16.64
C HIS D 100 -20.58 -16.42 -16.25
N ALA D 101 -19.95 -17.14 -15.35
CA ALA D 101 -20.26 -18.53 -14.97
C ALA D 101 -20.67 -18.58 -13.49
N GLY D 102 -21.95 -18.80 -13.22
CA GLY D 102 -22.43 -19.33 -11.94
C GLY D 102 -22.39 -18.32 -10.81
N SER D 103 -22.13 -17.04 -11.08
CA SER D 103 -21.84 -16.07 -9.99
C SER D 103 -23.03 -15.13 -9.78
N GLN D 104 -23.20 -14.65 -8.56
CA GLN D 104 -24.23 -13.66 -8.23
C GLN D 104 -23.96 -12.40 -9.03
N LYS D 105 -24.96 -11.81 -9.66
CA LYS D 105 -24.81 -10.48 -10.32
C LYS D 105 -24.54 -9.43 -9.24
N VAL D 106 -23.69 -8.45 -9.57
CA VAL D 106 -23.33 -7.37 -8.61
C VAL D 106 -24.55 -6.50 -8.36
N HIS D 107 -25.34 -6.27 -9.40
CA HIS D 107 -26.66 -5.59 -9.34
C HIS D 107 -27.46 -6.10 -10.55
N GLU D 108 -28.74 -5.71 -10.70
CA GLU D 108 -29.55 -6.18 -11.86
C GLU D 108 -28.80 -5.78 -13.15
N HIS D 109 -28.58 -6.71 -14.05
CA HIS D 109 -28.00 -6.49 -15.40
C HIS D 109 -26.47 -6.31 -15.38
N GLY D 110 -25.83 -6.33 -14.20
CA GLY D 110 -24.38 -6.23 -14.03
C GLY D 110 -23.67 -7.56 -14.27
N GLY D 111 -22.33 -7.51 -14.22
CA GLY D 111 -21.53 -8.74 -14.32
C GLY D 111 -21.59 -9.55 -13.04
N GLY D 112 -21.06 -10.77 -13.09
CA GLY D 112 -20.86 -11.66 -11.95
C GLY D 112 -19.99 -11.00 -10.88
N LYS D 113 -20.20 -11.39 -9.64
CA LYS D 113 -19.43 -10.84 -8.50
C LYS D 113 -18.06 -11.51 -8.55
N PRO D 114 -16.96 -10.72 -8.52
CA PRO D 114 -15.63 -11.31 -8.44
C PRO D 114 -15.44 -12.11 -7.15
N ILE D 115 -14.50 -13.03 -7.17
CA ILE D 115 -13.94 -13.68 -5.96
C ILE D 115 -13.29 -12.58 -5.12
N GLN D 116 -13.59 -12.59 -3.83
CA GLN D 116 -13.09 -11.57 -2.88
C GLN D 116 -13.33 -12.09 -1.48
N GLY D 117 -12.74 -11.41 -0.51
CA GLY D 117 -12.90 -11.70 0.91
C GLY D 117 -11.62 -12.22 1.48
N SER D 118 -11.72 -12.84 2.65
CA SER D 118 -10.56 -13.32 3.42
C SER D 118 -9.68 -14.20 2.55
N ASN D 119 -8.37 -14.01 2.66
CA ASN D 119 -7.44 -14.83 1.89
C ASN D 119 -6.19 -15.09 2.72
N PHE D 120 -5.48 -16.13 2.34
CA PHE D 120 -4.22 -16.56 2.97
C PHE D 120 -3.33 -17.13 1.87
N HIS D 121 -2.14 -16.61 1.75
CA HIS D 121 -1.15 -17.06 0.75
C HIS D 121 0.10 -17.40 1.53
N PHE D 122 0.55 -18.65 1.44
CA PHE D 122 1.59 -19.19 2.32
C PHE D 122 2.36 -20.23 1.56
N PHE D 123 3.68 -20.24 1.72
CA PHE D 123 4.54 -21.34 1.24
C PHE D 123 5.68 -21.57 2.23
N ALA D 124 6.25 -22.77 2.12
CA ALA D 124 7.44 -23.16 2.88
C ALA D 124 8.26 -24.15 2.06
N VAL D 125 9.57 -24.10 2.31
CA VAL D 125 10.58 -25.00 1.70
C VAL D 125 11.44 -25.47 2.85
N GLY D 126 11.54 -26.79 3.05
CA GLY D 126 12.30 -27.30 4.20
C GLY D 126 12.98 -28.63 3.92
N GLY D 127 13.93 -28.98 4.77
CA GLY D 127 14.65 -30.26 4.69
C GLY D 127 14.04 -31.32 5.61
N GLU D 128 12.90 -30.99 6.20
CA GLU D 128 12.08 -31.88 7.04
C GLU D 128 10.67 -31.33 6.95
N PRO D 129 9.65 -32.09 7.40
CA PRO D 129 8.27 -31.61 7.41
C PRO D 129 8.12 -30.26 8.12
N LEU D 130 7.19 -29.45 7.65
CA LEU D 130 6.88 -28.17 8.33
C LEU D 130 6.37 -28.48 9.74
N GLU D 131 6.88 -27.76 10.74
CA GLU D 131 6.41 -27.90 12.12
C GLU D 131 5.28 -26.90 12.33
N MET D 132 4.16 -27.38 12.85
CA MET D 132 2.96 -26.54 13.01
C MET D 132 2.52 -26.47 14.48
N GLN D 133 1.95 -25.33 14.83
CA GLN D 133 1.32 -25.01 16.14
C GLN D 133 -0.18 -24.87 15.91
N GLY D 134 -0.99 -25.53 16.74
CA GLY D 134 -2.46 -25.38 16.66
C GLY D 134 -2.96 -24.17 17.41
N VAL D 135 -3.88 -23.44 16.82
CA VAL D 135 -4.66 -22.35 17.47
C VAL D 135 -6.06 -22.44 16.86
N LEU D 136 -7.08 -22.40 17.70
CA LEU D 136 -8.47 -22.48 17.26
C LEU D 136 -9.21 -21.19 17.54
N MET D 137 -10.13 -20.83 16.64
CA MET D 137 -11.15 -19.81 16.92
C MET D 137 -11.98 -20.25 18.14
N ASN D 138 -12.33 -21.54 18.18
CA ASN D 138 -13.36 -22.04 19.12
C ASN D 138 -12.97 -23.45 19.52
N TYR D 139 -12.48 -23.64 20.75
CA TYR D 139 -11.86 -24.93 21.14
C TYR D 139 -12.93 -26.04 21.12
N ARG D 140 -14.22 -25.69 21.13
CA ARG D 140 -15.35 -26.65 21.24
C ARG D 140 -15.81 -27.07 19.84
N SER D 141 -15.21 -26.56 18.77
CA SER D 141 -15.45 -27.08 17.41
C SER D 141 -15.25 -28.60 17.41
N LYS D 142 -16.17 -29.30 16.77
CA LYS D 142 -16.07 -30.75 16.47
C LYS D 142 -15.66 -30.89 15.01
N TYR D 143 -14.43 -31.32 14.78
CA TYR D 143 -13.85 -31.37 13.42
C TYR D 143 -14.16 -32.74 12.87
N PRO D 144 -14.37 -32.82 11.54
CA PRO D 144 -14.82 -34.06 10.92
C PRO D 144 -13.71 -35.09 10.63
N ASP D 145 -14.15 -36.34 10.53
CA ASP D 145 -13.30 -37.49 10.15
C ASP D 145 -12.58 -37.12 8.85
N GLY D 146 -11.29 -37.43 8.75
CA GLY D 146 -10.45 -37.10 7.59
C GLY D 146 -9.59 -35.86 7.88
N THR D 147 -9.93 -35.06 8.89
CA THR D 147 -9.10 -33.89 9.29
C THR D 147 -8.25 -34.29 10.49
N ILE D 148 -7.08 -33.67 10.61
CA ILE D 148 -6.18 -33.76 11.77
C ILE D 148 -6.14 -32.39 12.43
N THR D 149 -6.62 -32.33 13.68
CA THR D 149 -6.85 -31.06 14.42
C THR D 149 -6.33 -31.22 15.84
N PRO D 150 -6.10 -30.11 16.57
CA PRO D 150 -5.57 -30.18 17.92
C PRO D 150 -6.35 -31.16 18.81
N LYS D 151 -5.63 -32.05 19.50
CA LYS D 151 -6.15 -33.15 20.36
C LYS D 151 -6.41 -32.59 21.74
N ASN D 152 -7.58 -32.91 22.31
CA ASN D 152 -8.00 -32.54 23.69
C ASN D 152 -7.75 -31.06 23.89
N PRO D 153 -8.33 -30.22 23.02
CA PRO D 153 -8.15 -28.78 23.13
C PRO D 153 -8.85 -28.31 24.39
N THR D 154 -8.40 -27.17 24.93
CA THR D 154 -9.01 -26.45 26.07
C THR D 154 -9.27 -25.00 25.64
N ALA D 155 -9.92 -24.21 26.48
CA ALA D 155 -10.13 -22.77 26.19
C ALA D 155 -8.77 -22.12 25.90
N GLN D 156 -7.68 -22.63 26.48
CA GLN D 156 -6.31 -22.11 26.28
C GLN D 156 -5.85 -22.39 24.83
N SER D 157 -6.55 -23.28 24.12
CA SER D 157 -6.27 -23.61 22.69
C SER D 157 -6.68 -22.45 21.79
N GLN D 158 -7.48 -21.51 22.28
CA GLN D 158 -7.92 -20.32 21.52
C GLN D 158 -6.82 -19.25 21.53
N VAL D 159 -5.85 -19.36 22.45
CA VAL D 159 -4.64 -18.48 22.47
C VAL D 159 -3.46 -19.42 22.22
N MET D 160 -2.53 -19.64 23.15
CA MET D 160 -1.38 -20.55 22.95
C MET D 160 -1.46 -21.76 23.89
N ASN D 161 -1.61 -22.95 23.32
CA ASN D 161 -1.52 -24.23 24.08
C ASN D 161 -0.38 -25.04 23.48
N THR D 162 0.73 -25.21 24.21
CA THR D 162 2.00 -25.77 23.69
C THR D 162 1.88 -27.29 23.44
N ASP D 163 0.80 -27.90 23.90
CA ASP D 163 0.42 -29.29 23.53
C ASP D 163 0.22 -29.46 22.02
N HIS D 164 -0.28 -28.44 21.30
CA HIS D 164 -0.71 -28.61 19.88
C HIS D 164 0.47 -28.42 18.93
N LYS D 165 1.41 -29.37 18.92
CA LYS D 165 2.55 -29.44 18.00
C LYS D 165 2.26 -30.53 16.96
N ALA D 166 2.54 -30.30 15.67
CA ALA D 166 2.35 -31.34 14.62
C ALA D 166 3.30 -31.13 13.46
N TYR D 167 3.72 -32.21 12.78
CA TYR D 167 4.36 -32.15 11.45
C TYR D 167 3.24 -32.04 10.40
N LEU D 168 3.41 -31.19 9.39
CA LEU D 168 2.54 -31.21 8.19
C LEU D 168 2.97 -32.41 7.38
N ASP D 169 2.44 -33.56 7.76
CA ASP D 169 2.93 -34.89 7.29
C ASP D 169 1.81 -35.57 6.54
N LYS D 170 0.73 -34.88 6.21
CA LYS D 170 -0.32 -35.45 5.32
C LYS D 170 -0.96 -34.34 4.49
N ASN D 171 -0.99 -34.54 3.18
CA ASN D 171 -1.72 -33.66 2.22
C ASN D 171 -3.22 -33.71 2.51
N ASN D 172 -3.91 -32.57 2.34
CA ASN D 172 -5.38 -32.46 2.44
C ASN D 172 -5.90 -33.02 3.78
N ALA D 173 -5.31 -32.69 4.94
CA ALA D 173 -5.75 -33.22 6.26
C ALA D 173 -5.67 -32.19 7.39
N TYR D 174 -4.69 -31.29 7.36
CA TYR D 174 -4.55 -30.25 8.41
C TYR D 174 -5.32 -29.00 7.99
N PRO D 175 -6.47 -28.68 8.59
CA PRO D 175 -7.23 -27.51 8.18
C PRO D 175 -6.41 -26.22 8.40
N VAL D 176 -6.48 -25.33 7.42
CA VAL D 176 -5.73 -24.06 7.50
C VAL D 176 -6.21 -23.32 8.76
N GLU D 177 -7.50 -23.35 9.05
CA GLU D 177 -8.08 -22.62 10.19
C GLU D 177 -7.58 -23.13 11.55
N CYS D 178 -6.95 -24.31 11.65
CA CYS D 178 -6.53 -24.88 12.96
C CYS D 178 -5.01 -24.73 13.21
N TRP D 179 -4.21 -24.44 12.20
CA TRP D 179 -2.75 -24.63 12.29
C TRP D 179 -2.01 -23.43 11.66
N VAL D 180 -0.90 -23.06 12.26
CA VAL D 180 0.06 -22.12 11.65
C VAL D 180 1.45 -22.72 11.73
N PRO D 181 2.41 -22.22 10.93
CA PRO D 181 3.82 -22.61 11.10
C PRO D 181 4.24 -22.19 12.51
N ASP D 182 5.04 -23.05 13.15
CA ASP D 182 5.52 -22.84 14.53
C ASP D 182 6.83 -22.07 14.51
N PRO D 183 6.87 -20.76 14.92
CA PRO D 183 8.10 -19.97 14.88
C PRO D 183 9.10 -20.39 15.96
N SER D 184 8.70 -21.21 16.95
CA SER D 184 9.62 -21.79 17.98
C SER D 184 10.38 -23.01 17.42
N ARG D 185 9.99 -23.54 16.26
CA ARG D 185 10.75 -24.66 15.64
C ARG D 185 11.08 -24.27 14.20
N ASN D 186 10.99 -25.20 13.26
CA ASN D 186 11.34 -24.92 11.85
C ASN D 186 12.74 -24.33 11.70
N GLU D 187 13.76 -24.91 12.32
CA GLU D 187 15.16 -24.43 12.20
C GLU D 187 15.68 -24.79 10.82
N ASN D 188 15.11 -25.82 10.21
CA ASN D 188 15.58 -26.39 8.92
C ASN D 188 14.54 -26.17 7.81
N ALA D 189 13.81 -25.04 7.86
CA ALA D 189 12.79 -24.69 6.85
C ALA D 189 12.70 -23.16 6.81
N ARG D 190 12.26 -22.61 5.68
CA ARG D 190 11.88 -21.17 5.58
C ARG D 190 10.39 -21.13 5.22
N TYR D 191 9.62 -20.25 5.85
CA TYR D 191 8.18 -20.13 5.57
C TYR D 191 7.83 -18.64 5.52
N PHE D 192 6.79 -18.36 4.74
CA PHE D 192 6.32 -16.99 4.42
C PHE D 192 4.82 -17.07 4.20
N GLY D 193 4.07 -16.27 4.96
CA GLY D 193 2.61 -16.22 4.80
C GLY D 193 2.06 -14.83 5.09
N THR D 194 0.96 -14.49 4.41
CA THR D 194 0.17 -13.26 4.66
C THR D 194 -1.30 -13.66 4.70
N PHE D 195 -1.95 -13.24 5.77
CA PHE D 195 -3.40 -13.39 5.99
C PHE D 195 -4.00 -11.99 5.88
N THR D 196 -5.07 -11.88 5.11
CA THR D 196 -5.84 -10.63 4.93
C THR D 196 -7.30 -10.97 5.14
N GLY D 197 -7.92 -10.40 6.16
CA GLY D 197 -9.30 -10.76 6.49
C GLY D 197 -10.27 -9.65 6.15
N GLY D 198 -11.49 -10.02 5.78
CA GLY D 198 -12.59 -9.07 5.57
C GLY D 198 -13.41 -9.49 4.38
N GLU D 199 -14.73 -9.26 4.39
CA GLU D 199 -15.57 -9.85 3.32
C GLU D 199 -15.37 -9.12 2.00
N ASN D 200 -14.85 -7.89 1.98
CA ASN D 200 -14.70 -7.14 0.71
C ASN D 200 -13.22 -7.03 0.28
N VAL D 201 -12.34 -7.78 0.90
CA VAL D 201 -10.89 -7.70 0.58
C VAL D 201 -10.67 -8.11 -0.89
N PRO D 202 -10.02 -7.25 -1.68
CA PRO D 202 -9.64 -7.61 -3.04
C PRO D 202 -8.43 -8.53 -3.06
N PRO D 203 -8.47 -9.65 -3.80
CA PRO D 203 -7.26 -10.45 -4.04
C PRO D 203 -6.26 -9.58 -4.82
N VAL D 204 -5.00 -9.57 -4.40
CA VAL D 204 -3.89 -8.91 -5.12
C VAL D 204 -2.80 -9.96 -5.31
N LEU D 205 -2.58 -10.39 -6.53
CA LEU D 205 -1.60 -11.48 -6.82
C LEU D 205 -0.67 -11.04 -7.95
N HIS D 206 0.61 -11.25 -7.76
CA HIS D 206 1.68 -10.89 -8.72
C HIS D 206 2.30 -12.15 -9.30
N VAL D 207 2.67 -12.09 -10.57
CA VAL D 207 3.42 -13.16 -11.24
C VAL D 207 4.62 -12.49 -11.92
N THR D 208 5.74 -13.17 -11.90
CA THR D 208 6.94 -12.79 -12.63
C THR D 208 7.94 -13.93 -12.54
N ASN D 209 8.72 -14.12 -13.58
CA ASN D 209 9.76 -15.17 -13.59
C ASN D 209 11.11 -14.52 -13.22
N THR D 210 11.11 -13.30 -12.71
CA THR D 210 12.34 -12.55 -12.36
C THR D 210 12.54 -12.52 -10.84
N ALA D 211 11.65 -13.08 -10.04
CA ALA D 211 11.69 -12.87 -8.56
C ALA D 211 12.23 -14.14 -7.93
N THR D 212 13.30 -14.03 -7.17
CA THR D 212 13.90 -15.19 -6.47
C THR D 212 13.95 -14.94 -4.97
N THR D 213 13.54 -15.90 -4.14
CA THR D 213 13.73 -15.82 -2.68
C THR D 213 14.99 -16.60 -2.29
N VAL D 214 15.92 -15.96 -1.60
CA VAL D 214 17.13 -16.66 -1.09
C VAL D 214 16.78 -17.36 0.22
N LEU D 215 17.15 -18.65 0.38
CA LEU D 215 16.76 -19.46 1.54
C LEU D 215 17.90 -19.60 2.56
N LEU D 216 19.06 -18.98 2.31
CA LEU D 216 20.23 -19.04 3.23
C LEU D 216 19.92 -18.25 4.50
N ASP D 217 20.28 -18.77 5.67
CA ASP D 217 20.18 -18.02 6.96
C ASP D 217 21.36 -17.05 7.06
N GLU D 218 21.51 -16.41 8.22
CA GLU D 218 22.56 -15.39 8.52
C GLU D 218 23.95 -15.99 8.28
N GLN D 219 24.11 -17.30 8.52
CA GLN D 219 25.42 -18.00 8.42
C GLN D 219 25.60 -18.54 6.99
N GLY D 220 24.72 -18.22 6.04
CA GLY D 220 24.90 -18.68 4.64
C GLY D 220 24.49 -20.13 4.43
N VAL D 221 23.67 -20.68 5.31
CA VAL D 221 23.22 -22.10 5.23
C VAL D 221 21.70 -22.14 4.93
N GLY D 222 21.34 -22.88 3.90
CA GLY D 222 19.96 -23.18 3.47
C GLY D 222 19.39 -24.38 4.21
N PRO D 223 18.09 -24.67 4.06
CA PRO D 223 17.53 -25.93 4.53
C PRO D 223 18.35 -27.11 3.98
N LEU D 224 18.63 -28.08 4.85
CA LEU D 224 19.41 -29.34 4.57
C LEU D 224 18.43 -30.51 4.49
N CYS D 225 18.43 -31.20 3.36
CA CYS D 225 17.40 -32.22 3.07
C CYS D 225 17.75 -33.54 3.73
N LYS D 226 17.09 -33.83 4.84
CA LYS D 226 17.32 -35.04 5.66
C LYS D 226 16.74 -36.22 4.91
N ALA D 227 17.48 -37.33 4.85
CA ALA D 227 17.08 -38.52 4.07
C ALA D 227 16.73 -38.12 2.64
N ASP D 228 17.51 -37.20 2.09
CA ASP D 228 17.49 -36.82 0.65
C ASP D 228 16.04 -36.44 0.29
N SER D 229 15.41 -35.69 1.18
CA SER D 229 13.97 -35.31 1.10
C SER D 229 13.81 -33.79 1.15
N LEU D 230 13.12 -33.25 0.17
CA LEU D 230 12.76 -31.81 0.09
C LEU D 230 11.25 -31.70 0.30
N TYR D 231 10.86 -30.77 1.16
CA TYR D 231 9.48 -30.63 1.64
C TYR D 231 8.95 -29.29 1.16
N VAL D 232 7.89 -29.32 0.36
CA VAL D 232 7.18 -28.07 -0.08
C VAL D 232 5.81 -28.05 0.56
N SER D 233 5.37 -26.90 1.03
CA SER D 233 4.05 -26.75 1.68
C SER D 233 3.42 -25.45 1.18
N ALA D 234 2.11 -25.39 1.13
CA ALA D 234 1.41 -24.19 0.65
C ALA D 234 -0.02 -24.14 1.16
N ALA D 235 -0.55 -22.94 1.18
CA ALA D 235 -1.99 -22.64 1.29
C ALA D 235 -2.24 -21.36 0.49
N ASP D 236 -3.12 -21.40 -0.48
CA ASP D 236 -3.46 -20.25 -1.35
C ASP D 236 -4.97 -20.16 -1.47
N ILE D 237 -5.61 -19.73 -0.40
CA ILE D 237 -7.06 -19.41 -0.37
C ILE D 237 -7.21 -18.00 -0.95
N CYS D 238 -7.74 -17.88 -2.16
CA CYS D 238 -7.80 -16.61 -2.91
C CYS D 238 -8.91 -15.69 -2.38
N GLY D 239 -9.96 -16.26 -1.77
CA GLY D 239 -11.15 -15.53 -1.34
C GLY D 239 -12.39 -16.40 -1.49
N LEU D 240 -13.57 -15.78 -1.52
CA LEU D 240 -14.85 -16.51 -1.67
C LEU D 240 -15.47 -16.22 -3.03
N PHE D 241 -15.92 -17.28 -3.67
CA PHE D 241 -16.79 -17.26 -4.86
C PHE D 241 -18.24 -17.21 -4.35
N THR D 242 -19.03 -16.29 -4.89
CA THR D 242 -20.47 -16.13 -4.51
C THR D 242 -21.30 -16.72 -5.64
N ASN D 243 -22.02 -17.82 -5.35
CA ASN D 243 -22.98 -18.45 -6.32
C ASN D 243 -24.20 -17.54 -6.52
N SER D 244 -24.94 -17.74 -7.63
CA SER D 244 -26.21 -17.02 -7.97
C SER D 244 -27.16 -16.97 -6.75
N SER D 245 -27.20 -18.04 -5.97
CA SER D 245 -28.06 -18.23 -4.75
C SER D 245 -27.61 -17.32 -3.59
N GLY D 246 -26.36 -16.86 -3.62
CA GLY D 246 -25.74 -16.06 -2.53
C GLY D 246 -24.89 -16.94 -1.64
N THR D 247 -24.83 -18.24 -1.86
CA THR D 247 -23.89 -19.10 -1.08
C THR D 247 -22.44 -18.79 -1.50
N GLN D 248 -21.50 -19.03 -0.60
CA GLN D 248 -20.07 -18.65 -0.75
C GLN D 248 -19.23 -19.88 -0.55
N GLN D 249 -18.24 -20.05 -1.41
CA GLN D 249 -17.32 -21.19 -1.38
C GLN D 249 -15.90 -20.63 -1.49
N TRP D 250 -14.96 -21.21 -0.76
CA TRP D 250 -13.51 -20.91 -0.92
C TRP D 250 -13.06 -21.27 -2.35
N ARG D 251 -12.25 -20.41 -2.96
CA ARG D 251 -11.51 -20.73 -4.19
C ARG D 251 -10.01 -20.73 -3.91
N GLY D 252 -9.34 -21.80 -4.30
CA GLY D 252 -7.88 -21.97 -4.17
C GLY D 252 -7.20 -22.14 -5.51
N LEU D 253 -5.89 -21.91 -5.55
CA LEU D 253 -5.12 -22.07 -6.81
C LEU D 253 -3.85 -22.82 -6.48
N ALA D 254 -3.32 -23.53 -7.46
CA ALA D 254 -2.06 -24.28 -7.35
C ALA D 254 -0.91 -23.28 -7.18
N ARG D 255 0.15 -23.75 -6.55
CA ARG D 255 1.39 -22.97 -6.38
C ARG D 255 2.52 -23.70 -7.11
N TYR D 256 3.24 -22.97 -7.95
CA TYR D 256 4.49 -23.45 -8.57
C TYR D 256 5.68 -23.18 -7.65
N PHE D 257 6.63 -24.11 -7.68
CA PHE D 257 7.95 -24.00 -7.01
C PHE D 257 9.05 -24.39 -8.00
N LYS D 258 10.12 -23.60 -7.99
CA LYS D 258 11.41 -23.94 -8.63
C LYS D 258 12.47 -23.72 -7.56
N ILE D 259 13.05 -24.80 -7.09
CA ILE D 259 14.02 -24.76 -5.99
C ILE D 259 15.38 -25.17 -6.54
N ARG D 260 16.39 -24.34 -6.28
CA ARG D 260 17.81 -24.63 -6.63
C ARG D 260 18.51 -25.19 -5.39
N LEU D 261 19.20 -26.33 -5.53
CA LEU D 261 19.92 -27.02 -4.42
C LEU D 261 21.38 -27.25 -4.79
N ARG D 262 22.28 -27.10 -3.80
CA ARG D 262 23.72 -27.42 -3.91
C ARG D 262 24.02 -28.55 -2.91
N LYS D 263 25.25 -29.09 -2.98
CA LYS D 263 25.69 -30.23 -2.14
C LYS D 263 26.54 -29.63 -1.03
N ARG D 264 26.14 -29.85 0.21
CA ARG D 264 26.88 -29.34 1.38
C ARG D 264 27.49 -30.53 2.11
N SER D 265 28.78 -30.43 2.45
CA SER D 265 29.47 -31.41 3.32
C SER D 265 29.03 -31.17 4.76
N VAL D 266 28.59 -32.20 5.49
CA VAL D 266 28.28 -32.09 6.94
C VAL D 266 29.04 -33.20 7.66
N LYS D 267 29.20 -33.08 8.99
CA LYS D 267 29.79 -34.13 9.87
C LYS D 267 28.83 -35.32 9.97
N ASN D 268 29.31 -36.53 9.67
CA ASN D 268 28.61 -37.81 9.92
C ASN D 268 28.42 -38.02 11.43
N VAL E 3 22.05 -23.11 -26.89
CA VAL E 3 22.76 -21.82 -27.22
C VAL E 3 23.84 -21.53 -26.16
N GLU E 4 25.14 -21.67 -26.51
CA GLU E 4 26.25 -21.25 -25.61
C GLU E 4 26.44 -19.74 -25.83
N VAL E 5 26.29 -18.93 -24.77
CA VAL E 5 26.34 -17.45 -24.86
C VAL E 5 27.76 -17.00 -24.65
N LEU E 6 28.31 -16.18 -25.56
CA LEU E 6 29.68 -15.64 -25.43
C LEU E 6 29.56 -14.15 -25.05
N GLU E 7 30.49 -13.30 -25.48
CA GLU E 7 30.55 -11.91 -25.01
C GLU E 7 29.61 -10.99 -25.80
N VAL E 8 29.29 -9.86 -25.23
CA VAL E 8 28.59 -8.72 -25.91
C VAL E 8 29.54 -8.15 -26.96
N LYS E 9 29.02 -7.80 -28.14
CA LYS E 9 29.74 -6.95 -29.11
C LYS E 9 29.68 -5.51 -28.59
N THR E 10 30.70 -4.66 -28.83
CA THR E 10 30.70 -3.27 -28.31
C THR E 10 30.80 -2.25 -29.45
N ALA E 14 25.94 -2.00 -33.16
CA ALA E 14 26.17 -2.59 -31.82
C ALA E 14 24.88 -2.60 -30.99
N ILE E 15 24.26 -1.43 -30.80
CA ILE E 15 23.01 -1.19 -30.01
C ILE E 15 21.91 -0.75 -30.97
N THR E 16 20.65 -0.90 -30.56
CA THR E 16 19.47 -0.36 -31.28
C THR E 16 18.33 -0.26 -30.25
N GLU E 17 17.39 0.66 -30.47
CA GLU E 17 16.10 0.67 -29.75
C GLU E 17 15.00 0.29 -30.75
N VAL E 18 14.07 -0.58 -30.37
CA VAL E 18 12.80 -0.75 -31.13
C VAL E 18 11.64 -0.33 -30.21
N GLU E 19 10.53 0.12 -30.79
CA GLU E 19 9.35 0.51 -29.99
C GLU E 19 8.08 -0.03 -30.64
N CYS E 20 7.02 -0.04 -29.88
CA CYS E 20 5.70 -0.57 -30.30
CA CYS E 20 5.68 -0.35 -30.41
C CYS E 20 4.60 -0.01 -29.39
N PHE E 21 3.50 0.46 -29.95
CA PHE E 21 2.28 0.68 -29.17
C PHE E 21 1.41 -0.52 -29.46
N LEU E 22 1.15 -1.36 -28.46
CA LEU E 22 0.39 -2.61 -28.65
C LEU E 22 -1.07 -2.39 -28.25
N ASN E 23 -1.99 -2.51 -29.20
CA ASN E 23 -3.42 -2.28 -28.91
C ASN E 23 -3.95 -3.36 -27.99
N PRO E 24 -4.91 -3.01 -27.12
CA PRO E 24 -5.57 -4.00 -26.27
C PRO E 24 -6.62 -4.76 -27.09
N GLU E 25 -6.97 -5.97 -26.64
CA GLU E 25 -7.95 -6.84 -27.33
C GLU E 25 -9.05 -7.23 -26.33
N MET E 26 -9.96 -6.30 -26.04
CA MET E 26 -11.00 -6.42 -25.01
C MET E 26 -12.25 -7.10 -25.60
N GLY E 27 -12.36 -7.22 -26.92
CA GLY E 27 -13.50 -7.90 -27.60
C GLY E 27 -14.04 -7.08 -28.75
N ASP E 28 -14.14 -5.77 -28.57
CA ASP E 28 -14.48 -4.77 -29.61
C ASP E 28 -15.84 -5.15 -30.22
N PRO E 29 -16.94 -4.99 -29.46
CA PRO E 29 -18.24 -5.54 -29.87
C PRO E 29 -18.91 -4.84 -31.07
N ASP E 30 -18.58 -3.59 -31.34
CA ASP E 30 -19.01 -2.90 -32.58
C ASP E 30 -17.91 -1.92 -32.99
N GLU E 31 -18.14 -1.22 -34.09
CA GLU E 31 -17.12 -0.38 -34.75
C GLU E 31 -16.88 0.87 -33.91
N ASN E 32 -17.77 1.22 -32.98
CA ASN E 32 -17.57 2.41 -32.11
C ASN E 32 -16.98 2.05 -30.74
N LEU E 33 -16.94 0.79 -30.35
CA LEU E 33 -16.59 0.41 -28.96
C LEU E 33 -15.25 -0.31 -28.92
N ARG E 34 -14.34 0.14 -29.79
CA ARG E 34 -12.91 -0.23 -29.77
C ARG E 34 -12.33 0.06 -28.38
N GLY E 35 -11.71 -0.94 -27.79
CA GLY E 35 -11.13 -0.85 -26.44
C GLY E 35 -12.05 -1.37 -25.34
N PHE E 36 -13.29 -1.70 -25.66
CA PHE E 36 -14.29 -2.23 -24.70
C PHE E 36 -14.63 -3.66 -25.07
N SER E 37 -15.16 -4.41 -24.12
CA SER E 37 -15.80 -5.71 -24.36
C SER E 37 -17.31 -5.49 -24.62
N LEU E 38 -17.94 -6.55 -25.10
CA LEU E 38 -19.41 -6.73 -25.04
C LEU E 38 -19.83 -6.66 -23.56
N LYS E 39 -21.05 -6.22 -23.28
CA LYS E 39 -21.69 -6.33 -21.94
C LYS E 39 -21.50 -7.72 -21.39
N LEU E 40 -21.23 -7.78 -20.09
CA LEU E 40 -21.06 -9.03 -19.33
C LEU E 40 -22.46 -9.62 -19.12
N SER E 41 -22.62 -10.86 -19.53
CA SER E 41 -23.80 -11.70 -19.22
C SER E 41 -23.37 -12.81 -18.29
N VAL E 42 -24.29 -13.27 -17.45
CA VAL E 42 -24.02 -14.33 -16.45
C VAL E 42 -24.94 -15.51 -16.73
N GLN E 43 -24.40 -16.71 -16.84
CA GLN E 43 -25.25 -17.93 -16.88
C GLN E 43 -25.30 -18.46 -15.46
N ASN E 44 -26.49 -18.81 -14.99
CA ASN E 44 -26.77 -19.24 -13.58
C ASN E 44 -25.89 -20.43 -13.17
N ASP E 45 -25.42 -21.27 -14.10
CA ASP E 45 -24.78 -22.56 -13.74
C ASP E 45 -23.52 -22.84 -14.59
N PHE E 46 -22.45 -23.31 -13.94
CA PHE E 46 -21.23 -23.85 -14.61
C PHE E 46 -21.62 -24.86 -15.71
N SER E 47 -22.71 -25.62 -15.52
CA SER E 47 -23.17 -26.70 -16.44
C SER E 47 -23.43 -26.17 -17.85
N SER E 48 -23.87 -24.92 -17.99
CA SER E 48 -24.16 -24.29 -19.31
C SER E 48 -23.58 -22.87 -19.37
N ASP E 49 -22.30 -22.77 -19.72
CA ASP E 49 -21.52 -21.49 -19.73
C ASP E 49 -20.93 -21.37 -21.13
N SER E 50 -21.54 -20.54 -21.97
CA SER E 50 -21.19 -20.34 -23.40
C SER E 50 -20.94 -18.86 -23.68
N PRO E 51 -19.79 -18.29 -23.24
CA PRO E 51 -19.58 -16.87 -23.42
C PRO E 51 -19.43 -16.53 -24.89
N GLN E 52 -19.94 -15.37 -25.29
CA GLN E 52 -19.77 -14.83 -26.65
C GLN E 52 -18.32 -14.34 -26.82
N ARG E 53 -17.79 -14.46 -28.04
CA ARG E 53 -16.37 -14.09 -28.32
CA ARG E 53 -16.42 -14.06 -28.45
C ARG E 53 -16.12 -12.63 -27.98
N LYS E 54 -17.02 -11.71 -28.27
CA LYS E 54 -16.75 -10.26 -28.09
C LYS E 54 -16.80 -9.85 -26.61
N MET E 55 -17.16 -10.76 -25.74
CA MET E 55 -17.25 -10.51 -24.30
C MET E 55 -15.92 -10.89 -23.62
N LEU E 56 -14.99 -11.53 -24.33
CA LEU E 56 -13.78 -12.14 -23.70
C LEU E 56 -12.53 -11.35 -24.09
N PRO E 57 -11.95 -10.53 -23.17
CA PRO E 57 -10.62 -9.97 -23.44
C PRO E 57 -9.61 -11.08 -23.70
N CYS E 58 -8.67 -10.81 -24.63
CA CYS E 58 -7.59 -11.72 -25.01
C CYS E 58 -6.23 -11.02 -24.78
N TYR E 59 -5.20 -11.81 -24.60
CA TYR E 59 -3.80 -11.32 -24.63
C TYR E 59 -3.48 -10.73 -26.00
N SER E 60 -2.75 -9.63 -25.93
CA SER E 60 -2.20 -8.91 -27.10
C SER E 60 -0.79 -9.44 -27.33
N THR E 61 -0.37 -9.55 -28.59
CA THR E 61 1.06 -9.87 -28.87
C THR E 61 1.45 -9.29 -30.22
N ALA E 62 2.74 -8.99 -30.36
CA ALA E 62 3.31 -8.47 -31.63
C ALA E 62 4.71 -9.04 -31.75
N ARG E 63 5.07 -9.37 -32.98
CA ARG E 63 6.42 -9.82 -33.39
C ARG E 63 7.09 -8.64 -34.04
N ILE E 64 8.27 -8.24 -33.53
CA ILE E 64 9.07 -7.12 -34.09
C ILE E 64 10.22 -7.77 -34.83
N PRO E 65 10.27 -7.69 -36.18
CA PRO E 65 11.34 -8.32 -36.94
C PRO E 65 12.63 -7.51 -36.84
N LEU E 66 13.75 -8.19 -36.87
CA LEU E 66 15.09 -7.56 -36.76
C LEU E 66 15.95 -8.09 -37.89
N PRO E 67 16.95 -7.30 -38.35
CA PRO E 67 17.89 -7.79 -39.36
C PRO E 67 18.82 -8.88 -38.82
N ASN E 68 19.06 -9.88 -39.65
CA ASN E 68 20.04 -10.94 -39.43
C ASN E 68 21.45 -10.32 -39.36
N LEU E 69 22.31 -10.89 -38.53
CA LEU E 69 23.60 -10.27 -38.15
C LEU E 69 24.76 -11.10 -38.71
N ASN E 70 24.47 -12.25 -39.29
CA ASN E 70 25.52 -13.24 -39.60
C ASN E 70 25.85 -13.12 -41.09
N GLU E 71 27.03 -12.55 -41.39
CA GLU E 71 27.63 -12.50 -42.75
C GLU E 71 27.85 -13.93 -43.29
N ASP E 72 27.95 -14.94 -42.40
CA ASP E 72 28.25 -16.36 -42.74
C ASP E 72 27.74 -17.30 -41.63
N LEU E 73 26.93 -18.30 -41.99
CA LEU E 73 26.38 -19.34 -41.06
C LEU E 73 25.59 -20.38 -41.84
N SER E 75 30.14 -19.86 -39.87
CA SER E 75 31.18 -19.40 -38.90
C SER E 75 31.01 -20.11 -37.56
N GLY E 76 32.10 -20.21 -36.78
CA GLY E 76 32.14 -20.88 -35.46
C GLY E 76 31.27 -20.15 -34.44
N ASN E 77 31.23 -18.81 -34.52
CA ASN E 77 30.36 -17.96 -33.66
C ASN E 77 29.35 -17.21 -34.53
N LEU E 78 28.13 -17.07 -34.02
CA LEU E 78 27.04 -16.25 -34.62
C LEU E 78 26.78 -15.03 -33.73
N LEU E 79 25.97 -14.10 -34.22
CA LEU E 79 25.49 -12.90 -33.49
C LEU E 79 23.97 -12.97 -33.40
N MET E 80 23.43 -12.68 -32.22
CA MET E 80 21.98 -12.56 -31.97
C MET E 80 21.71 -11.22 -31.30
N TRP E 81 20.54 -10.66 -31.57
CA TRP E 81 20.04 -9.50 -30.82
C TRP E 81 19.65 -9.98 -29.42
N GLU E 82 20.00 -9.17 -28.43
CA GLU E 82 19.73 -9.45 -27.02
C GLU E 82 18.94 -8.27 -26.46
N ALA E 83 17.82 -8.55 -25.81
CA ALA E 83 17.02 -7.48 -25.21
C ALA E 83 17.61 -7.20 -23.82
N VAL E 84 17.94 -5.95 -23.52
CA VAL E 84 18.68 -5.51 -22.29
CA VAL E 84 18.63 -5.67 -22.22
C VAL E 84 17.72 -4.87 -21.30
N THR E 85 16.91 -3.95 -21.81
CA THR E 85 15.99 -3.15 -20.95
C THR E 85 14.70 -2.92 -21.71
N VAL E 86 13.64 -2.63 -20.97
CA VAL E 86 12.34 -2.19 -21.53
C VAL E 86 11.78 -1.06 -20.67
N GLN E 87 11.29 -0.02 -21.34
CA GLN E 87 10.42 1.01 -20.77
C GLN E 87 9.02 0.68 -21.27
N THR E 88 8.06 0.64 -20.37
CA THR E 88 6.67 0.30 -20.77
C THR E 88 5.72 1.14 -19.94
N GLU E 89 4.60 1.51 -20.53
CA GLU E 89 3.52 2.14 -19.75
C GLU E 89 2.20 1.98 -20.48
N VAL E 90 1.15 2.08 -19.69
CA VAL E 90 -0.24 2.01 -20.16
C VAL E 90 -0.57 3.40 -20.70
N ILE E 91 -1.19 3.44 -21.88
CA ILE E 91 -1.43 4.68 -22.64
C ILE E 91 -2.91 5.07 -22.52
N GLY E 92 -3.16 6.26 -22.00
CA GLY E 92 -4.50 6.90 -21.99
C GLY E 92 -5.18 6.79 -20.65
N ILE E 93 -4.42 6.72 -19.55
CA ILE E 93 -5.00 6.48 -18.19
C ILE E 93 -5.93 7.65 -17.82
N THR E 94 -5.71 8.87 -18.32
CA THR E 94 -6.52 10.05 -17.97
C THR E 94 -7.89 10.01 -18.66
N SER E 95 -8.07 9.13 -19.63
CA SER E 95 -9.35 8.97 -20.35
C SER E 95 -10.44 8.57 -19.36
N MET E 96 -10.08 7.92 -18.24
CA MET E 96 -11.07 7.54 -17.19
C MET E 96 -11.56 8.77 -16.40
N LEU E 97 -11.07 9.98 -16.66
CA LEU E 97 -11.65 11.23 -16.10
C LEU E 97 -12.86 11.71 -16.92
N ASN E 98 -13.20 11.06 -18.00
CA ASN E 98 -14.49 11.28 -18.71
C ASN E 98 -15.61 10.57 -17.93
N LEU E 99 -16.28 11.33 -17.04
CA LEU E 99 -17.43 10.84 -16.25
C LEU E 99 -18.72 11.52 -16.76
N HIS E 100 -18.74 11.95 -18.03
CA HIS E 100 -19.88 12.75 -18.58
C HIS E 100 -20.63 12.06 -19.73
N ALA E 101 -20.32 10.82 -20.06
CA ALA E 101 -20.89 10.14 -21.25
C ALA E 101 -21.11 8.66 -20.95
N GLY E 102 -22.36 8.19 -21.03
CA GLY E 102 -22.65 6.76 -21.22
C GLY E 102 -22.66 6.02 -19.91
N SER E 103 -22.24 6.65 -18.82
CA SER E 103 -21.96 5.96 -17.54
C SER E 103 -23.14 6.19 -16.60
N GLN E 104 -23.42 5.21 -15.75
CA GLN E 104 -24.47 5.29 -14.70
C GLN E 104 -24.12 6.40 -13.70
N LYS E 105 -25.09 7.21 -13.31
CA LYS E 105 -24.85 8.25 -12.28
C LYS E 105 -24.52 7.57 -10.95
N VAL E 106 -23.55 8.07 -10.17
CA VAL E 106 -23.20 7.51 -8.83
C VAL E 106 -24.40 7.70 -7.89
N HIS E 107 -25.20 8.74 -8.12
CA HIS E 107 -26.42 9.13 -7.37
C HIS E 107 -27.15 10.23 -8.14
N GLU E 108 -28.37 10.59 -7.71
CA GLU E 108 -29.16 11.62 -8.41
C GLU E 108 -28.38 12.94 -8.35
N HIS E 109 -28.30 13.66 -9.47
CA HIS E 109 -27.63 14.98 -9.63
C HIS E 109 -26.09 14.81 -9.67
N GLY E 110 -25.57 13.60 -9.50
CA GLY E 110 -24.13 13.30 -9.41
C GLY E 110 -23.47 13.07 -10.78
N GLY E 111 -22.16 12.87 -10.81
CA GLY E 111 -21.43 12.53 -12.04
C GLY E 111 -21.53 11.05 -12.39
N GLY E 112 -20.97 10.65 -13.54
CA GLY E 112 -20.92 9.26 -13.99
C GLY E 112 -20.06 8.40 -13.09
N LYS E 113 -20.32 7.10 -13.05
CA LYS E 113 -19.54 6.16 -12.23
C LYS E 113 -18.18 5.93 -12.91
N PRO E 114 -17.08 6.03 -12.16
CA PRO E 114 -15.77 5.70 -12.70
C PRO E 114 -15.66 4.22 -13.07
N ILE E 115 -14.83 3.93 -14.07
CA ILE E 115 -14.30 2.56 -14.33
C ILE E 115 -13.61 2.09 -13.04
N GLN E 116 -13.99 0.90 -12.59
CA GLN E 116 -13.44 0.30 -11.37
C GLN E 116 -13.75 -1.20 -11.43
N GLY E 117 -13.19 -1.93 -10.46
CA GLY E 117 -13.40 -3.38 -10.37
C GLY E 117 -12.16 -4.14 -10.77
N SER E 118 -12.34 -5.42 -11.05
CA SER E 118 -11.24 -6.38 -11.31
C SER E 118 -10.37 -5.85 -12.44
N ASN E 119 -9.05 -5.89 -12.24
CA ASN E 119 -8.14 -5.44 -13.30
C ASN E 119 -6.93 -6.38 -13.35
N PHE E 120 -6.25 -6.31 -14.48
CA PHE E 120 -5.04 -7.14 -14.70
C PHE E 120 -4.12 -6.37 -15.62
N HIS E 121 -2.85 -6.23 -15.21
CA HIS E 121 -1.85 -5.41 -15.93
C HIS E 121 -0.65 -6.30 -16.09
N PHE E 122 -0.31 -6.64 -17.33
CA PHE E 122 0.65 -7.72 -17.60
C PHE E 122 1.48 -7.32 -18.84
N PHE E 123 2.79 -7.51 -18.80
CA PHE E 123 3.61 -7.42 -20.02
C PHE E 123 4.69 -8.50 -20.02
N ALA E 124 5.20 -8.80 -21.22
CA ALA E 124 6.37 -9.70 -21.39
C ALA E 124 7.20 -9.25 -22.58
N VAL E 125 8.50 -9.49 -22.50
CA VAL E 125 9.45 -9.26 -23.60
C VAL E 125 10.22 -10.57 -23.72
N GLY E 126 10.26 -11.14 -24.92
CA GLY E 126 10.93 -12.43 -25.13
C GLY E 126 11.57 -12.52 -26.49
N GLY E 127 12.46 -13.49 -26.66
CA GLY E 127 13.13 -13.74 -27.95
C GLY E 127 12.38 -14.80 -28.75
N GLU E 128 11.17 -15.12 -28.31
CA GLU E 128 10.28 -16.19 -28.85
C GLU E 128 8.91 -15.94 -28.25
N PRO E 129 7.83 -16.54 -28.78
CA PRO E 129 6.50 -16.28 -28.27
C PRO E 129 6.40 -16.68 -26.79
N LEU E 130 5.54 -15.95 -26.09
CA LEU E 130 5.26 -16.20 -24.65
C LEU E 130 4.70 -17.61 -24.50
N GLU E 131 5.19 -18.33 -23.51
CA GLU E 131 4.72 -19.70 -23.22
C GLU E 131 3.65 -19.61 -22.14
N MET E 132 2.52 -20.25 -22.37
CA MET E 132 1.36 -20.07 -21.47
C MET E 132 0.89 -21.42 -20.93
N GLN E 133 0.29 -21.38 -19.75
CA GLN E 133 -0.31 -22.51 -19.01
C GLN E 133 -1.81 -22.20 -18.84
N GLY E 134 -2.67 -23.17 -19.18
CA GLY E 134 -4.13 -22.99 -19.07
C GLY E 134 -4.62 -23.30 -17.68
N VAL E 135 -5.52 -22.47 -17.15
CA VAL E 135 -6.26 -22.73 -15.89
C VAL E 135 -7.64 -22.13 -16.09
N LEU E 136 -8.67 -22.90 -15.76
CA LEU E 136 -10.06 -22.42 -15.97
C LEU E 136 -10.79 -22.23 -14.64
N MET E 137 -11.65 -21.23 -14.57
CA MET E 137 -12.59 -21.12 -13.44
C MET E 137 -13.56 -22.33 -13.46
N ASN E 138 -14.00 -22.73 -14.66
CA ASN E 138 -15.08 -23.72 -14.93
C ASN E 138 -14.65 -24.60 -16.12
N TYR E 139 -14.26 -25.86 -15.89
CA TYR E 139 -13.70 -26.72 -16.98
C TYR E 139 -14.77 -26.98 -18.06
N ARG E 140 -16.04 -26.80 -17.72
CA ARG E 140 -17.18 -27.09 -18.64
C ARG E 140 -17.58 -25.88 -19.46
N SER E 141 -16.90 -24.72 -19.30
CA SER E 141 -17.20 -23.56 -20.17
C SER E 141 -17.07 -24.00 -21.63
N LYS E 142 -18.02 -23.55 -22.45
CA LYS E 142 -18.03 -23.69 -23.93
C LYS E 142 -17.55 -22.38 -24.52
N TYR E 143 -16.33 -22.38 -25.01
CA TYR E 143 -15.70 -21.16 -25.55
C TYR E 143 -16.00 -21.04 -27.03
N PRO E 144 -16.08 -19.79 -27.54
CA PRO E 144 -16.58 -19.56 -28.89
C PRO E 144 -15.51 -19.66 -29.99
N ASP E 145 -15.99 -19.97 -31.19
CA ASP E 145 -15.17 -19.97 -32.43
CA ASP E 145 -15.18 -19.95 -32.44
C ASP E 145 -14.32 -18.68 -32.44
N GLY E 146 -13.04 -18.80 -32.82
CA GLY E 146 -12.10 -17.67 -32.86
C GLY E 146 -11.22 -17.62 -31.61
N THR E 147 -11.63 -18.27 -30.52
CA THR E 147 -10.78 -18.35 -29.29
C THR E 147 -9.95 -19.62 -29.34
N ILE E 148 -8.79 -19.60 -28.70
CA ILE E 148 -7.94 -20.79 -28.47
C ILE E 148 -7.88 -20.97 -26.96
N THR E 149 -8.44 -22.08 -26.48
CA THR E 149 -8.63 -22.37 -25.05
C THR E 149 -8.17 -23.78 -24.77
N PRO E 150 -7.96 -24.13 -23.48
CA PRO E 150 -7.49 -25.46 -23.11
C PRO E 150 -8.26 -26.61 -23.78
N LYS E 151 -7.54 -27.55 -24.39
CA LYS E 151 -8.17 -28.67 -25.18
C LYS E 151 -8.44 -29.83 -24.22
N ASN E 152 -9.60 -30.48 -24.38
CA ASN E 152 -10.02 -31.62 -23.54
C ASN E 152 -9.79 -31.32 -22.07
N PRO E 153 -10.36 -30.23 -21.54
CA PRO E 153 -10.24 -29.94 -20.12
C PRO E 153 -10.97 -30.95 -19.24
N THR E 154 -10.49 -31.10 -18.01
CA THR E 154 -11.05 -31.98 -16.96
C THR E 154 -11.25 -31.11 -15.74
N ALA E 155 -11.77 -31.69 -14.66
CA ALA E 155 -11.93 -30.96 -13.38
C ALA E 155 -10.55 -30.47 -12.91
N GLN E 156 -9.49 -31.22 -13.20
CA GLN E 156 -8.10 -30.86 -12.80
C GLN E 156 -7.67 -29.57 -13.50
N SER E 157 -8.27 -29.25 -14.62
CA SER E 157 -8.05 -28.00 -15.39
C SER E 157 -8.43 -26.79 -14.53
N GLN E 158 -9.21 -26.96 -13.47
CA GLN E 158 -9.57 -25.83 -12.58
C GLN E 158 -8.45 -25.53 -11.61
N VAL E 159 -7.51 -26.46 -11.44
CA VAL E 159 -6.32 -26.23 -10.59
C VAL E 159 -5.05 -26.23 -11.46
N MET E 160 -4.49 -27.37 -11.80
CA MET E 160 -3.27 -27.47 -12.65
C MET E 160 -3.31 -28.77 -13.43
N ASN E 161 -3.44 -28.63 -14.73
CA ASN E 161 -3.42 -29.73 -15.70
C ASN E 161 -2.27 -29.43 -16.66
N THR E 162 -1.15 -30.16 -16.55
CA THR E 162 0.09 -29.94 -17.33
C THR E 162 -0.14 -30.16 -18.83
N ASP E 163 -1.26 -30.73 -19.28
CA ASP E 163 -1.60 -30.82 -20.74
C ASP E 163 -1.85 -29.44 -21.38
N HIS E 164 -2.30 -28.43 -20.64
CA HIS E 164 -2.68 -27.11 -21.21
C HIS E 164 -1.44 -26.21 -21.39
N LYS E 165 -0.60 -26.54 -22.37
CA LYS E 165 0.56 -25.73 -22.79
C LYS E 165 0.26 -25.06 -24.12
N ALA E 166 0.55 -23.78 -24.28
CA ALA E 166 0.34 -23.05 -25.53
C ALA E 166 1.43 -21.99 -25.74
N TYR E 167 1.64 -21.65 -26.99
CA TYR E 167 2.38 -20.45 -27.40
C TYR E 167 1.36 -19.35 -27.64
N LEU E 168 1.65 -18.15 -27.14
CA LEU E 168 0.88 -16.93 -27.49
C LEU E 168 1.24 -16.58 -28.94
N ASP E 169 0.65 -17.31 -29.90
CA ASP E 169 1.12 -17.35 -31.33
C ASP E 169 0.08 -16.64 -32.21
N LYS E 170 -0.90 -16.03 -31.58
CA LYS E 170 -1.99 -15.36 -32.34
C LYS E 170 -2.49 -14.20 -31.50
N ASN E 171 -2.55 -13.03 -32.11
CA ASN E 171 -3.14 -11.82 -31.49
C ASN E 171 -4.67 -12.02 -31.37
N ASN E 172 -5.27 -11.53 -30.29
CA ASN E 172 -6.74 -11.51 -30.11
C ASN E 172 -7.37 -12.92 -30.25
N ALA E 173 -6.78 -13.94 -29.67
CA ALA E 173 -7.31 -15.33 -29.71
C ALA E 173 -7.29 -16.02 -28.36
N TYR E 174 -6.32 -15.73 -27.51
CA TYR E 174 -6.12 -16.47 -26.23
C TYR E 174 -6.79 -15.70 -25.11
N PRO E 175 -7.94 -16.16 -24.56
CA PRO E 175 -8.66 -15.33 -23.61
C PRO E 175 -7.79 -15.20 -22.34
N VAL E 176 -7.77 -14.01 -21.78
CA VAL E 176 -7.02 -13.72 -20.52
C VAL E 176 -7.52 -14.66 -19.42
N GLU E 177 -8.82 -14.93 -19.35
CA GLU E 177 -9.39 -15.79 -18.28
C GLU E 177 -8.93 -17.25 -18.35
N CYS E 178 -8.41 -17.73 -19.48
CA CYS E 178 -8.05 -19.17 -19.67
C CYS E 178 -6.56 -19.43 -19.48
N TRP E 179 -5.72 -18.40 -19.50
CA TRP E 179 -4.27 -18.58 -19.69
C TRP E 179 -3.47 -17.66 -18.77
N VAL E 180 -2.36 -18.17 -18.31
CA VAL E 180 -1.35 -17.38 -17.54
C VAL E 180 0.00 -17.67 -18.15
N PRO E 181 0.98 -16.77 -17.94
CA PRO E 181 2.35 -17.10 -18.33
C PRO E 181 2.78 -18.31 -17.51
N ASP E 182 3.47 -19.23 -18.14
CA ASP E 182 3.92 -20.52 -17.56
C ASP E 182 5.26 -20.33 -16.87
N PRO E 183 5.34 -20.39 -15.51
CA PRO E 183 6.63 -20.19 -14.83
C PRO E 183 7.58 -21.38 -14.98
N SER E 184 7.07 -22.53 -15.42
CA SER E 184 7.88 -23.75 -15.71
C SER E 184 8.59 -23.63 -17.08
N ARG E 185 8.27 -22.64 -17.91
CA ARG E 185 8.94 -22.41 -19.21
C ARG E 185 9.40 -20.97 -19.25
N ASN E 186 9.33 -20.32 -20.41
CA ASN E 186 9.75 -18.92 -20.60
C ASN E 186 11.20 -18.69 -20.13
N GLU E 187 12.10 -19.58 -20.49
CA GLU E 187 13.55 -19.48 -20.22
C GLU E 187 14.11 -18.27 -20.98
N ASN E 188 13.49 -17.89 -22.10
CA ASN E 188 14.00 -16.85 -23.01
C ASN E 188 13.04 -15.65 -23.09
N ALA E 189 12.39 -15.30 -21.98
CA ALA E 189 11.47 -14.17 -21.87
C ALA E 189 11.37 -13.73 -20.41
N ARG E 190 11.01 -12.49 -20.19
CA ARG E 190 10.74 -11.94 -18.85
C ARG E 190 9.28 -11.48 -18.86
N TYR E 191 8.52 -11.80 -17.83
CA TYR E 191 7.11 -11.39 -17.75
C TYR E 191 6.85 -10.87 -16.34
N PHE E 192 5.87 -10.01 -16.27
CA PHE E 192 5.46 -9.27 -15.07
C PHE E 192 3.95 -9.01 -15.11
N GLY E 193 3.21 -9.46 -14.09
CA GLY E 193 1.78 -9.16 -14.03
C GLY E 193 1.28 -8.97 -12.62
N THR E 194 0.24 -8.14 -12.49
CA THR E 194 -0.51 -7.98 -11.23
C THR E 194 -2.01 -8.11 -11.53
N PHE E 195 -2.65 -9.05 -10.83
CA PHE E 195 -4.13 -9.19 -10.80
C PHE E 195 -4.69 -8.60 -9.50
N THR E 196 -5.68 -7.71 -9.63
CA THR E 196 -6.40 -7.15 -8.47
C THR E 196 -7.89 -7.39 -8.70
N GLY E 197 -8.52 -8.22 -7.87
CA GLY E 197 -9.94 -8.61 -8.02
C GLY E 197 -10.87 -7.87 -7.05
N GLY E 198 -12.10 -7.57 -7.46
CA GLY E 198 -13.15 -7.09 -6.57
C GLY E 198 -14.02 -6.07 -7.26
N GLU E 199 -15.26 -5.94 -6.78
CA GLU E 199 -16.32 -5.14 -7.44
C GLU E 199 -15.92 -3.67 -7.53
N ASN E 200 -15.33 -3.14 -6.47
CA ASN E 200 -15.13 -1.70 -6.23
C ASN E 200 -13.64 -1.33 -6.22
N VAL E 201 -12.76 -2.19 -6.70
CA VAL E 201 -11.28 -1.92 -6.75
C VAL E 201 -11.01 -0.65 -7.55
N PRO E 202 -10.32 0.35 -6.98
CA PRO E 202 -9.90 1.53 -7.74
C PRO E 202 -8.73 1.22 -8.66
N PRO E 203 -8.79 1.60 -9.94
CA PRO E 203 -7.62 1.55 -10.80
C PRO E 203 -6.54 2.52 -10.24
N VAL E 204 -5.31 2.04 -10.18
CA VAL E 204 -4.15 2.86 -9.74
C VAL E 204 -3.10 2.66 -10.83
N LEU E 205 -2.85 3.71 -11.61
CA LEU E 205 -1.92 3.60 -12.76
C LEU E 205 -0.91 4.75 -12.71
N HIS E 206 0.34 4.41 -12.97
CA HIS E 206 1.51 5.32 -12.89
C HIS E 206 2.07 5.50 -14.30
N VAL E 207 2.48 6.70 -14.63
CA VAL E 207 3.21 6.96 -15.90
C VAL E 207 4.49 7.72 -15.51
N THR E 208 5.59 7.37 -16.12
CA THR E 208 6.87 8.09 -15.93
C THR E 208 7.77 7.60 -17.03
N ASN E 209 8.59 8.49 -17.58
CA ASN E 209 9.63 8.05 -18.55
C ASN E 209 10.96 7.81 -17.82
N THR E 210 10.97 7.68 -16.50
CA THR E 210 12.24 7.53 -15.74
C THR E 210 12.39 6.08 -15.29
N ALA E 211 11.43 5.22 -15.60
CA ALA E 211 11.39 3.85 -15.03
C ALA E 211 11.86 2.88 -16.12
N THR E 212 12.89 2.11 -15.82
CA THR E 212 13.44 1.14 -16.80
C THR E 212 13.44 -0.23 -16.14
N THR E 213 12.93 -1.25 -16.79
CA THR E 213 13.09 -2.64 -16.31
C THR E 213 14.29 -3.27 -17.00
N VAL E 214 15.26 -3.76 -16.23
CA VAL E 214 16.41 -4.52 -16.77
C VAL E 214 15.96 -5.95 -17.03
N LEU E 215 16.23 -6.49 -18.22
CA LEU E 215 15.77 -7.85 -18.65
C LEU E 215 16.87 -8.91 -18.50
N LEU E 216 18.06 -8.54 -18.03
CA LEU E 216 19.20 -9.47 -17.86
C LEU E 216 18.90 -10.43 -16.73
N ASP E 217 19.25 -11.70 -16.89
CA ASP E 217 19.08 -12.72 -15.81
C ASP E 217 20.28 -12.61 -14.86
N GLU E 218 20.44 -13.58 -13.96
CA GLU E 218 21.53 -13.67 -12.95
C GLU E 218 22.90 -13.67 -13.65
N GLN E 219 23.02 -14.29 -14.82
CA GLN E 219 24.29 -14.36 -15.59
C GLN E 219 24.50 -13.11 -16.45
N GLY E 220 23.65 -12.09 -16.38
CA GLY E 220 23.84 -10.87 -17.19
C GLY E 220 23.34 -11.06 -18.63
N VAL E 221 22.46 -12.03 -18.89
CA VAL E 221 21.99 -12.32 -20.28
C VAL E 221 20.49 -11.98 -20.39
N GLY E 222 20.15 -11.16 -21.37
CA GLY E 222 18.76 -10.83 -21.67
C GLY E 222 18.15 -11.86 -22.61
N PRO E 223 16.83 -11.77 -22.87
CA PRO E 223 16.24 -12.60 -23.91
C PRO E 223 16.99 -12.44 -25.23
N LEU E 224 17.20 -13.55 -25.91
CA LEU E 224 17.96 -13.64 -27.19
C LEU E 224 16.98 -13.94 -28.33
N CYS E 225 17.05 -13.13 -29.38
CA CYS E 225 16.11 -13.19 -30.54
C CYS E 225 16.59 -14.27 -31.52
N LYS E 226 16.24 -15.52 -31.25
CA LYS E 226 16.91 -16.71 -31.82
C LYS E 226 16.74 -16.72 -33.36
N ALA E 227 15.54 -16.34 -33.85
CA ALA E 227 15.13 -16.29 -35.28
C ALA E 227 14.99 -14.81 -35.69
N ASP E 228 15.76 -13.91 -35.11
CA ASP E 228 15.80 -12.46 -35.45
C ASP E 228 14.41 -11.81 -35.31
N SER E 229 13.67 -12.20 -34.29
CA SER E 229 12.39 -11.53 -33.93
C SER E 229 12.30 -11.36 -32.41
N LEU E 230 11.68 -10.28 -32.00
CA LEU E 230 11.40 -9.94 -30.59
C LEU E 230 9.87 -10.00 -30.40
N TYR E 231 9.42 -10.52 -29.28
CA TYR E 231 7.97 -10.70 -29.01
C TYR E 231 7.61 -9.88 -27.79
N VAL E 232 6.60 -9.05 -27.95
CA VAL E 232 6.03 -8.26 -26.84
C VAL E 232 4.60 -8.77 -26.66
N SER E 233 4.21 -8.83 -25.40
CA SER E 233 2.93 -9.44 -25.00
C SER E 233 2.34 -8.55 -23.92
N ALA E 234 1.02 -8.44 -23.86
CA ALA E 234 0.37 -7.59 -22.86
C ALA E 234 -1.07 -8.02 -22.61
N ALA E 235 -1.54 -7.66 -21.45
CA ALA E 235 -2.97 -7.61 -21.10
C ALA E 235 -3.17 -6.46 -20.12
N ASP E 236 -4.01 -5.50 -20.46
CA ASP E 236 -4.23 -4.31 -19.61
C ASP E 236 -5.73 -4.05 -19.49
N ILE E 237 -6.39 -4.91 -18.73
CA ILE E 237 -7.83 -4.75 -18.38
C ILE E 237 -7.87 -3.76 -17.24
N CYS E 238 -8.46 -2.60 -17.44
CA CYS E 238 -8.34 -1.51 -16.43
C CYS E 238 -9.46 -1.62 -15.42
N GLY E 239 -10.53 -2.31 -15.76
CA GLY E 239 -11.70 -2.45 -14.90
C GLY E 239 -12.97 -2.49 -15.73
N LEU E 240 -14.10 -2.29 -15.07
CA LEU E 240 -15.46 -2.35 -15.70
C LEU E 240 -16.06 -0.95 -15.82
N PHE E 241 -16.54 -0.65 -17.02
CA PHE E 241 -17.39 0.53 -17.32
C PHE E 241 -18.85 0.17 -17.05
N THR E 242 -19.57 0.97 -16.26
CA THR E 242 -21.00 0.71 -15.96
C THR E 242 -21.87 1.67 -16.81
N ASN E 243 -22.59 1.14 -17.81
CA ASN E 243 -23.54 1.93 -18.64
C ASN E 243 -24.70 2.43 -17.79
N SER E 244 -25.38 3.46 -18.30
CA SER E 244 -26.65 4.05 -17.74
C SER E 244 -27.61 2.94 -17.34
N SER E 245 -27.68 1.90 -18.17
CA SER E 245 -28.65 0.78 -18.02
C SER E 245 -28.29 -0.14 -16.84
N GLY E 246 -27.07 -0.06 -16.30
CA GLY E 246 -26.58 -1.03 -15.30
C GLY E 246 -25.64 -2.09 -15.88
N THR E 247 -25.60 -2.32 -17.20
CA THR E 247 -24.70 -3.33 -17.79
C THR E 247 -23.24 -2.88 -17.62
N GLN E 248 -22.34 -3.84 -17.65
CA GLN E 248 -20.89 -3.62 -17.44
C GLN E 248 -20.13 -4.14 -18.65
N GLN E 249 -19.04 -3.46 -18.98
CA GLN E 249 -18.12 -3.85 -20.07
C GLN E 249 -16.68 -3.64 -19.61
N TRP E 250 -15.78 -4.56 -19.94
CA TRP E 250 -14.34 -4.34 -19.72
C TRP E 250 -13.88 -3.13 -20.52
N ARG E 251 -12.93 -2.38 -19.96
CA ARG E 251 -12.21 -1.33 -20.71
C ARG E 251 -10.71 -1.64 -20.58
N GLY E 252 -10.02 -1.64 -21.70
CA GLY E 252 -8.57 -1.83 -21.80
C GLY E 252 -7.92 -0.64 -22.50
N LEU E 253 -6.62 -0.55 -22.32
CA LEU E 253 -5.75 0.50 -22.85
C LEU E 253 -4.55 -0.15 -23.50
N ALA E 254 -4.03 0.51 -24.52
CA ALA E 254 -2.83 0.10 -25.25
C ALA E 254 -1.63 0.18 -24.30
N ARG E 255 -0.62 -0.57 -24.60
CA ARG E 255 0.66 -0.54 -23.84
C ARG E 255 1.79 -0.17 -24.78
N TYR E 256 2.61 0.83 -24.39
CA TYR E 256 3.85 1.21 -25.09
C TYR E 256 5.01 0.34 -24.61
N PHE E 257 5.87 -0.08 -25.54
CA PHE E 257 7.17 -0.75 -25.26
C PHE E 257 8.29 0.04 -25.93
N LYS E 258 9.39 0.30 -25.21
CA LYS E 258 10.66 0.71 -25.84
C LYS E 258 11.75 -0.22 -25.32
N ILE E 259 12.31 -1.00 -26.22
CA ILE E 259 13.30 -2.05 -25.88
C ILE E 259 14.68 -1.66 -26.44
N ARG E 260 15.67 -1.64 -25.55
CA ARG E 260 17.08 -1.46 -25.94
C ARG E 260 17.64 -2.85 -26.24
N LEU E 261 18.27 -3.01 -27.40
CA LEU E 261 18.87 -4.27 -27.86
C LEU E 261 20.37 -4.10 -28.08
N ARG E 262 21.13 -5.14 -27.85
CA ARG E 262 22.57 -5.11 -28.25
C ARG E 262 22.88 -6.40 -28.98
N LYS E 263 24.05 -6.48 -29.62
CA LYS E 263 24.49 -7.71 -30.30
C LYS E 263 25.27 -8.60 -29.34
N ARG E 264 24.91 -9.86 -29.31
CA ARG E 264 25.53 -10.88 -28.45
C ARG E 264 26.14 -11.97 -29.32
N SER E 265 27.41 -12.33 -29.05
N SER E 265 27.42 -12.31 -29.08
CA SER E 265 28.05 -13.49 -29.71
CA SER E 265 28.07 -13.48 -29.71
C SER E 265 27.57 -14.77 -29.03
C SER E 265 27.57 -14.76 -29.04
N VAL E 266 27.29 -15.80 -29.83
CA VAL E 266 26.88 -17.14 -29.33
C VAL E 266 27.67 -18.19 -30.12
N LYS E 267 27.81 -19.40 -29.58
CA LYS E 267 28.58 -20.46 -30.29
C LYS E 267 27.62 -21.09 -31.29
N ASN E 268 28.04 -21.24 -32.55
CA ASN E 268 27.33 -22.00 -33.61
C ASN E 268 27.19 -23.46 -33.16
C1 GOL F . 4.03 11.19 -9.26
O1 GOL F . 3.44 9.95 -9.69
C2 GOL F . 3.42 11.70 -7.96
O2 GOL F . 3.99 12.95 -7.61
C3 GOL F . 1.90 11.84 -8.03
O3 GOL F . 1.28 11.49 -6.79
C1 GOL G . -19.39 24.97 -4.82
O1 GOL G . -20.31 24.06 -5.42
C2 GOL G . -20.12 26.11 -4.11
O2 GOL G . -20.97 26.77 -5.05
C3 GOL G . -20.95 25.64 -2.94
O3 GOL G . -21.75 26.70 -2.43
CL CL H . -4.48 15.51 -32.89
C1 GOL I . 4.81 12.55 7.36
O1 GOL I . 4.38 12.90 6.04
C2 GOL I . 3.72 12.75 8.40
O2 GOL I . 2.99 11.55 8.61
C3 GOL I . 4.29 13.18 9.73
O3 GOL I . 4.84 12.05 10.40
CL CL J . -2.64 37.23 4.46
C1 GOL K . 3.45 -4.21 14.25
O1 GOL K . 3.30 -5.62 14.46
C2 GOL K . 4.88 -3.81 14.59
O2 GOL K . 5.68 -4.98 14.41
C3 GOL K . 5.43 -2.67 13.74
O3 GOL K . 4.81 -1.41 14.04
C1 GOL L . -18.30 13.98 22.79
O1 GOL L . -19.19 14.14 21.70
C2 GOL L . -19.04 13.73 24.09
O2 GOL L . -19.76 14.91 24.47
C3 GOL L . -20.00 12.57 24.01
O3 GOL L . -20.54 12.26 25.29
CL CL M . -1.38 8.29 36.83
C1 GOL N . -20.46 -17.30 19.95
O1 GOL N . -20.88 -18.66 20.08
C2 GOL N . -19.52 -16.92 21.07
O2 GOL N . -20.25 -16.82 22.30
C3 GOL N . -18.77 -15.62 20.82
O3 GOL N . -19.66 -14.52 20.62
C1 GOL O . 2.09 -14.10 0.39
O1 GOL O . 1.58 -13.02 -0.40
C2 GOL O . 3.59 -14.03 0.53
O2 GOL O . 4.19 -14.81 -0.50
C3 GOL O . 4.08 -14.47 1.90
O3 GOL O . 3.89 -13.48 2.92
CL CL P . -2.51 -31.61 19.49
C1 GOL Q . 4.19 -5.73 -12.64
O1 GOL Q . 3.34 -6.59 -11.89
C2 GOL Q . 3.52 -4.45 -13.11
O2 GOL Q . 4.12 -4.01 -14.32
C3 GOL Q . 2.03 -4.56 -13.33
O3 GOL Q . 1.51 -3.35 -13.86
CL CL R . -4.51 -27.29 -24.16
#